data_8TOO
#
_entry.id   8TOO
#
_cell.length_a   53.296
_cell.length_b   63.568
_cell.length_c   199.278
_cell.angle_alpha   89.81
_cell.angle_beta   89.75
_cell.angle_gamma   88.86
#
_symmetry.space_group_name_H-M   'P 1'
#
loop_
_entity.id
_entity.type
_entity.pdbx_description
1 polymer '4C12 light chain'
2 polymer '4C12 heavy chain'
3 polymer 'Glycoprotein 42'
4 water water
#
loop_
_entity_poly.entity_id
_entity_poly.type
_entity_poly.pdbx_seq_one_letter_code
_entity_poly.pdbx_strand_id
1 'polypeptide(L)'
;DIQMTQTTSSLSASLGDRVTISCRASQDISNYLNWYQQKPDGTVKLLIYYTSRLRSGVPSRFSGSGSGTDYSLTINNLEQ
EDIATYFCQQGNTLPFTFGSGTKLEIKRTVAAPSVFIFPPSDEQLKSGTASVVCLLNNFYPREAKVQWKVDNALQSGNSQ
ESVTEQDSKDSTYSLSSTLTLSKADYEKHKVYACEVTHQGLSSPVTKSFNRGEC
;
A,C,E,F
2 'polypeptide(L)'
;EVQLQQSGPELVKPGASVKISCKASGYTFTDYNMHWVKQSHGKNLEWIGFIYLYNGGTGYNQNFKSKATLTVDNSSSTAY
MELRSLTSEDSAVFYCARDYYGNPYAMDYWGQGTSVTVSSASTKGPSVFPLAPSSKSTSGGTAALGCLVKDYFPEPVTVS
WNSGALTSGVHTFPAVLQSSGLYSLSSVVTVPSSSLGTQTYICNVNHKPSNTKVDKKVEPKSCDKGLEVLFQGP
;
B,D,G,H
3 'polypeptide(L)'
;LHTFQVPQNYTKANCTYCNTREYTFSYKGCCFYFTKKKHTWNGCFQACAELYPCTYFYGPTPDILPVVTRNLNAIESLWV
GVYRVGEGNWTSLDGGTFKVYQIFGSHCTYVSKFSTVPVSHHECSFLKPCLCVSQRSNS
;
I,J,K,L
#
# COMPACT_ATOMS: atom_id res chain seq x y z
N ASP A 1 -62.65 31.34 -22.46
CA ASP A 1 -61.37 31.36 -23.15
C ASP A 1 -60.29 32.06 -22.32
N ILE A 2 -60.55 32.24 -21.03
CA ILE A 2 -59.57 32.88 -20.14
C ILE A 2 -58.55 31.82 -19.74
N GLN A 3 -57.30 32.03 -20.18
CA GLN A 3 -56.21 31.12 -19.88
C GLN A 3 -55.38 31.66 -18.72
N MET A 4 -54.89 30.75 -17.89
CA MET A 4 -54.01 31.09 -16.76
C MET A 4 -52.62 30.55 -17.06
N THR A 5 -51.63 31.43 -17.05
CA THR A 5 -50.23 31.07 -17.29
C THR A 5 -49.44 31.30 -16.02
N GLN A 6 -48.82 30.25 -15.51
CA GLN A 6 -47.94 30.36 -14.35
C GLN A 6 -46.52 30.60 -14.85
N THR A 7 -45.88 31.64 -14.30
CA THR A 7 -44.57 32.06 -14.80
C THR A 7 -43.51 31.01 -14.57
N THR A 8 -43.62 30.23 -13.49
CA THR A 8 -42.62 29.23 -13.15
C THR A 8 -43.31 27.90 -12.88
N SER A 9 -42.56 26.82 -13.13
CA SER A 9 -43.05 25.47 -12.86
C SER A 9 -42.41 24.85 -11.64
N SER A 10 -41.20 25.27 -11.28
CA SER A 10 -40.50 24.75 -10.11
C SER A 10 -39.80 25.90 -9.39
N LEU A 11 -39.97 25.97 -8.08
CA LEU A 11 -39.34 26.99 -7.25
C LEU A 11 -38.58 26.31 -6.13
N SER A 12 -37.36 26.79 -5.88
CA SER A 12 -36.50 26.26 -4.83
C SER A 12 -36.10 27.37 -3.88
N ALA A 13 -36.26 27.13 -2.58
CA ALA A 13 -35.91 28.10 -1.57
C ALA A 13 -35.63 27.39 -0.26
N SER A 14 -34.95 28.09 0.65
CA SER A 14 -34.57 27.51 1.92
C SER A 14 -35.68 27.71 2.97
N LEU A 15 -35.49 27.07 4.12
CA LEU A 15 -36.44 27.24 5.22
C LEU A 15 -36.31 28.63 5.82
N GLY A 16 -37.46 29.24 6.09
CA GLY A 16 -37.50 30.60 6.58
C GLY A 16 -37.42 31.66 5.51
N ASP A 17 -37.33 31.25 4.24
CA ASP A 17 -37.23 32.18 3.12
C ASP A 17 -38.62 32.59 2.64
N ARG A 18 -38.64 33.40 1.58
CA ARG A 18 -39.86 33.93 0.99
C ARG A 18 -39.91 33.52 -0.48
N VAL A 19 -41.03 32.92 -0.89
CA VAL A 19 -41.22 32.52 -2.29
C VAL A 19 -42.44 33.26 -2.83
N THR A 20 -42.37 33.63 -4.11
CA THR A 20 -43.46 34.32 -4.79
C THR A 20 -43.79 33.59 -6.08
N ILE A 21 -45.02 33.11 -6.19
CA ILE A 21 -45.53 32.44 -7.38
C ILE A 21 -46.45 33.41 -8.10
N SER A 22 -46.21 33.61 -9.39
CA SER A 22 -46.98 34.56 -10.18
C SER A 22 -47.86 33.84 -11.19
N CYS A 23 -49.04 34.42 -11.43
CA CYS A 23 -50.00 33.92 -12.39
C CYS A 23 -50.48 35.09 -13.26
N ARG A 24 -50.73 34.81 -14.53
CA ARG A 24 -51.16 35.83 -15.48
C ARG A 24 -52.35 35.32 -16.26
N ALA A 25 -53.39 36.15 -16.36
CA ALA A 25 -54.59 35.80 -17.09
C ALA A 25 -54.56 36.45 -18.48
N SER A 26 -55.18 35.77 -19.44
CA SER A 26 -55.24 36.32 -20.80
C SER A 26 -56.10 37.57 -20.88
N GLN A 27 -56.95 37.82 -19.88
CA GLN A 27 -57.79 39.00 -19.85
C GLN A 27 -58.11 39.31 -18.40
N ASP A 28 -58.69 40.49 -18.17
CA ASP A 28 -59.04 40.91 -16.82
C ASP A 28 -60.05 39.95 -16.19
N ILE A 29 -59.76 39.49 -14.98
CA ILE A 29 -60.62 38.59 -14.24
C ILE A 29 -61.18 39.22 -12.98
N SER A 30 -60.98 40.52 -12.79
CA SER A 30 -61.63 41.30 -11.73
C SER A 30 -61.44 40.67 -10.35
N ASN A 31 -60.19 40.33 -10.03
CA ASN A 31 -59.78 39.82 -8.72
C ASN A 31 -60.40 38.47 -8.38
N TYR A 32 -61.08 37.83 -9.31
CA TYR A 32 -61.67 36.51 -9.06
C TYR A 32 -60.61 35.41 -9.23
N LEU A 33 -59.59 35.49 -8.38
CA LEU A 33 -58.45 34.58 -8.43
C LEU A 33 -58.29 33.87 -7.09
N ASN A 34 -58.12 32.56 -7.13
CA ASN A 34 -57.93 31.74 -5.95
C ASN A 34 -56.63 30.96 -6.07
N TRP A 35 -56.02 30.70 -4.91
CA TRP A 35 -54.78 29.94 -4.81
C TRP A 35 -55.04 28.69 -3.99
N TYR A 36 -54.72 27.54 -4.60
CA TYR A 36 -54.88 26.21 -4.00
C TYR A 36 -53.52 25.55 -3.86
N GLN A 37 -53.40 24.71 -2.83
CA GLN A 37 -52.18 23.97 -2.55
C GLN A 37 -52.47 22.48 -2.60
N GLN A 38 -51.76 21.75 -3.45
CA GLN A 38 -51.86 20.30 -3.55
C GLN A 38 -50.57 19.68 -3.05
N LYS A 39 -50.65 18.92 -1.96
CA LYS A 39 -49.49 18.26 -1.41
C LYS A 39 -49.26 16.92 -2.11
N PRO A 40 -48.06 16.34 -1.97
CA PRO A 40 -47.74 15.11 -2.71
C PRO A 40 -48.75 13.98 -2.58
N ASP A 41 -49.51 13.89 -1.49
CA ASP A 41 -50.50 12.82 -1.39
C ASP A 41 -51.78 13.11 -2.18
N GLY A 42 -51.84 14.25 -2.87
CA GLY A 42 -52.99 14.60 -3.68
C GLY A 42 -54.05 15.45 -3.00
N THR A 43 -53.92 15.71 -1.69
CA THR A 43 -54.91 16.51 -1.00
C THR A 43 -54.78 17.97 -1.42
N VAL A 44 -55.91 18.58 -1.78
CA VAL A 44 -55.96 19.97 -2.21
C VAL A 44 -56.81 20.76 -1.23
N LYS A 45 -56.31 21.91 -0.78
CA LYS A 45 -57.06 22.81 0.07
C LYS A 45 -56.85 24.23 -0.40
N LEU A 46 -57.94 25.01 -0.40
CA LEU A 46 -57.89 26.40 -0.84
C LEU A 46 -57.16 27.26 0.18
N LEU A 47 -56.09 27.92 -0.27
CA LEU A 47 -55.34 28.81 0.60
C LEU A 47 -55.90 30.22 0.59
N ILE A 48 -56.07 30.80 -0.60
CA ILE A 48 -56.50 32.20 -0.69
C ILE A 48 -57.61 32.32 -1.72
N TYR A 49 -58.62 33.13 -1.41
CA TYR A 49 -59.69 33.41 -2.35
C TYR A 49 -59.82 34.92 -2.54
N TYR A 50 -60.36 35.31 -3.69
CA TYR A 50 -60.51 36.71 -4.06
C TYR A 50 -59.20 37.47 -3.90
N THR A 51 -58.18 36.99 -4.62
CA THR A 51 -56.86 37.61 -4.70
C THR A 51 -56.10 37.59 -3.38
N SER A 52 -56.70 38.10 -2.31
CA SER A 52 -55.95 38.34 -1.07
C SER A 52 -56.61 37.81 0.19
N ARG A 53 -57.84 37.29 0.13
CA ARG A 53 -58.52 36.88 1.36
C ARG A 53 -57.97 35.53 1.80
N LEU A 54 -57.41 35.49 3.00
CA LEU A 54 -56.84 34.26 3.52
C LEU A 54 -57.96 33.41 4.10
N ARG A 55 -58.06 32.17 3.64
CA ARG A 55 -59.09 31.29 4.16
C ARG A 55 -58.82 30.96 5.62
N SER A 56 -59.89 30.98 6.43
CA SER A 56 -59.75 30.73 7.85
C SER A 56 -59.22 29.32 8.10
N GLY A 57 -58.13 29.23 8.86
CA GLY A 57 -57.44 27.98 9.12
C GLY A 57 -56.05 27.93 8.51
N VAL A 58 -55.82 28.68 7.44
CA VAL A 58 -54.52 28.74 6.77
C VAL A 58 -53.61 29.72 7.50
N PRO A 59 -52.35 29.38 7.75
CA PRO A 59 -51.45 30.31 8.45
C PRO A 59 -51.29 31.61 7.68
N SER A 60 -51.00 32.69 8.42
CA SER A 60 -50.80 34.00 7.82
C SER A 60 -49.52 34.10 6.99
N ARG A 61 -48.66 33.08 7.04
CA ARG A 61 -47.48 33.05 6.17
C ARG A 61 -47.83 33.07 4.69
N PHE A 62 -49.04 32.66 4.33
CA PHE A 62 -49.53 32.75 2.97
C PHE A 62 -50.24 34.09 2.77
N SER A 63 -49.92 34.78 1.68
CA SER A 63 -50.55 36.04 1.35
C SER A 63 -50.74 36.14 -0.15
N GLY A 64 -51.68 36.99 -0.56
CA GLY A 64 -51.97 37.16 -1.97
C GLY A 64 -52.07 38.63 -2.34
N SER A 65 -51.80 38.91 -3.61
CA SER A 65 -51.91 40.26 -4.14
C SER A 65 -52.15 40.17 -5.64
N GLY A 66 -52.57 41.28 -6.23
CA GLY A 66 -52.74 41.30 -7.67
C GLY A 66 -53.97 42.05 -8.15
N SER A 67 -54.03 42.27 -9.46
CA SER A 67 -55.16 42.96 -10.07
C SER A 67 -55.13 42.71 -11.58
N GLY A 68 -56.26 42.96 -12.22
CA GLY A 68 -56.37 42.87 -13.66
C GLY A 68 -56.04 41.49 -14.19
N THR A 69 -54.83 41.33 -14.71
CA THR A 69 -54.38 40.05 -15.23
C THR A 69 -53.23 39.45 -14.45
N ASP A 70 -52.60 40.19 -13.56
CA ASP A 70 -51.39 39.74 -12.86
C ASP A 70 -51.70 39.52 -11.39
N TYR A 71 -51.38 38.33 -10.89
CA TYR A 71 -51.64 37.97 -9.50
C TYR A 71 -50.44 37.22 -8.95
N SER A 72 -50.31 37.24 -7.62
CA SER A 72 -49.12 36.69 -6.97
C SER A 72 -49.50 36.14 -5.61
N LEU A 73 -48.92 34.98 -5.29
CA LEU A 73 -49.04 34.35 -3.98
C LEU A 73 -47.66 34.30 -3.35
N THR A 74 -47.57 34.71 -2.09
CA THR A 74 -46.30 34.81 -1.39
C THR A 74 -46.36 33.92 -0.15
N ILE A 75 -45.32 33.11 0.04
CA ILE A 75 -45.15 32.28 1.23
C ILE A 75 -43.93 32.81 1.97
N ASN A 76 -44.15 33.34 3.16
CA ASN A 76 -43.11 33.86 4.03
C ASN A 76 -42.71 32.83 5.07
N ASN A 77 -41.44 32.86 5.47
CA ASN A 77 -40.88 31.93 6.46
C ASN A 77 -41.24 30.48 6.11
N LEU A 78 -40.59 30.01 5.05
CA LEU A 78 -40.87 28.71 4.49
C LEU A 78 -40.73 27.61 5.53
N GLU A 79 -41.72 26.73 5.60
CA GLU A 79 -41.73 25.59 6.48
C GLU A 79 -41.67 24.30 5.68
N GLN A 80 -41.34 23.20 6.35
CA GLN A 80 -41.19 21.92 5.66
C GLN A 80 -42.52 21.39 5.15
N GLU A 81 -43.64 21.78 5.75
CA GLU A 81 -44.95 21.35 5.30
C GLU A 81 -45.42 22.08 4.06
N ASP A 82 -44.67 23.08 3.58
CA ASP A 82 -45.07 23.84 2.42
C ASP A 82 -44.57 23.22 1.11
N ILE A 83 -43.90 22.08 1.18
CA ILE A 83 -43.54 21.33 -0.02
C ILE A 83 -44.84 20.86 -0.66
N ALA A 84 -45.17 21.43 -1.81
CA ALA A 84 -46.43 21.14 -2.50
C ALA A 84 -46.40 21.86 -3.85
N THR A 85 -47.44 21.64 -4.64
CA THR A 85 -47.66 22.39 -5.86
C THR A 85 -48.75 23.42 -5.61
N TYR A 86 -48.60 24.59 -6.22
CA TYR A 86 -49.50 25.71 -5.99
C TYR A 86 -50.13 26.12 -7.32
N PHE A 87 -51.45 26.21 -7.32
CA PHE A 87 -52.24 26.49 -8.51
C PHE A 87 -53.04 27.77 -8.34
N CYS A 88 -53.09 28.57 -9.40
CA CYS A 88 -54.02 29.68 -9.50
C CYS A 88 -55.27 29.23 -10.24
N GLN A 89 -56.38 29.89 -9.97
CA GLN A 89 -57.65 29.54 -10.61
C GLN A 89 -58.52 30.78 -10.70
N GLN A 90 -58.95 31.09 -11.91
CA GLN A 90 -59.87 32.20 -12.10
C GLN A 90 -61.31 31.69 -12.07
N GLY A 91 -62.21 32.54 -11.57
CA GLY A 91 -63.61 32.22 -11.51
C GLY A 91 -64.45 33.32 -12.13
N ASN A 92 -63.81 34.16 -12.94
CA ASN A 92 -64.49 35.30 -13.52
C ASN A 92 -65.55 34.86 -14.54
N THR A 93 -65.19 33.95 -15.44
CA THR A 93 -66.11 33.41 -16.42
C THR A 93 -66.03 31.90 -16.44
N LEU A 94 -67.02 31.29 -17.07
CA LEU A 94 -67.03 29.84 -17.32
C LEU A 94 -66.45 29.55 -18.69
N PRO A 95 -65.62 28.51 -18.83
CA PRO A 95 -65.30 27.54 -17.77
C PRO A 95 -64.23 28.02 -16.81
N PHE A 96 -64.27 27.54 -15.57
CA PHE A 96 -63.16 27.77 -14.66
C PHE A 96 -61.89 27.20 -15.25
N THR A 97 -60.79 27.92 -15.10
CA THR A 97 -59.49 27.46 -15.58
C THR A 97 -58.46 27.59 -14.48
N PHE A 98 -57.44 26.73 -14.56
CA PHE A 98 -56.37 26.68 -13.57
C PHE A 98 -55.04 27.01 -14.24
N GLY A 99 -54.04 27.29 -13.41
CA GLY A 99 -52.69 27.45 -13.91
C GLY A 99 -51.99 26.11 -14.04
N SER A 100 -50.83 26.15 -14.69
CA SER A 100 -50.05 24.93 -14.86
C SER A 100 -49.57 24.37 -13.53
N GLY A 101 -49.35 25.24 -12.56
CA GLY A 101 -48.89 24.81 -11.25
C GLY A 101 -47.41 25.09 -11.06
N THR A 102 -47.05 25.37 -9.80
CA THR A 102 -45.66 25.61 -9.44
C THR A 102 -45.30 24.70 -8.28
N LYS A 103 -44.32 23.83 -8.48
CA LYS A 103 -43.86 22.95 -7.41
C LYS A 103 -42.83 23.67 -6.57
N LEU A 104 -43.01 23.63 -5.25
CA LEU A 104 -42.11 24.29 -4.31
C LEU A 104 -41.24 23.23 -3.66
N GLU A 105 -39.94 23.34 -3.87
CA GLU A 105 -38.95 22.42 -3.32
C GLU A 105 -38.10 23.16 -2.31
N ILE A 106 -37.72 22.49 -1.22
CA ILE A 106 -36.92 23.11 -0.18
C ILE A 106 -35.45 22.96 -0.60
N LYS A 107 -34.76 24.09 -0.66
CA LYS A 107 -33.35 24.11 -1.04
C LYS A 107 -32.50 24.03 0.21
N ARG A 108 -31.48 23.17 0.19
CA ARG A 108 -30.65 22.93 1.36
C ARG A 108 -29.22 22.70 0.91
N THR A 109 -28.35 22.43 1.89
CA THR A 109 -26.95 22.17 1.60
C THR A 109 -26.78 20.85 0.86
N VAL A 110 -25.65 20.73 0.17
CA VAL A 110 -25.36 19.55 -0.63
C VAL A 110 -25.14 18.34 0.28
N ALA A 111 -25.78 17.23 -0.06
CA ALA A 111 -25.65 15.99 0.68
C ALA A 111 -25.19 14.89 -0.26
N ALA A 112 -24.12 14.19 0.11
CA ALA A 112 -23.61 13.12 -0.72
C ALA A 112 -24.48 11.87 -0.58
N PRO A 113 -24.74 11.16 -1.66
CA PRO A 113 -25.59 9.98 -1.58
C PRO A 113 -24.88 8.79 -0.98
N SER A 114 -25.64 7.98 -0.25
CA SER A 114 -25.17 6.68 0.22
C SER A 114 -25.49 5.65 -0.85
N VAL A 115 -24.46 5.01 -1.41
CA VAL A 115 -24.63 4.13 -2.55
C VAL A 115 -24.68 2.68 -2.06
N PHE A 116 -25.72 1.97 -2.48
CA PHE A 116 -25.90 0.56 -2.17
C PHE A 116 -26.18 -0.19 -3.46
N ILE A 117 -25.79 -1.47 -3.50
CA ILE A 117 -26.06 -2.32 -4.64
C ILE A 117 -26.72 -3.60 -4.16
N PHE A 118 -27.63 -4.12 -4.97
CA PHE A 118 -28.38 -5.32 -4.65
C PHE A 118 -28.34 -6.23 -5.86
N PRO A 119 -27.73 -7.41 -5.76
CA PRO A 119 -27.78 -8.37 -6.86
C PRO A 119 -29.16 -9.00 -6.94
N PRO A 120 -29.51 -9.61 -8.06
CA PRO A 120 -30.86 -10.20 -8.17
C PRO A 120 -31.04 -11.34 -7.19
N SER A 121 -32.26 -11.49 -6.70
CA SER A 121 -32.58 -12.56 -5.76
C SER A 121 -32.65 -13.89 -6.48
N ASP A 122 -32.24 -14.95 -5.78
CA ASP A 122 -32.32 -16.29 -6.35
C ASP A 122 -33.77 -16.67 -6.66
N GLU A 123 -34.73 -16.17 -5.86
CA GLU A 123 -36.13 -16.45 -6.13
C GLU A 123 -36.58 -15.81 -7.44
N GLN A 124 -35.93 -14.72 -7.86
CA GLN A 124 -36.24 -14.11 -9.14
C GLN A 124 -35.56 -14.82 -10.29
N LEU A 125 -34.36 -15.36 -10.07
CA LEU A 125 -33.67 -16.11 -11.13
C LEU A 125 -34.41 -17.37 -11.52
N LYS A 126 -35.29 -17.89 -10.66
CA LYS A 126 -36.16 -19.02 -11.02
C LYS A 126 -37.32 -18.62 -11.92
N SER A 127 -37.23 -17.48 -12.62
CA SER A 127 -38.30 -17.01 -13.48
C SER A 127 -37.85 -16.55 -14.85
N GLY A 128 -36.55 -16.46 -15.10
CA GLY A 128 -36.04 -16.02 -16.38
C GLY A 128 -35.65 -14.57 -16.46
N THR A 129 -35.56 -13.88 -15.31
CA THR A 129 -35.22 -12.47 -15.28
C THR A 129 -34.29 -12.19 -14.11
N ALA A 130 -33.43 -11.19 -14.28
CA ALA A 130 -32.50 -10.73 -13.26
C ALA A 130 -32.59 -9.21 -13.18
N SER A 131 -32.90 -8.71 -11.99
CA SER A 131 -32.98 -7.28 -11.72
C SER A 131 -31.87 -6.91 -10.75
N VAL A 132 -30.95 -6.08 -11.19
CA VAL A 132 -29.88 -5.53 -10.35
C VAL A 132 -30.27 -4.12 -9.95
N VAL A 133 -30.18 -3.82 -8.66
CA VAL A 133 -30.67 -2.55 -8.13
C VAL A 133 -29.49 -1.74 -7.61
N CYS A 134 -29.48 -0.45 -7.94
CA CYS A 134 -28.52 0.50 -7.39
C CYS A 134 -29.31 1.59 -6.67
N LEU A 135 -29.05 1.74 -5.39
CA LEU A 135 -29.79 2.67 -4.54
C LEU A 135 -28.90 3.84 -4.13
N LEU A 136 -29.43 5.05 -4.25
CA LEU A 136 -28.77 6.27 -3.78
C LEU A 136 -29.65 6.84 -2.68
N ASN A 137 -29.21 6.70 -1.44
CA ASN A 137 -29.99 7.09 -0.27
C ASN A 137 -29.60 8.49 0.19
N ASN A 138 -30.60 9.37 0.30
CA ASN A 138 -30.50 10.66 0.95
C ASN A 138 -29.38 11.53 0.36
N PHE A 139 -29.69 12.23 -0.72
CA PHE A 139 -28.73 13.14 -1.34
C PHE A 139 -29.46 14.41 -1.76
N TYR A 140 -28.67 15.46 -1.97
CA TYR A 140 -29.17 16.73 -2.45
C TYR A 140 -28.00 17.41 -3.15
N PRO A 141 -28.20 17.98 -4.34
CA PRO A 141 -29.48 18.07 -5.05
C PRO A 141 -29.81 16.84 -5.90
N ARG A 142 -30.92 16.91 -6.65
CA ARG A 142 -31.44 15.73 -7.35
C ARG A 142 -30.58 15.31 -8.54
N GLU A 143 -29.84 16.23 -9.16
CA GLU A 143 -29.05 15.88 -10.32
C GLU A 143 -28.00 14.84 -9.97
N ALA A 144 -28.13 13.65 -10.57
CA ALA A 144 -27.17 12.57 -10.38
C ALA A 144 -27.23 11.66 -11.60
N LYS A 145 -26.06 11.18 -12.03
CA LYS A 145 -25.96 10.27 -13.17
C LYS A 145 -25.49 8.92 -12.70
N VAL A 146 -26.23 7.87 -13.02
CA VAL A 146 -25.84 6.50 -12.68
C VAL A 146 -25.62 5.73 -13.98
N GLN A 147 -24.42 5.16 -14.11
CA GLN A 147 -24.03 4.41 -15.29
C GLN A 147 -23.78 2.96 -14.91
N TRP A 148 -24.46 2.04 -15.61
CA TRP A 148 -24.31 0.62 -15.35
C TRP A 148 -23.19 0.05 -16.21
N LYS A 149 -22.40 -0.84 -15.61
CA LYS A 149 -21.24 -1.42 -16.28
C LYS A 149 -21.19 -2.91 -15.99
N VAL A 150 -21.29 -3.72 -17.05
CA VAL A 150 -21.15 -5.17 -16.95
C VAL A 150 -19.88 -5.55 -17.71
N ASP A 151 -18.91 -6.13 -16.98
CA ASP A 151 -17.60 -6.45 -17.54
C ASP A 151 -16.93 -5.21 -18.14
N ASN A 152 -17.10 -4.06 -17.47
CA ASN A 152 -16.53 -2.78 -17.85
C ASN A 152 -17.13 -2.21 -19.13
N ALA A 153 -18.29 -2.73 -19.55
CA ALA A 153 -18.99 -2.22 -20.72
C ALA A 153 -20.02 -1.16 -20.31
N LEU A 154 -19.94 0.01 -20.94
CA LEU A 154 -20.96 1.04 -20.74
C LEU A 154 -22.29 0.54 -21.26
N GLN A 155 -23.30 0.53 -20.39
CA GLN A 155 -24.62 0.00 -20.70
C GLN A 155 -25.60 1.11 -21.10
N SER A 156 -26.51 0.77 -22.01
CA SER A 156 -27.49 1.72 -22.50
C SER A 156 -28.72 0.98 -23.01
N GLY A 157 -29.90 1.53 -22.72
CA GLY A 157 -31.14 0.91 -23.15
C GLY A 157 -31.65 -0.22 -22.29
N ASN A 158 -31.21 -0.32 -21.04
CA ASN A 158 -31.70 -1.40 -20.17
C ASN A 158 -31.82 -0.99 -18.71
N SER A 159 -31.77 0.30 -18.40
CA SER A 159 -31.87 0.78 -17.02
C SER A 159 -33.09 1.68 -16.88
N GLN A 160 -33.74 1.59 -15.73
CA GLN A 160 -34.86 2.47 -15.41
C GLN A 160 -34.64 3.10 -14.05
N GLU A 161 -34.77 4.42 -13.98
CA GLU A 161 -34.54 5.16 -12.74
C GLU A 161 -35.86 5.64 -12.16
N SER A 162 -35.95 5.59 -10.83
CA SER A 162 -37.10 6.10 -10.08
C SER A 162 -36.58 6.95 -8.95
N VAL A 163 -37.15 8.14 -8.77
CA VAL A 163 -36.73 9.09 -7.76
C VAL A 163 -37.88 9.36 -6.80
N THR A 164 -37.57 9.43 -5.51
CA THR A 164 -38.57 9.75 -4.51
C THR A 164 -38.82 11.26 -4.46
N GLU A 165 -39.92 11.62 -3.81
CA GLU A 165 -40.16 13.03 -3.52
C GLU A 165 -39.29 13.47 -2.34
N GLN A 166 -39.18 14.77 -2.16
CA GLN A 166 -38.30 15.29 -1.12
C GLN A 166 -38.80 14.87 0.26
N ASP A 167 -37.87 14.38 1.08
CA ASP A 167 -38.21 13.92 2.42
C ASP A 167 -38.68 15.09 3.29
N SER A 168 -39.71 14.82 4.11
CA SER A 168 -40.28 15.83 4.98
C SER A 168 -39.53 15.98 6.30
N LYS A 169 -38.28 15.52 6.36
CA LYS A 169 -37.47 15.66 7.57
C LYS A 169 -36.05 16.13 7.32
N ASP A 170 -35.46 15.90 6.14
CA ASP A 170 -34.15 16.43 5.83
C ASP A 170 -34.04 16.91 4.39
N SER A 171 -35.14 16.91 3.62
CA SER A 171 -35.20 17.53 2.30
C SER A 171 -34.22 16.92 1.31
N THR A 172 -34.02 15.60 1.39
CA THR A 172 -33.13 14.89 0.49
C THR A 172 -33.93 14.01 -0.45
N TYR A 173 -33.23 13.48 -1.46
CA TYR A 173 -33.82 12.61 -2.46
C TYR A 173 -33.16 11.23 -2.41
N SER A 174 -33.87 10.25 -2.94
CA SER A 174 -33.37 8.89 -3.07
C SER A 174 -33.66 8.39 -4.48
N LEU A 175 -32.73 7.62 -5.03
CA LEU A 175 -32.82 7.16 -6.40
C LEU A 175 -32.67 5.65 -6.44
N SER A 176 -33.39 5.01 -7.34
CA SER A 176 -33.29 3.57 -7.56
C SER A 176 -33.14 3.32 -9.05
N SER A 177 -32.00 2.78 -9.45
CA SER A 177 -31.74 2.40 -10.84
C SER A 177 -31.81 0.89 -10.94
N THR A 178 -32.69 0.40 -11.81
CA THR A 178 -32.89 -1.04 -12.00
C THR A 178 -32.39 -1.42 -13.38
N LEU A 179 -31.42 -2.34 -13.41
CA LEU A 179 -30.91 -2.92 -14.65
C LEU A 179 -31.53 -4.31 -14.81
N THR A 180 -32.27 -4.50 -15.90
CA THR A 180 -33.05 -5.71 -16.12
C THR A 180 -32.46 -6.50 -17.28
N LEU A 181 -32.12 -7.76 -17.03
CA LEU A 181 -31.61 -8.65 -18.07
C LEU A 181 -32.29 -10.00 -17.91
N SER A 182 -32.24 -10.82 -18.96
CA SER A 182 -32.68 -12.20 -18.79
C SER A 182 -31.65 -13.00 -18.01
N LYS A 183 -32.07 -14.16 -17.50
CA LYS A 183 -31.16 -15.02 -16.72
C LYS A 183 -29.92 -15.40 -17.52
N ALA A 184 -30.06 -15.64 -18.83
CA ALA A 184 -28.91 -16.01 -19.64
C ALA A 184 -27.92 -14.85 -19.76
N ASP A 185 -28.43 -13.65 -20.06
CA ASP A 185 -27.57 -12.48 -20.12
C ASP A 185 -26.90 -12.20 -18.77
N TYR A 186 -27.60 -12.51 -17.68
CA TYR A 186 -27.02 -12.33 -16.35
C TYR A 186 -25.88 -13.32 -16.12
N GLU A 187 -26.10 -14.59 -16.47
CA GLU A 187 -25.10 -15.64 -16.29
C GLU A 187 -23.94 -15.51 -17.27
N LYS A 188 -24.08 -14.70 -18.32
CA LYS A 188 -23.01 -14.59 -19.31
C LYS A 188 -21.88 -13.67 -18.84
N HIS A 189 -22.17 -12.71 -17.98
CA HIS A 189 -21.19 -11.71 -17.55
C HIS A 189 -20.80 -11.96 -16.09
N LYS A 190 -19.75 -11.27 -15.66
CA LYS A 190 -19.20 -11.50 -14.32
C LYS A 190 -19.44 -10.30 -13.40
N VAL A 191 -18.65 -9.25 -13.54
CA VAL A 191 -18.72 -8.11 -12.65
C VAL A 191 -19.88 -7.21 -13.07
N TYR A 192 -20.66 -6.75 -12.10
CA TYR A 192 -21.78 -5.84 -12.32
C TYR A 192 -21.60 -4.64 -11.41
N ALA A 193 -21.55 -3.44 -12.00
CA ALA A 193 -21.25 -2.24 -11.23
C ALA A 193 -22.20 -1.11 -11.62
N CYS A 194 -22.46 -0.23 -10.67
CA CYS A 194 -23.12 1.05 -10.94
C CYS A 194 -22.20 2.17 -10.46
N GLU A 195 -21.93 3.12 -11.35
CA GLU A 195 -21.11 4.28 -11.06
C GLU A 195 -22.02 5.49 -10.87
N VAL A 196 -21.79 6.23 -9.79
CA VAL A 196 -22.62 7.35 -9.38
C VAL A 196 -21.81 8.63 -9.55
N THR A 197 -22.42 9.60 -10.23
CA THR A 197 -21.89 10.93 -10.47
C THR A 197 -22.81 11.94 -9.80
N HIS A 198 -22.25 12.73 -8.90
CA HIS A 198 -23.02 13.71 -8.14
C HIS A 198 -22.08 14.84 -7.78
N GLN A 199 -22.58 16.08 -7.79
CA GLN A 199 -21.71 17.20 -7.46
C GLN A 199 -21.25 17.16 -6.01
N GLY A 200 -21.95 16.40 -5.16
CA GLY A 200 -21.54 16.27 -3.77
C GLY A 200 -20.42 15.28 -3.54
N LEU A 201 -20.00 14.56 -4.58
CA LEU A 201 -18.90 13.61 -4.50
C LEU A 201 -17.78 14.13 -5.38
N SER A 202 -16.58 14.29 -4.80
CA SER A 202 -15.45 14.75 -5.59
C SER A 202 -15.04 13.72 -6.64
N SER A 203 -15.08 12.43 -6.30
CA SER A 203 -14.74 11.36 -7.20
C SER A 203 -15.97 10.50 -7.51
N PRO A 204 -16.14 10.07 -8.76
CA PRO A 204 -17.25 9.17 -9.09
C PRO A 204 -17.19 7.89 -8.26
N VAL A 205 -18.31 7.55 -7.62
CA VAL A 205 -18.34 6.43 -6.68
C VAL A 205 -18.94 5.21 -7.38
N THR A 206 -18.16 4.14 -7.51
CA THR A 206 -18.59 2.93 -8.18
C THR A 206 -18.78 1.80 -7.17
N LYS A 207 -19.96 1.19 -7.19
CA LYS A 207 -20.27 0.04 -6.33
C LYS A 207 -20.54 -1.16 -7.22
N SER A 208 -19.87 -2.28 -6.95
CA SER A 208 -19.88 -3.43 -7.84
C SER A 208 -20.06 -4.72 -7.03
N PHE A 209 -20.31 -5.81 -7.76
CA PHE A 209 -20.35 -7.14 -7.19
C PHE A 209 -19.99 -8.15 -8.28
N ASN A 210 -19.59 -9.34 -7.83
CA ASN A 210 -19.24 -10.45 -8.71
C ASN A 210 -20.29 -11.55 -8.59
N ARG A 211 -20.80 -12.01 -9.72
CA ARG A 211 -21.83 -13.05 -9.73
C ARG A 211 -21.24 -14.40 -9.32
N GLU B 1 -61.30 14.33 10.25
CA GLU B 1 -62.64 14.80 9.91
C GLU B 1 -63.15 14.12 8.64
N VAL B 2 -62.63 14.56 7.49
CA VAL B 2 -63.04 14.08 6.17
C VAL B 2 -64.49 14.47 5.94
N GLN B 3 -64.72 15.41 5.02
CA GLN B 3 -66.08 15.84 4.69
C GLN B 3 -66.50 15.54 3.26
N LEU B 4 -65.55 15.29 2.35
CA LEU B 4 -65.86 14.96 0.95
C LEU B 4 -65.13 13.66 0.61
N GLN B 5 -65.82 12.54 0.76
CA GLN B 5 -65.21 11.22 0.56
C GLN B 5 -65.43 10.76 -0.88
N GLN B 6 -64.35 10.52 -1.60
CA GLN B 6 -64.41 10.07 -2.99
C GLN B 6 -64.28 8.56 -3.08
N SER B 7 -64.70 8.03 -4.23
CA SER B 7 -64.64 6.60 -4.50
C SER B 7 -63.19 6.14 -4.68
N GLY B 8 -63.01 4.82 -4.62
CA GLY B 8 -61.69 4.23 -4.74
C GLY B 8 -61.19 4.23 -6.17
N PRO B 9 -59.96 3.75 -6.35
CA PRO B 9 -59.38 3.71 -7.70
C PRO B 9 -60.19 2.79 -8.62
N GLU B 10 -60.27 3.18 -9.89
CA GLU B 10 -61.05 2.46 -10.88
C GLU B 10 -60.18 2.17 -12.10
N LEU B 11 -60.30 0.95 -12.62
CA LEU B 11 -59.67 0.54 -13.87
C LEU B 11 -60.76 0.16 -14.86
N VAL B 12 -60.80 0.85 -16.00
CA VAL B 12 -61.87 0.69 -16.98
C VAL B 12 -61.28 0.39 -18.35
N LYS B 13 -61.96 -0.46 -19.11
CA LYS B 13 -61.52 -0.78 -20.46
C LYS B 13 -61.74 0.41 -21.39
N PRO B 14 -60.90 0.55 -22.41
CA PRO B 14 -61.05 1.67 -23.36
C PRO B 14 -62.42 1.64 -24.03
N GLY B 15 -63.05 2.82 -24.08
CA GLY B 15 -64.37 2.97 -24.66
C GLY B 15 -65.53 2.71 -23.73
N ALA B 16 -65.27 2.20 -22.52
CA ALA B 16 -66.32 1.89 -21.57
C ALA B 16 -66.68 3.16 -20.78
N SER B 17 -67.44 2.97 -19.70
CA SER B 17 -67.88 4.06 -18.85
C SER B 17 -67.46 3.79 -17.41
N VAL B 18 -67.54 4.83 -16.57
CA VAL B 18 -67.21 4.70 -15.16
C VAL B 18 -68.05 5.72 -14.39
N LYS B 19 -68.44 5.34 -13.17
CA LYS B 19 -69.23 6.19 -12.29
C LYS B 19 -68.42 6.49 -11.03
N ILE B 20 -67.92 7.71 -10.93
CA ILE B 20 -67.21 8.18 -9.73
C ILE B 20 -68.22 8.75 -8.75
N SER B 21 -68.07 8.42 -7.48
CA SER B 21 -68.95 8.88 -6.42
C SER B 21 -68.23 9.88 -5.53
N CYS B 22 -69.01 10.79 -4.94
CA CYS B 22 -68.49 11.80 -4.01
C CYS B 22 -69.53 12.00 -2.92
N LYS B 23 -69.27 11.47 -1.73
CA LYS B 23 -70.18 11.53 -0.60
C LYS B 23 -69.86 12.73 0.29
N ALA B 24 -70.91 13.39 0.75
CA ALA B 24 -70.84 14.58 1.58
C ALA B 24 -71.02 14.19 3.04
N SER B 25 -70.90 15.17 3.93
CA SER B 25 -70.89 14.87 5.35
C SER B 25 -71.33 16.03 6.24
N GLY B 26 -70.37 16.65 6.93
CA GLY B 26 -70.59 17.75 7.86
C GLY B 26 -71.31 19.02 7.43
N TYR B 27 -72.03 19.04 6.33
CA TYR B 27 -72.66 20.29 5.92
C TYR B 27 -73.97 20.03 5.18
N THR B 28 -74.84 21.05 5.24
CA THR B 28 -76.13 21.04 4.55
C THR B 28 -75.94 20.88 3.04
N PHE B 29 -76.35 19.74 2.52
CA PHE B 29 -76.02 19.37 1.15
C PHE B 29 -76.58 20.36 0.13
N THR B 30 -77.85 20.74 0.30
CA THR B 30 -78.57 21.47 -0.73
C THR B 30 -78.35 22.97 -0.69
N ASP B 31 -77.28 23.45 -0.06
CA ASP B 31 -76.97 24.87 -0.03
C ASP B 31 -75.75 25.23 -0.88
N TYR B 32 -75.12 24.26 -1.54
CA TYR B 32 -73.85 24.48 -2.21
C TYR B 32 -73.93 23.94 -3.64
N ASN B 33 -72.86 24.16 -4.40
CA ASN B 33 -72.67 23.57 -5.70
C ASN B 33 -71.47 22.63 -5.64
N MET B 34 -71.51 21.57 -6.45
CA MET B 34 -70.42 20.59 -6.50
C MET B 34 -69.72 20.71 -7.84
N HIS B 35 -68.41 20.92 -7.81
CA HIS B 35 -67.62 21.02 -9.02
C HIS B 35 -66.77 19.77 -9.18
N TRP B 36 -66.51 19.42 -10.43
CA TRP B 36 -65.69 18.28 -10.78
C TRP B 36 -64.58 18.77 -11.69
N VAL B 37 -63.34 18.44 -11.33
CA VAL B 37 -62.15 18.85 -12.07
C VAL B 37 -61.30 17.62 -12.35
N LYS B 38 -60.57 17.67 -13.46
CA LYS B 38 -59.73 16.58 -13.92
C LYS B 38 -58.27 17.00 -13.83
N GLN B 39 -57.44 16.14 -13.24
CA GLN B 39 -56.00 16.35 -13.15
C GLN B 39 -55.34 15.23 -13.96
N SER B 40 -54.83 15.57 -15.13
CA SER B 40 -54.15 14.63 -15.99
C SER B 40 -52.65 14.82 -15.87
N HIS B 41 -51.91 13.82 -16.35
CA HIS B 41 -50.45 13.77 -16.21
C HIS B 41 -50.16 13.80 -14.71
N GLY B 42 -49.52 14.83 -14.18
CA GLY B 42 -49.24 14.89 -12.76
C GLY B 42 -49.57 16.22 -12.13
N LYS B 43 -50.03 17.19 -12.93
CA LYS B 43 -50.26 18.53 -12.42
C LYS B 43 -51.50 19.20 -13.04
N ASN B 44 -51.51 19.31 -14.36
CA ASN B 44 -52.51 20.10 -15.08
C ASN B 44 -53.93 19.76 -14.65
N LEU B 45 -54.63 20.79 -14.16
CA LEU B 45 -56.02 20.68 -13.72
C LEU B 45 -56.95 21.21 -14.81
N GLU B 46 -58.12 20.59 -14.94
CA GLU B 46 -59.12 21.00 -15.93
C GLU B 46 -60.50 20.94 -15.29
N TRP B 47 -61.17 22.08 -15.22
CA TRP B 47 -62.51 22.16 -14.65
C TRP B 47 -63.49 21.45 -15.57
N ILE B 48 -64.03 20.32 -15.12
CA ILE B 48 -65.00 19.58 -15.93
C ILE B 48 -66.35 20.27 -15.89
N GLY B 49 -66.87 20.51 -14.70
CA GLY B 49 -68.18 21.13 -14.61
C GLY B 49 -68.66 21.27 -13.19
N PHE B 50 -69.94 21.59 -13.07
CA PHE B 50 -70.56 21.81 -11.76
C PHE B 50 -72.02 21.38 -11.81
N ILE B 51 -72.57 21.16 -10.62
CA ILE B 51 -73.96 20.77 -10.46
C ILE B 51 -74.54 21.48 -9.24
N TYR B 52 -75.77 21.99 -9.39
CA TYR B 52 -76.52 22.53 -8.27
C TYR B 52 -77.04 21.39 -7.41
N LEU B 53 -76.59 21.33 -6.16
CA LEU B 53 -76.97 20.26 -5.26
C LEU B 53 -78.45 20.31 -4.87
N TYR B 54 -79.13 21.42 -5.16
CA TYR B 54 -80.54 21.55 -4.80
C TYR B 54 -81.46 20.92 -5.85
N ASN B 55 -81.47 21.50 -7.05
CA ASN B 55 -82.39 21.06 -8.10
C ASN B 55 -81.77 20.08 -9.08
N GLY B 56 -80.45 19.91 -9.05
CA GLY B 56 -79.78 19.04 -10.01
C GLY B 56 -79.36 19.70 -11.30
N GLY B 57 -79.52 21.03 -11.41
CA GLY B 57 -79.06 21.70 -12.61
C GLY B 57 -77.56 21.60 -12.75
N THR B 58 -77.11 21.49 -14.00
CA THR B 58 -75.71 21.23 -14.29
C THR B 58 -75.15 22.28 -15.26
N GLY B 59 -73.83 22.37 -15.27
CA GLY B 59 -73.11 23.19 -16.22
C GLY B 59 -71.79 22.51 -16.55
N TYR B 60 -71.39 22.53 -17.82
CA TYR B 60 -70.25 21.75 -18.28
C TYR B 60 -69.27 22.61 -19.05
N ASN B 61 -68.01 22.23 -18.98
CA ASN B 61 -67.00 22.70 -19.92
C ASN B 61 -67.28 22.07 -21.28
N GLN B 62 -67.13 22.88 -22.35
CA GLN B 62 -67.48 22.41 -23.69
C GLN B 62 -66.58 21.28 -24.18
N ASN B 63 -65.42 21.09 -23.57
CA ASN B 63 -64.55 19.96 -23.89
C ASN B 63 -64.89 18.71 -23.09
N PHE B 64 -65.97 18.73 -22.32
CA PHE B 64 -66.37 17.59 -21.50
C PHE B 64 -67.85 17.26 -21.61
N LYS B 65 -68.59 17.97 -22.46
CA LYS B 65 -70.05 17.78 -22.53
C LYS B 65 -70.40 16.38 -23.01
N SER B 66 -69.72 15.92 -24.07
CA SER B 66 -69.95 14.57 -24.59
C SER B 66 -69.07 13.52 -23.90
N LYS B 67 -68.74 13.73 -22.63
CA LYS B 67 -68.04 12.71 -21.86
C LYS B 67 -68.54 12.61 -20.43
N ALA B 68 -68.86 13.76 -19.82
CA ALA B 68 -69.22 13.79 -18.41
C ALA B 68 -70.71 14.02 -18.24
N THR B 69 -71.28 13.37 -17.22
CA THR B 69 -72.67 13.58 -16.83
C THR B 69 -72.72 13.63 -15.32
N LEU B 70 -73.23 14.75 -14.79
CA LEU B 70 -73.28 14.97 -13.35
C LEU B 70 -74.68 14.68 -12.83
N THR B 71 -74.76 13.92 -11.74
CA THR B 71 -76.03 13.60 -11.10
C THR B 71 -75.86 13.78 -9.59
N VAL B 72 -76.99 13.88 -8.90
CA VAL B 72 -76.98 14.08 -7.46
C VAL B 72 -78.08 13.24 -6.83
N ASP B 73 -77.75 12.59 -5.72
CA ASP B 73 -78.69 11.89 -4.87
C ASP B 73 -78.81 12.73 -3.61
N ASN B 74 -79.96 13.38 -3.44
CA ASN B 74 -80.17 14.29 -2.33
C ASN B 74 -80.33 13.55 -1.01
N SER B 75 -81.01 12.40 -1.03
CA SER B 75 -81.31 11.70 0.21
C SER B 75 -80.09 11.02 0.81
N SER B 76 -79.15 10.59 -0.02
CA SER B 76 -77.92 9.97 0.45
C SER B 76 -76.75 10.95 0.53
N SER B 77 -76.97 12.20 0.11
CA SER B 77 -75.93 13.23 0.06
C SER B 77 -74.73 12.80 -0.78
N THR B 78 -75.01 12.46 -2.04
CA THR B 78 -73.97 11.98 -2.94
C THR B 78 -74.03 12.72 -4.27
N ALA B 79 -72.86 12.92 -4.87
CA ALA B 79 -72.74 13.47 -6.21
C ALA B 79 -72.02 12.44 -7.08
N TYR B 80 -72.61 12.13 -8.23
CA TYR B 80 -72.07 11.12 -9.13
C TYR B 80 -71.61 11.77 -10.42
N MET B 81 -70.53 11.24 -10.99
CA MET B 81 -70.02 11.67 -12.28
C MET B 81 -69.84 10.45 -13.17
N GLU B 82 -70.56 10.42 -14.29
CA GLU B 82 -70.47 9.33 -15.24
C GLU B 82 -69.64 9.78 -16.44
N LEU B 83 -68.54 9.07 -16.69
CA LEU B 83 -67.69 9.29 -17.86
C LEU B 83 -67.92 8.16 -18.85
N ARG B 84 -68.06 8.51 -20.13
CA ARG B 84 -68.33 7.52 -21.17
C ARG B 84 -67.34 7.65 -22.31
N SER B 85 -67.17 6.54 -23.03
CA SER B 85 -66.27 6.45 -24.19
C SER B 85 -64.83 6.84 -23.81
N LEU B 86 -64.33 6.25 -22.73
CA LEU B 86 -63.03 6.61 -22.20
C LEU B 86 -61.90 6.09 -23.08
N THR B 87 -60.97 6.98 -23.44
CA THR B 87 -59.76 6.64 -24.15
C THR B 87 -58.57 6.72 -23.20
N SER B 88 -57.41 6.28 -23.71
CA SER B 88 -56.19 6.23 -22.89
C SER B 88 -55.74 7.61 -22.43
N GLU B 89 -56.37 8.68 -22.93
CA GLU B 89 -56.08 10.04 -22.48
C GLU B 89 -56.85 10.42 -21.22
N ASP B 90 -57.88 9.65 -20.86
CA ASP B 90 -58.69 9.94 -19.69
C ASP B 90 -58.15 9.31 -18.41
N SER B 91 -56.99 8.66 -18.47
CA SER B 91 -56.34 8.13 -17.27
C SER B 91 -55.86 9.32 -16.43
N ALA B 92 -56.59 9.64 -15.37
CA ALA B 92 -56.33 10.86 -14.63
C ALA B 92 -56.97 10.75 -13.25
N VAL B 93 -56.74 11.75 -12.41
CA VAL B 93 -57.34 11.82 -11.09
C VAL B 93 -58.46 12.86 -11.12
N PHE B 94 -59.66 12.43 -10.76
CA PHE B 94 -60.82 13.30 -10.78
C PHE B 94 -61.16 13.73 -9.36
N TYR B 95 -61.32 15.04 -9.17
CA TYR B 95 -61.64 15.64 -7.89
C TYR B 95 -63.06 16.19 -7.90
N CYS B 96 -63.78 15.98 -6.81
CA CYS B 96 -64.98 16.72 -6.50
C CYS B 96 -64.66 17.79 -5.46
N ALA B 97 -65.38 18.91 -5.53
CA ALA B 97 -65.08 20.05 -4.68
C ALA B 97 -66.36 20.80 -4.33
N ARG B 98 -66.54 21.02 -3.03
CA ARG B 98 -67.59 21.91 -2.55
C ARG B 98 -67.08 23.34 -2.57
N ASP B 99 -67.85 24.23 -3.18
CA ASP B 99 -67.47 25.62 -3.34
C ASP B 99 -67.63 26.38 -2.02
N TYR B 100 -67.03 27.56 -1.99
CA TYR B 100 -67.12 28.43 -0.82
C TYR B 100 -68.50 29.05 -0.74
N TYR B 101 -69.17 28.89 0.39
CA TYR B 101 -70.48 29.51 0.59
C TYR B 101 -70.33 31.03 0.58
N GLY B 102 -71.13 31.68 -0.27
CA GLY B 102 -71.01 33.12 -0.45
C GLY B 102 -69.90 33.53 -1.39
N ASN B 103 -69.09 32.59 -1.87
CA ASN B 103 -68.04 32.87 -2.85
C ASN B 103 -67.97 31.70 -3.83
N PRO B 104 -68.98 31.57 -4.70
CA PRO B 104 -69.03 30.38 -5.58
C PRO B 104 -67.94 30.36 -6.64
N TYR B 105 -67.15 31.43 -6.77
CA TYR B 105 -66.01 31.42 -7.67
C TYR B 105 -64.84 30.60 -7.14
N ALA B 106 -64.88 30.20 -5.86
CA ALA B 106 -63.83 29.42 -5.24
C ALA B 106 -64.40 28.11 -4.71
N MET B 107 -63.53 27.09 -4.61
CA MET B 107 -63.90 25.78 -4.09
C MET B 107 -63.14 25.56 -2.80
N ASP B 108 -63.86 25.58 -1.67
CA ASP B 108 -63.20 25.59 -0.37
C ASP B 108 -62.94 24.21 0.20
N TYR B 109 -63.60 23.16 -0.28
CA TYR B 109 -63.30 21.81 0.18
C TYR B 109 -63.14 20.88 -1.02
N TRP B 110 -62.13 20.02 -0.96
CA TRP B 110 -61.82 19.12 -2.05
C TRP B 110 -61.84 17.68 -1.58
N GLY B 111 -62.17 16.77 -2.49
CA GLY B 111 -62.04 15.36 -2.22
C GLY B 111 -60.60 14.89 -2.30
N GLN B 112 -60.37 13.66 -1.84
CA GLN B 112 -59.03 13.10 -1.89
C GLN B 112 -58.59 12.77 -3.30
N GLY B 113 -59.52 12.69 -4.24
CA GLY B 113 -59.21 12.33 -5.61
C GLY B 113 -59.49 10.88 -5.92
N THR B 114 -60.02 10.61 -7.12
CA THR B 114 -60.28 9.25 -7.58
C THR B 114 -59.45 9.01 -8.83
N SER B 115 -58.56 8.02 -8.76
CA SER B 115 -57.70 7.70 -9.89
C SER B 115 -58.43 6.76 -10.84
N VAL B 116 -58.49 7.14 -12.12
CA VAL B 116 -59.13 6.37 -13.16
C VAL B 116 -58.07 5.99 -14.18
N THR B 117 -57.82 4.69 -14.32
CA THR B 117 -56.89 4.16 -15.30
C THR B 117 -57.68 3.53 -16.44
N VAL B 118 -57.28 3.85 -17.67
CA VAL B 118 -57.91 3.30 -18.87
C VAL B 118 -56.85 2.50 -19.61
N SER B 119 -57.05 1.19 -19.70
CA SER B 119 -56.09 0.33 -20.38
C SER B 119 -56.76 -1.00 -20.68
N SER B 120 -56.28 -1.66 -21.74
CA SER B 120 -56.76 -2.98 -22.11
C SER B 120 -56.08 -4.10 -21.34
N ALA B 121 -55.00 -3.81 -20.62
CA ALA B 121 -54.28 -4.84 -19.89
C ALA B 121 -55.14 -5.42 -18.78
N SER B 122 -54.85 -6.67 -18.44
CA SER B 122 -55.61 -7.38 -17.42
C SER B 122 -54.98 -7.15 -16.05
N THR B 123 -55.83 -7.16 -15.02
CA THR B 123 -55.35 -7.05 -13.65
C THR B 123 -54.43 -8.23 -13.34
N LYS B 124 -53.26 -7.94 -12.78
CA LYS B 124 -52.29 -8.96 -12.44
C LYS B 124 -51.63 -8.63 -11.11
N GLY B 125 -51.60 -9.61 -10.21
CA GLY B 125 -50.98 -9.44 -8.92
C GLY B 125 -49.47 -9.41 -9.02
N PRO B 126 -48.81 -8.78 -8.06
CA PRO B 126 -47.36 -8.63 -8.12
C PRO B 126 -46.61 -9.82 -7.54
N SER B 127 -45.34 -9.91 -7.92
CA SER B 127 -44.38 -10.81 -7.31
C SER B 127 -43.46 -10.00 -6.41
N VAL B 128 -43.26 -10.48 -5.19
CA VAL B 128 -42.45 -9.78 -4.19
C VAL B 128 -41.14 -10.52 -4.05
N PHE B 129 -40.05 -9.88 -4.44
CA PHE B 129 -38.72 -10.46 -4.31
C PHE B 129 -37.93 -9.74 -3.23
N PRO B 130 -37.28 -10.46 -2.32
CA PRO B 130 -36.49 -9.77 -1.30
C PRO B 130 -35.22 -9.18 -1.88
N LEU B 131 -34.81 -8.04 -1.33
CA LEU B 131 -33.54 -7.39 -1.64
C LEU B 131 -32.71 -7.55 -0.38
N ALA B 132 -31.73 -8.44 -0.45
CA ALA B 132 -30.93 -8.86 0.70
C ALA B 132 -29.90 -7.78 1.06
N PRO B 133 -29.57 -7.67 2.35
CA PRO B 133 -28.58 -6.67 2.79
C PRO B 133 -27.20 -6.80 2.14
N SER B 134 -26.33 -7.64 2.71
CA SER B 134 -25.00 -7.89 2.18
C SER B 134 -24.09 -6.67 2.33
N SER B 135 -22.82 -6.87 2.68
CA SER B 135 -21.98 -5.71 2.98
C SER B 135 -21.66 -4.91 1.72
N LYS B 136 -22.12 -5.39 0.56
CA LYS B 136 -22.08 -4.57 -0.64
C LYS B 136 -22.98 -3.36 -0.46
N SER B 137 -24.08 -3.53 0.28
CA SER B 137 -24.95 -2.42 0.62
C SER B 137 -24.26 -1.59 1.70
N THR B 138 -24.16 -2.16 2.90
CA THR B 138 -23.54 -1.58 4.09
C THR B 138 -22.48 -0.52 3.80
N SER B 139 -22.83 0.75 4.02
CA SER B 139 -21.91 1.86 3.83
C SER B 139 -21.97 2.72 5.08
N GLY B 140 -20.88 2.73 5.85
CA GLY B 140 -20.79 3.62 6.99
C GLY B 140 -21.65 3.21 8.17
N GLY B 141 -21.66 1.91 8.50
CA GLY B 141 -22.53 1.42 9.55
C GLY B 141 -23.97 1.25 9.11
N THR B 142 -24.34 1.89 8.01
CA THR B 142 -25.69 1.83 7.49
C THR B 142 -25.78 0.73 6.44
N ALA B 143 -26.76 -0.16 6.60
CA ALA B 143 -27.02 -1.23 5.65
C ALA B 143 -28.44 -1.12 5.13
N ALA B 144 -28.62 -1.33 3.84
CA ALA B 144 -29.92 -1.21 3.19
C ALA B 144 -30.46 -2.58 2.84
N LEU B 145 -31.77 -2.75 2.99
CA LEU B 145 -32.49 -3.93 2.53
C LEU B 145 -33.79 -3.47 1.93
N GLY B 146 -34.53 -4.40 1.32
CA GLY B 146 -35.79 -3.95 0.73
C GLY B 146 -36.59 -5.07 0.11
N CYS B 147 -37.59 -4.65 -0.66
CA CYS B 147 -38.50 -5.53 -1.37
C CYS B 147 -38.78 -4.95 -2.73
N LEU B 148 -38.62 -5.77 -3.77
CA LEU B 148 -38.96 -5.40 -5.13
C LEU B 148 -40.34 -5.96 -5.46
N VAL B 149 -41.28 -5.07 -5.73
CA VAL B 149 -42.65 -5.44 -6.10
C VAL B 149 -42.73 -5.32 -7.62
N LYS B 150 -42.71 -6.46 -8.29
CA LYS B 150 -42.48 -6.54 -9.72
C LYS B 150 -43.67 -7.17 -10.43
N ASP B 151 -43.93 -6.72 -11.66
CA ASP B 151 -44.96 -7.29 -12.53
C ASP B 151 -46.34 -7.21 -11.89
N TYR B 152 -46.94 -6.01 -11.90
CA TYR B 152 -48.32 -5.85 -11.44
C TYR B 152 -49.02 -4.79 -12.26
N PHE B 153 -50.35 -4.90 -12.32
CA PHE B 153 -51.20 -3.94 -12.99
C PHE B 153 -52.60 -4.07 -12.41
N PRO B 154 -53.30 -2.97 -12.14
CA PRO B 154 -52.78 -1.61 -12.33
C PRO B 154 -52.20 -1.01 -11.05
N GLU B 155 -52.04 0.30 -11.03
CA GLU B 155 -51.65 1.02 -9.83
C GLU B 155 -52.85 1.19 -8.90
N PRO B 156 -52.62 1.31 -7.59
CA PRO B 156 -51.33 1.37 -6.90
C PRO B 156 -50.97 0.10 -6.14
N VAL B 157 -49.85 0.13 -5.44
CA VAL B 157 -49.44 -0.92 -4.52
C VAL B 157 -49.01 -0.25 -3.23
N THR B 158 -49.60 -0.70 -2.11
CA THR B 158 -49.30 -0.13 -0.80
C THR B 158 -48.24 -1.00 -0.14
N VAL B 159 -47.09 -0.40 0.20
CA VAL B 159 -46.00 -1.11 0.83
C VAL B 159 -45.77 -0.52 2.21
N SER B 160 -45.83 -1.35 3.23
CA SER B 160 -45.46 -0.99 4.59
C SER B 160 -44.35 -1.92 5.05
N TRP B 161 -43.78 -1.61 6.22
CA TRP B 161 -42.72 -2.42 6.80
C TRP B 161 -43.12 -2.76 8.22
N ASN B 162 -43.22 -4.06 8.51
CA ASN B 162 -43.77 -4.56 9.77
C ASN B 162 -45.14 -3.97 10.05
N SER B 163 -45.89 -3.69 8.98
CA SER B 163 -47.25 -3.17 9.05
C SER B 163 -47.33 -1.92 9.93
N GLY B 164 -46.46 -0.95 9.64
CA GLY B 164 -46.50 0.35 10.28
C GLY B 164 -45.53 0.57 11.43
N ALA B 165 -44.74 -0.44 11.81
CA ALA B 165 -43.84 -0.36 12.94
C ALA B 165 -42.51 0.33 12.64
N LEU B 166 -42.21 0.66 11.38
CA LEU B 166 -40.91 1.20 11.02
C LEU B 166 -41.08 2.63 10.56
N THR B 167 -41.19 2.89 9.25
CA THR B 167 -41.41 4.20 8.62
C THR B 167 -40.23 5.18 8.67
N SER B 168 -39.15 4.86 9.40
CA SER B 168 -37.98 5.72 9.41
C SER B 168 -36.94 5.13 8.45
N GLY B 169 -36.47 5.95 7.51
CA GLY B 169 -35.55 5.45 6.51
C GLY B 169 -36.22 4.71 5.37
N VAL B 170 -37.54 4.51 5.44
CA VAL B 170 -38.29 3.78 4.42
C VAL B 170 -38.45 4.68 3.20
N HIS B 171 -37.97 4.20 2.05
CA HIS B 171 -38.15 4.89 0.77
C HIS B 171 -38.90 3.96 -0.16
N THR B 172 -40.15 4.31 -0.46
CA THR B 172 -40.97 3.57 -1.42
C THR B 172 -41.01 4.38 -2.71
N PHE B 173 -40.42 3.83 -3.76
CA PHE B 173 -40.24 4.57 -5.00
C PHE B 173 -41.50 4.48 -5.87
N PRO B 174 -41.72 5.47 -6.74
CA PRO B 174 -42.83 5.38 -7.69
C PRO B 174 -42.66 4.18 -8.60
N ALA B 175 -43.79 3.68 -9.09
CA ALA B 175 -43.76 2.51 -9.96
C ALA B 175 -43.10 2.84 -11.29
N VAL B 176 -42.51 1.82 -11.89
CA VAL B 176 -41.83 1.96 -13.17
C VAL B 176 -42.44 0.96 -14.14
N LEU B 177 -42.70 1.40 -15.37
CA LEU B 177 -43.26 0.53 -16.40
C LEU B 177 -42.15 -0.15 -17.19
N GLN B 178 -42.09 -1.47 -17.11
CA GLN B 178 -41.08 -2.25 -17.82
C GLN B 178 -41.54 -2.65 -19.20
N SER B 179 -40.67 -3.40 -19.89
CA SER B 179 -40.99 -3.96 -21.20
C SER B 179 -41.97 -5.11 -21.08
N SER B 180 -42.15 -5.66 -19.88
CA SER B 180 -43.14 -6.71 -19.66
C SER B 180 -44.56 -6.19 -19.82
N GLY B 181 -44.75 -4.87 -19.73
CA GLY B 181 -46.05 -4.27 -19.77
C GLY B 181 -46.69 -4.04 -18.42
N LEU B 182 -45.98 -4.33 -17.33
CA LEU B 182 -46.49 -4.20 -15.98
C LEU B 182 -45.61 -3.27 -15.16
N TYR B 183 -46.07 -2.96 -13.96
CA TYR B 183 -45.41 -2.00 -13.09
C TYR B 183 -44.47 -2.69 -12.12
N SER B 184 -43.52 -1.91 -11.60
CA SER B 184 -42.55 -2.40 -10.63
C SER B 184 -42.06 -1.23 -9.78
N LEU B 185 -41.94 -1.48 -8.48
CA LEU B 185 -41.37 -0.50 -7.56
C LEU B 185 -40.44 -1.21 -6.59
N SER B 186 -39.73 -0.42 -5.79
CA SER B 186 -38.83 -0.93 -4.77
C SER B 186 -39.07 -0.16 -3.47
N SER B 187 -39.21 -0.90 -2.38
CA SER B 187 -39.34 -0.32 -1.05
C SER B 187 -38.10 -0.66 -0.26
N VAL B 188 -37.33 0.36 0.13
CA VAL B 188 -36.03 0.18 0.77
C VAL B 188 -36.06 0.75 2.18
N VAL B 189 -35.29 0.12 3.08
CA VAL B 189 -35.07 0.61 4.42
C VAL B 189 -33.59 0.55 4.73
N THR B 190 -33.05 1.64 5.27
CA THR B 190 -31.68 1.69 5.78
C THR B 190 -31.71 1.56 7.29
N VAL B 191 -30.82 0.73 7.84
CA VAL B 191 -30.78 0.44 9.27
C VAL B 191 -29.33 0.36 9.72
N PRO B 192 -29.05 0.38 11.02
CA PRO B 192 -27.69 0.03 11.47
C PRO B 192 -27.39 -1.44 11.21
N SER B 193 -26.19 -1.70 10.65
CA SER B 193 -25.71 -3.05 10.34
C SER B 193 -25.71 -3.91 11.60
N SER B 194 -25.46 -3.27 12.75
CA SER B 194 -25.29 -4.04 13.97
C SER B 194 -26.56 -4.75 14.34
N SER B 195 -27.70 -4.22 13.92
CA SER B 195 -28.99 -4.88 14.14
C SER B 195 -29.41 -5.57 12.84
N LEU B 196 -28.63 -6.58 12.48
CA LEU B 196 -28.95 -7.48 11.38
C LEU B 196 -29.10 -8.88 11.95
N GLY B 197 -30.33 -9.40 11.90
CA GLY B 197 -30.64 -10.65 12.54
C GLY B 197 -31.16 -10.48 13.95
N THR B 198 -30.89 -9.33 14.57
CA THR B 198 -31.42 -8.99 15.89
C THR B 198 -32.84 -8.47 15.78
N GLN B 199 -33.22 -7.88 14.65
CA GLN B 199 -34.55 -7.36 14.43
C GLN B 199 -35.11 -7.92 13.13
N THR B 200 -36.42 -8.11 13.10
CA THR B 200 -37.12 -8.69 11.95
C THR B 200 -37.72 -7.58 11.11
N TYR B 201 -37.42 -7.60 9.81
CA TYR B 201 -37.92 -6.62 8.86
C TYR B 201 -38.84 -7.34 7.87
N ILE B 202 -40.15 -7.17 8.05
CA ILE B 202 -41.15 -7.79 7.20
C ILE B 202 -41.81 -6.69 6.37
N CYS B 203 -41.77 -6.84 5.05
CA CYS B 203 -42.44 -5.91 4.15
C CYS B 203 -43.79 -6.46 3.75
N ASN B 204 -44.81 -5.59 3.81
CA ASN B 204 -46.18 -5.96 3.50
C ASN B 204 -46.63 -5.23 2.25
N VAL B 205 -46.98 -5.99 1.22
CA VAL B 205 -47.42 -5.48 -0.07
C VAL B 205 -48.91 -5.75 -0.20
N ASN B 206 -49.67 -4.72 -0.59
CA ASN B 206 -51.10 -4.80 -0.75
C ASN B 206 -51.43 -4.32 -2.17
N HIS B 207 -51.96 -5.21 -3.00
CA HIS B 207 -52.47 -4.80 -4.33
C HIS B 207 -53.96 -5.14 -4.33
N LYS B 208 -54.81 -4.20 -3.91
CA LYS B 208 -56.27 -4.44 -3.82
C LYS B 208 -56.89 -4.74 -5.19
N PRO B 209 -56.50 -4.14 -6.33
CA PRO B 209 -57.10 -4.54 -7.62
C PRO B 209 -57.08 -6.06 -7.88
N SER B 210 -56.18 -6.81 -7.23
CA SER B 210 -56.03 -8.27 -7.45
C SER B 210 -56.23 -9.04 -6.15
N ASN B 211 -56.71 -8.41 -5.09
CA ASN B 211 -56.89 -9.05 -3.79
C ASN B 211 -55.64 -9.81 -3.36
N THR B 212 -54.51 -9.11 -3.37
CA THR B 212 -53.20 -9.69 -3.09
C THR B 212 -52.60 -9.03 -1.85
N LYS B 213 -52.27 -9.84 -0.84
CA LYS B 213 -51.59 -9.36 0.36
C LYS B 213 -50.40 -10.28 0.61
N VAL B 214 -49.19 -9.75 0.50
CA VAL B 214 -47.97 -10.54 0.61
C VAL B 214 -47.12 -9.97 1.75
N ASP B 215 -46.83 -10.82 2.74
CA ASP B 215 -45.94 -10.47 3.84
C ASP B 215 -44.64 -11.24 3.64
N LYS B 216 -43.59 -10.53 3.23
CA LYS B 216 -42.31 -11.15 2.90
C LYS B 216 -41.24 -10.71 3.90
N LYS B 217 -40.51 -11.67 4.43
CA LYS B 217 -39.41 -11.42 5.35
C LYS B 217 -38.11 -11.26 4.57
N VAL B 218 -37.37 -10.20 4.85
CA VAL B 218 -36.10 -9.94 4.18
C VAL B 218 -35.00 -10.55 5.04
N GLU B 219 -34.34 -11.57 4.51
CA GLU B 219 -33.29 -12.31 5.18
C GLU B 219 -32.15 -12.59 4.21
N PRO B 220 -30.91 -12.65 4.69
CA PRO B 220 -29.73 -12.93 3.86
C PRO B 220 -29.83 -14.25 3.11
N ASP C 1 38.15 -28.80 27.42
CA ASP C 1 38.62 -28.08 26.24
C ASP C 1 39.22 -29.04 25.22
N ILE C 2 38.60 -29.13 24.04
CA ILE C 2 39.11 -29.98 22.98
C ILE C 2 40.25 -29.25 22.28
N GLN C 3 41.47 -29.79 22.40
CA GLN C 3 42.65 -29.20 21.78
C GLN C 3 42.98 -29.92 20.48
N MET C 4 43.50 -29.16 19.52
CA MET C 4 43.91 -29.68 18.22
C MET C 4 45.43 -29.59 18.13
N THR C 5 46.07 -30.72 17.87
CA THR C 5 47.52 -30.78 17.68
C THR C 5 47.81 -31.20 16.25
N GLN C 6 48.50 -30.34 15.51
CA GLN C 6 48.93 -30.67 14.16
C GLN C 6 50.34 -31.25 14.22
N THR C 7 50.51 -32.40 13.56
CA THR C 7 51.76 -33.15 13.68
C THR C 7 52.95 -32.40 13.10
N THR C 8 52.73 -31.58 12.09
CA THR C 8 53.82 -30.87 11.43
C THR C 8 53.51 -29.38 11.32
N SER C 9 54.56 -28.57 11.31
CA SER C 9 54.45 -27.13 11.15
C SER C 9 54.88 -26.64 9.77
N SER C 10 55.79 -27.35 9.12
CA SER C 10 56.28 -26.98 7.79
C SER C 10 56.44 -28.25 6.96
N LEU C 11 55.91 -28.21 5.73
CA LEU C 11 56.00 -29.34 4.81
C LEU C 11 56.59 -28.85 3.49
N SER C 12 57.50 -29.65 2.93
CA SER C 12 58.14 -29.36 1.66
C SER C 12 57.91 -30.50 0.69
N ALA C 13 57.48 -30.17 -0.53
CA ALA C 13 57.22 -31.16 -1.56
C ALA C 13 57.35 -30.51 -2.92
N SER C 14 57.51 -31.35 -3.94
CA SER C 14 57.69 -30.87 -5.30
C SER C 14 56.34 -30.63 -5.98
N LEU C 15 56.40 -30.04 -7.17
CA LEU C 15 55.18 -29.84 -7.95
C LEU C 15 54.66 -31.17 -8.47
N GLY C 16 53.35 -31.37 -8.36
CA GLY C 16 52.75 -32.63 -8.73
C GLY C 16 52.82 -33.70 -7.67
N ASP C 17 53.37 -33.41 -6.51
CA ASP C 17 53.52 -34.38 -5.44
C ASP C 17 52.25 -34.43 -4.59
N ARG C 18 52.29 -35.28 -3.57
CA ARG C 18 51.17 -35.48 -2.65
C ARG C 18 51.64 -35.15 -1.24
N VAL C 19 50.90 -34.29 -0.55
CA VAL C 19 51.22 -33.91 0.82
C VAL C 19 50.08 -34.32 1.74
N THR C 20 50.43 -34.73 2.95
CA THR C 20 49.47 -35.16 3.95
C THR C 20 49.71 -34.41 5.24
N ILE C 21 48.71 -33.65 5.68
CA ILE C 21 48.74 -32.92 6.95
C ILE C 21 47.82 -33.63 7.93
N SER C 22 48.33 -33.92 9.11
CA SER C 22 47.58 -34.67 10.12
C SER C 22 47.22 -33.76 11.30
N CYS C 23 46.05 -34.03 11.88
CA CYS C 23 45.54 -33.34 13.04
C CYS C 23 45.02 -34.37 14.04
N ARG C 24 45.20 -34.07 15.34
CA ARG C 24 44.77 -34.98 16.39
C ARG C 24 44.03 -34.19 17.46
N ALA C 25 42.87 -34.71 17.87
CA ALA C 25 42.04 -34.10 18.90
C ALA C 25 42.27 -34.79 20.23
N SER C 26 42.11 -34.04 21.32
CA SER C 26 42.28 -34.61 22.65
C SER C 26 41.17 -35.61 22.99
N GLN C 27 40.07 -35.59 22.26
CA GLN C 27 38.97 -36.53 22.47
C GLN C 27 38.21 -36.67 21.17
N ASP C 28 37.31 -37.64 21.13
CA ASP C 28 36.50 -37.86 19.94
C ASP C 28 35.65 -36.64 19.62
N ILE C 29 35.71 -36.19 18.37
CA ILE C 29 34.94 -35.06 17.89
C ILE C 29 33.92 -35.45 16.83
N SER C 30 33.69 -36.75 16.64
CA SER C 30 32.59 -37.27 15.82
C SER C 30 32.57 -36.65 14.42
N ASN C 31 33.72 -36.67 13.77
CA ASN C 31 33.90 -36.23 12.39
C ASN C 31 33.62 -34.75 12.18
N TYR C 32 33.43 -33.99 13.26
CA TYR C 32 33.19 -32.54 13.14
C TYR C 32 34.51 -31.80 12.99
N LEU C 33 35.20 -32.07 11.89
CA LEU C 33 36.50 -31.47 11.60
C LEU C 33 36.47 -30.80 10.24
N ASN C 34 36.98 -29.58 10.18
CA ASN C 34 37.07 -28.81 8.95
C ASN C 34 38.51 -28.40 8.69
N TRP C 35 38.85 -28.28 7.41
CA TRP C 35 40.18 -27.90 6.95
C TRP C 35 40.08 -26.59 6.18
N TYR C 36 40.87 -25.60 6.60
CA TYR C 36 40.94 -24.28 6.02
C TYR C 36 42.35 -24.02 5.48
N GLN C 37 42.41 -23.20 4.43
CA GLN C 37 43.66 -22.80 3.80
C GLN C 37 43.81 -21.29 3.89
N GLN C 38 44.91 -20.83 4.47
CA GLN C 38 45.23 -19.41 4.56
C GLN C 38 46.42 -19.12 3.64
N LYS C 39 46.20 -18.27 2.65
CA LYS C 39 47.25 -17.89 1.71
C LYS C 39 48.10 -16.76 2.30
N PRO C 40 49.31 -16.55 1.76
CA PRO C 40 50.20 -15.53 2.34
C PRO C 40 49.57 -14.15 2.50
N ASP C 41 48.60 -13.78 1.66
CA ASP C 41 47.96 -12.49 1.80
C ASP C 41 46.91 -12.45 2.91
N GLY C 42 46.72 -13.54 3.63
CA GLY C 42 45.77 -13.61 4.72
C GLY C 42 44.39 -14.13 4.37
N THR C 43 44.14 -14.43 3.10
CA THR C 43 42.84 -14.93 2.70
C THR C 43 42.61 -16.35 3.22
N VAL C 44 41.47 -16.57 3.85
CA VAL C 44 41.11 -17.86 4.43
C VAL C 44 39.89 -18.38 3.69
N LYS C 45 39.94 -19.65 3.27
CA LYS C 45 38.81 -20.31 2.64
C LYS C 45 38.67 -21.72 3.17
N LEU C 46 37.43 -22.13 3.42
CA LEU C 46 37.16 -23.48 3.90
C LEU C 46 37.35 -24.47 2.76
N LEU C 47 38.27 -25.42 2.95
CA LEU C 47 38.51 -26.43 1.93
C LEU C 47 37.63 -27.65 2.12
N ILE C 48 37.61 -28.21 3.33
CA ILE C 48 36.86 -29.44 3.58
C ILE C 48 36.08 -29.30 4.87
N TYR C 49 34.84 -29.80 4.87
CA TYR C 49 34.04 -29.81 6.08
C TYR C 49 33.56 -31.23 6.36
N TYR C 50 33.29 -31.50 7.64
CA TYR C 50 32.87 -32.83 8.09
C TYR C 50 33.82 -33.92 7.59
N THR C 51 35.09 -33.76 7.99
CA THR C 51 36.16 -34.72 7.72
C THR C 51 36.50 -34.85 6.24
N SER C 52 35.51 -35.13 5.39
CA SER C 52 35.80 -35.50 4.01
C SER C 52 34.98 -34.78 2.95
N ARG C 53 34.00 -33.95 3.33
CA ARG C 53 33.12 -33.34 2.34
C ARG C 53 33.85 -32.16 1.70
N LEU C 54 34.03 -32.23 0.38
CA LEU C 54 34.72 -31.19 -0.36
C LEU C 54 33.77 -30.04 -0.65
N ARG C 55 34.16 -28.83 -0.26
CA ARG C 55 33.33 -27.66 -0.50
C ARG C 55 33.26 -27.36 -2.00
N SER C 56 32.09 -26.93 -2.44
CA SER C 56 31.90 -26.63 -3.86
C SER C 56 32.79 -25.48 -4.31
N GLY C 57 33.60 -25.73 -5.36
CA GLY C 57 34.49 -24.74 -5.93
C GLY C 57 35.97 -25.04 -5.76
N VAL C 58 36.36 -25.73 -4.69
CA VAL C 58 37.78 -26.06 -4.48
C VAL C 58 38.08 -27.34 -5.26
N PRO C 59 39.22 -27.41 -5.96
CA PRO C 59 39.52 -28.59 -6.78
C PRO C 59 39.53 -29.89 -5.99
N SER C 60 39.23 -30.98 -6.70
CA SER C 60 39.18 -32.32 -6.12
C SER C 60 40.54 -32.84 -5.70
N ARG C 61 41.63 -32.12 -6.01
CA ARG C 61 42.95 -32.52 -5.51
C ARG C 61 43.01 -32.51 -3.99
N PHE C 62 42.12 -31.77 -3.33
CA PHE C 62 42.03 -31.79 -1.87
C PHE C 62 41.08 -32.89 -1.44
N SER C 63 41.50 -33.67 -0.44
CA SER C 63 40.68 -34.75 0.09
C SER C 63 40.88 -34.83 1.59
N GLY C 64 39.92 -35.42 2.27
CA GLY C 64 39.96 -35.55 3.71
C GLY C 64 39.61 -36.94 4.16
N SER C 65 40.11 -37.30 5.34
CA SER C 65 39.82 -38.59 5.94
C SER C 65 40.00 -38.48 7.44
N GLY C 66 39.48 -39.46 8.16
CA GLY C 66 39.68 -39.48 9.60
C GLY C 66 38.47 -39.89 10.41
N SER C 67 38.71 -40.15 11.69
CA SER C 67 37.66 -40.56 12.62
C SER C 67 38.18 -40.41 14.04
N GLY C 68 37.25 -40.39 14.99
CA GLY C 68 37.59 -40.36 16.39
C GLY C 68 38.39 -39.14 16.76
N THR C 69 39.72 -39.32 16.91
CA THR C 69 40.61 -38.22 17.24
C THR C 69 41.61 -37.90 16.14
N ASP C 70 41.74 -38.75 15.13
CA ASP C 70 42.78 -38.60 14.12
C ASP C 70 42.15 -38.22 12.78
N TYR C 71 42.64 -37.14 12.18
CA TYR C 71 42.11 -36.67 10.91
C TYR C 71 43.27 -36.24 10.02
N SER C 72 43.02 -36.25 8.72
CA SER C 72 44.09 -36.06 7.75
C SER C 72 43.55 -35.36 6.51
N LEU C 73 44.34 -34.41 6.00
CA LEU C 73 44.04 -33.70 4.77
C LEU C 73 45.14 -34.01 3.74
N THR C 74 44.73 -34.34 2.53
CA THR C 74 45.64 -34.77 1.48
C THR C 74 45.50 -33.84 0.28
N ILE C 75 46.64 -33.38 -0.24
CA ILE C 75 46.70 -32.57 -1.45
C ILE C 75 47.44 -33.37 -2.52
N ASN C 76 46.73 -33.67 -3.61
CA ASN C 76 47.27 -34.39 -4.76
C ASN C 76 47.72 -33.43 -5.85
N ASN C 77 48.75 -33.85 -6.59
CA ASN C 77 49.29 -33.09 -7.71
C ASN C 77 49.49 -31.63 -7.33
N LEU C 78 50.50 -31.43 -6.48
CA LEU C 78 50.75 -30.13 -5.88
C LEU C 78 50.93 -29.07 -6.96
N GLU C 79 50.24 -27.95 -6.77
CA GLU C 79 50.31 -26.81 -7.67
C GLU C 79 50.95 -25.63 -6.95
N GLN C 80 51.40 -24.66 -7.74
CA GLN C 80 52.09 -23.51 -7.16
C GLN C 80 51.15 -22.62 -6.36
N GLU C 81 49.85 -22.67 -6.64
CA GLU C 81 48.87 -21.89 -5.90
C GLU C 81 48.57 -22.48 -4.53
N ASP C 82 49.12 -23.65 -4.21
CA ASP C 82 48.87 -24.32 -2.95
C ASP C 82 49.85 -23.91 -1.86
N ILE C 83 50.77 -23.00 -2.15
CA ILE C 83 51.64 -22.44 -1.12
C ILE C 83 50.75 -21.68 -0.16
N ALA C 84 50.61 -22.21 1.06
CA ALA C 84 49.71 -21.63 2.06
C ALA C 84 49.93 -22.38 3.37
N THR C 85 49.24 -21.94 4.40
CA THR C 85 49.17 -22.65 5.67
C THR C 85 47.83 -23.33 5.77
N TYR C 86 47.81 -24.52 6.37
CA TYR C 86 46.60 -25.33 6.44
C TYR C 86 46.27 -25.60 7.89
N PHE C 87 45.02 -25.33 8.26
CA PHE C 87 44.55 -25.43 9.63
C PHE C 87 43.41 -26.43 9.72
N CYS C 88 43.42 -27.21 10.80
CA CYS C 88 42.28 -28.03 11.19
C CYS C 88 41.46 -27.27 12.23
N GLN C 89 40.17 -27.58 12.31
CA GLN C 89 39.29 -26.92 13.27
C GLN C 89 38.18 -27.88 13.63
N GLN C 90 38.01 -28.12 14.93
CA GLN C 90 36.92 -28.95 15.41
C GLN C 90 35.72 -28.09 15.76
N GLY C 91 34.53 -28.66 15.56
CA GLY C 91 33.30 -27.98 15.89
C GLY C 91 32.40 -28.82 16.76
N ASN C 92 32.96 -29.83 17.40
CA ASN C 92 32.17 -30.76 18.21
C ASN C 92 31.62 -30.08 19.46
N THR C 93 32.47 -29.35 20.18
CA THR C 93 32.04 -28.62 21.36
C THR C 93 32.56 -27.19 21.30
N LEU C 94 31.98 -26.35 22.15
CA LEU C 94 32.44 -24.98 22.32
C LEU C 94 33.45 -24.90 23.47
N PRO C 95 34.53 -24.12 23.32
CA PRO C 95 34.78 -23.23 22.17
C PRO C 95 35.35 -23.95 20.97
N PHE C 96 35.10 -23.41 19.78
CA PHE C 96 35.80 -23.90 18.59
C PHE C 96 37.30 -23.73 18.79
N THR C 97 38.06 -24.73 18.36
CA THR C 97 39.50 -24.65 18.45
C THR C 97 40.12 -25.00 17.11
N PHE C 98 41.32 -24.47 16.88
CA PHE C 98 42.05 -24.67 15.63
C PHE C 98 43.37 -25.36 15.92
N GLY C 99 43.99 -25.85 14.86
CA GLY C 99 45.34 -26.38 14.96
C GLY C 99 46.38 -25.28 14.83
N SER C 100 47.62 -25.64 15.13
CA SER C 100 48.71 -24.67 15.02
C SER C 100 48.93 -24.24 13.57
N GLY C 101 48.62 -25.11 12.62
CA GLY C 101 48.81 -24.80 11.21
C GLY C 101 50.05 -25.47 10.65
N THR C 102 49.98 -25.81 9.37
CA THR C 102 51.11 -26.42 8.67
C THR C 102 51.38 -25.62 7.40
N LYS C 103 52.60 -25.08 7.30
CA LYS C 103 52.99 -24.33 6.11
C LYS C 103 53.47 -25.28 5.03
N LEU C 104 52.97 -25.10 3.80
CA LEU C 104 53.34 -25.94 2.67
C LEU C 104 54.29 -25.15 1.80
N GLU C 105 55.52 -25.64 1.65
CA GLU C 105 56.54 -25.03 0.82
C GLU C 105 56.84 -25.95 -0.36
N ILE C 106 57.10 -25.36 -1.51
CA ILE C 106 57.40 -26.13 -2.72
C ILE C 106 58.90 -26.42 -2.76
N LYS C 107 59.24 -27.69 -2.90
CA LYS C 107 60.64 -28.11 -3.00
C LYS C 107 61.06 -28.11 -4.45
N ARG C 108 62.24 -27.54 -4.72
CA ARG C 108 62.75 -27.42 -6.08
C ARG C 108 64.26 -27.63 -6.06
N THR C 109 64.86 -27.52 -7.24
CA THR C 109 66.30 -27.68 -7.36
C THR C 109 67.03 -26.50 -6.70
N VAL C 110 68.28 -26.74 -6.34
CA VAL C 110 69.07 -25.72 -5.65
C VAL C 110 69.39 -24.60 -6.62
N ALA C 111 69.18 -23.35 -6.18
CA ALA C 111 69.45 -22.17 -6.98
C ALA C 111 70.41 -21.27 -6.23
N ALA C 112 71.50 -20.87 -6.89
CA ALA C 112 72.48 -19.99 -6.26
C ALA C 112 71.97 -18.56 -6.23
N PRO C 113 72.22 -17.84 -5.13
CA PRO C 113 71.72 -16.47 -5.02
C PRO C 113 72.54 -15.49 -5.84
N SER C 114 71.86 -14.47 -6.35
CA SER C 114 72.52 -13.33 -6.98
C SER C 114 72.80 -12.28 -5.91
N VAL C 115 74.07 -11.96 -5.69
CA VAL C 115 74.48 -11.10 -4.59
C VAL C 115 74.72 -9.69 -5.11
N PHE C 116 74.08 -8.71 -4.48
CA PHE C 116 74.26 -7.30 -4.79
C PHE C 116 74.52 -6.53 -3.52
N ILE C 117 75.25 -5.42 -3.64
CA ILE C 117 75.51 -4.55 -2.50
C ILE C 117 75.12 -3.12 -2.86
N PHE C 118 74.63 -2.40 -1.85
CA PHE C 118 74.16 -1.03 -1.99
C PHE C 118 74.79 -0.19 -0.88
N PRO C 119 75.61 0.79 -1.21
CA PRO C 119 76.16 1.69 -0.18
C PRO C 119 75.11 2.65 0.31
N PRO C 120 75.31 3.29 1.47
CA PRO C 120 74.31 4.20 2.00
C PRO C 120 74.11 5.42 1.10
N SER C 121 72.89 5.95 1.12
CA SER C 121 72.56 7.12 0.32
C SER C 121 73.18 8.38 0.90
N ASP C 122 73.56 9.30 0.01
CA ASP C 122 74.03 10.60 0.46
C ASP C 122 72.93 11.37 1.18
N GLU C 123 71.69 11.21 0.72
CA GLU C 123 70.56 11.85 1.39
C GLU C 123 70.34 11.26 2.78
N GLN C 124 70.71 10.00 2.98
CA GLN C 124 70.62 9.38 4.30
C GLN C 124 71.83 9.74 5.15
N LEU C 125 73.02 9.85 4.53
CA LEU C 125 74.19 10.29 5.27
C LEU C 125 74.06 11.74 5.72
N LYS C 126 73.22 12.53 5.05
CA LYS C 126 72.89 13.87 5.51
C LYS C 126 71.88 13.86 6.66
N SER C 127 71.74 12.74 7.36
CA SER C 127 70.80 12.60 8.46
C SER C 127 71.40 11.96 9.71
N GLY C 128 72.62 11.45 9.66
CA GLY C 128 73.26 10.85 10.81
C GLY C 128 73.24 9.34 10.90
N THR C 129 72.84 8.64 9.83
CA THR C 129 72.80 7.19 9.82
C THR C 129 73.25 6.68 8.46
N ALA C 130 73.85 5.49 8.44
CA ALA C 130 74.28 4.84 7.21
C ALA C 130 73.78 3.40 7.22
N SER C 131 73.00 3.04 6.22
CA SER C 131 72.50 1.68 6.06
C SER C 131 73.07 1.12 4.77
N VAL C 132 73.91 0.08 4.89
CA VAL C 132 74.45 -0.62 3.74
C VAL C 132 73.67 -1.92 3.57
N VAL C 133 73.24 -2.20 2.34
CA VAL C 133 72.31 -3.29 2.07
C VAL C 133 72.99 -4.36 1.23
N CYS C 134 72.76 -5.62 1.58
CA CYS C 134 73.20 -6.77 0.80
C CYS C 134 71.97 -7.55 0.39
N LEU C 135 71.77 -7.71 -0.92
CA LEU C 135 70.59 -8.36 -1.46
C LEU C 135 70.97 -9.70 -2.05
N LEU C 136 70.19 -10.73 -1.75
CA LEU C 136 70.33 -12.07 -2.30
C LEU C 136 69.07 -12.36 -3.10
N ASN C 137 69.20 -12.33 -4.42
CA ASN C 137 68.06 -12.48 -5.32
C ASN C 137 67.93 -13.93 -5.76
N ASN C 138 66.74 -14.50 -5.54
CA ASN C 138 66.32 -15.77 -6.11
C ASN C 138 67.27 -16.93 -5.79
N PHE C 139 67.10 -17.54 -4.63
CA PHE C 139 67.89 -18.69 -4.24
C PHE C 139 67.00 -19.74 -3.58
N TYR C 140 67.51 -20.97 -3.55
CA TYR C 140 66.85 -22.09 -2.90
C TYR C 140 67.96 -23.06 -2.52
N PRO C 141 67.95 -23.60 -1.28
CA PRO C 141 66.93 -23.34 -0.26
C PRO C 141 67.18 -22.07 0.54
N ARG C 142 66.34 -21.83 1.56
CA ARG C 142 66.37 -20.57 2.30
C ARG C 142 67.60 -20.44 3.18
N GLU C 143 68.20 -21.55 3.61
CA GLU C 143 69.38 -21.48 4.48
C GLU C 143 70.52 -20.76 3.78
N ALA C 144 70.91 -19.62 4.34
CA ALA C 144 72.01 -18.83 3.80
C ALA C 144 72.64 -18.03 4.94
N LYS C 145 73.96 -17.86 4.87
CA LYS C 145 74.69 -17.09 5.87
C LYS C 145 75.23 -15.81 5.25
N VAL C 146 74.90 -14.67 5.85
CA VAL C 146 75.43 -13.38 5.44
C VAL C 146 76.23 -12.80 6.60
N GLN C 147 77.51 -12.56 6.36
CA GLN C 147 78.41 -12.02 7.37
C GLN C 147 78.94 -10.67 6.92
N TRP C 148 78.78 -9.66 7.78
CA TRP C 148 79.24 -8.31 7.47
C TRP C 148 80.67 -8.10 7.94
N LYS C 149 81.47 -7.40 7.14
CA LYS C 149 82.89 -7.20 7.42
C LYS C 149 83.27 -5.76 7.10
N VAL C 150 83.72 -5.03 8.11
CA VAL C 150 84.24 -3.68 7.97
C VAL C 150 85.73 -3.71 8.30
N ASP C 151 86.57 -3.44 7.32
CA ASP C 151 88.03 -3.55 7.46
C ASP C 151 88.41 -4.94 7.97
N ASN C 152 87.69 -5.95 7.49
CA ASN C 152 87.86 -7.36 7.85
C ASN C 152 87.50 -7.66 9.30
N ALA C 153 86.74 -6.76 9.95
CA ALA C 153 86.28 -7.00 11.31
C ALA C 153 84.93 -7.70 11.28
N LEU C 154 84.86 -8.86 11.92
CA LEU C 154 83.61 -9.60 12.03
C LEU C 154 82.59 -8.79 12.82
N GLN C 155 81.44 -8.52 12.20
CA GLN C 155 80.39 -7.72 12.81
C GLN C 155 79.33 -8.60 13.44
N SER C 156 78.77 -8.13 14.55
CA SER C 156 77.74 -8.86 15.27
C SER C 156 76.93 -7.86 16.07
N GLY C 157 75.61 -8.05 16.09
CA GLY C 157 74.74 -7.14 16.81
C GLY C 157 74.43 -5.85 16.09
N ASN C 158 74.59 -5.80 14.77
CA ASN C 158 74.30 -4.57 14.05
C ASN C 158 73.73 -4.83 12.66
N SER C 159 73.32 -6.06 12.35
CA SER C 159 72.73 -6.40 11.06
C SER C 159 71.33 -6.97 11.29
N GLN C 160 70.41 -6.66 10.39
CA GLN C 160 69.07 -7.20 10.43
C GLN C 160 68.70 -7.78 9.06
N GLU C 161 68.20 -9.02 9.06
CA GLU C 161 67.84 -9.73 7.85
C GLU C 161 66.33 -9.80 7.68
N SER C 162 65.88 -9.69 6.43
CA SER C 162 64.48 -9.87 6.07
C SER C 162 64.42 -10.80 4.85
N VAL C 163 63.55 -11.81 4.91
CA VAL C 163 63.44 -12.79 3.84
C VAL C 163 62.03 -12.74 3.28
N THR C 164 61.93 -12.87 1.96
CA THR C 164 60.63 -12.91 1.31
C THR C 164 60.02 -14.31 1.43
N GLU C 165 58.73 -14.38 1.16
CA GLU C 165 58.05 -15.67 1.05
C GLU C 165 58.39 -16.29 -0.31
N GLN C 166 58.08 -17.58 -0.44
CA GLN C 166 58.43 -18.30 -1.66
C GLN C 166 57.70 -17.72 -2.87
N ASP C 167 58.46 -17.49 -3.95
CA ASP C 167 57.89 -16.93 -5.17
C ASP C 167 56.92 -17.92 -5.79
N SER C 168 55.81 -17.39 -6.31
CA SER C 168 54.79 -18.19 -6.96
C SER C 168 55.08 -18.41 -8.45
N LYS C 169 56.34 -18.25 -8.87
CA LYS C 169 56.68 -18.45 -10.27
C LYS C 169 57.94 -19.31 -10.43
N ASP C 170 58.83 -19.29 -9.44
CA ASP C 170 60.01 -20.15 -9.48
C ASP C 170 60.36 -20.73 -8.11
N SER C 171 59.55 -20.48 -7.08
CA SER C 171 59.68 -21.13 -5.77
C SER C 171 61.02 -20.81 -5.12
N THR C 172 61.51 -19.59 -5.31
CA THR C 172 62.77 -19.15 -4.73
C THR C 172 62.50 -18.11 -3.64
N TYR C 173 63.56 -17.80 -2.89
CA TYR C 173 63.53 -16.82 -1.81
C TYR C 173 64.47 -15.67 -2.13
N SER C 174 64.23 -14.54 -1.46
CA SER C 174 65.05 -13.35 -1.58
C SER C 174 65.38 -12.84 -0.19
N LEU C 175 66.60 -12.33 -0.03
CA LEU C 175 67.13 -11.92 1.26
C LEU C 175 67.60 -10.47 1.19
N SER C 176 67.37 -9.73 2.28
CA SER C 176 67.86 -8.36 2.40
C SER C 176 68.52 -8.23 3.77
N SER C 177 69.82 -7.98 3.78
CA SER C 177 70.58 -7.75 5.00
C SER C 177 70.92 -6.27 5.09
N THR C 178 70.49 -5.63 6.17
CA THR C 178 70.75 -4.21 6.38
C THR C 178 71.71 -4.06 7.55
N LEU C 179 72.86 -3.46 7.29
CA LEU C 179 73.83 -3.11 8.32
C LEU C 179 73.69 -1.62 8.58
N THR C 180 73.31 -1.25 9.80
CA THR C 180 73.00 0.12 10.17
C THR C 180 74.04 0.61 11.16
N LEU C 181 74.70 1.73 10.81
CA LEU C 181 75.75 2.33 11.63
C LEU C 181 75.52 3.82 11.74
N SER C 182 76.20 4.44 12.71
CA SER C 182 76.19 5.88 12.78
C SER C 182 77.01 6.47 11.64
N LYS C 183 76.73 7.74 11.32
CA LYS C 183 77.45 8.40 10.24
C LYS C 183 78.95 8.48 10.53
N ALA C 184 79.31 8.79 11.77
CA ALA C 184 80.73 8.88 12.12
C ALA C 184 81.41 7.52 12.08
N ASP C 185 80.76 6.50 12.67
CA ASP C 185 81.31 5.15 12.60
C ASP C 185 81.42 4.67 11.16
N TYR C 186 80.49 5.09 10.30
CA TYR C 186 80.58 4.75 8.89
C TYR C 186 81.77 5.44 8.24
N GLU C 187 81.97 6.72 8.55
CA GLU C 187 83.08 7.48 7.98
C GLU C 187 84.43 7.05 8.54
N LYS C 188 84.45 6.27 9.62
CA LYS C 188 85.72 5.85 10.21
C LYS C 188 86.37 4.68 9.46
N HIS C 189 85.58 3.84 8.80
CA HIS C 189 86.09 2.62 8.16
C HIS C 189 86.11 2.76 6.65
N LYS C 190 86.75 1.79 6.00
CA LYS C 190 86.97 1.83 4.56
C LYS C 190 86.14 0.79 3.80
N VAL C 191 86.58 -0.47 3.82
CA VAL C 191 85.93 -1.51 3.03
C VAL C 191 84.68 -2.00 3.76
N TYR C 192 83.61 -2.19 3.01
CA TYR C 192 82.36 -2.74 3.54
C TYR C 192 81.99 -3.94 2.69
N ALA C 193 81.87 -5.11 3.30
CA ALA C 193 81.66 -6.34 2.56
C ALA C 193 80.59 -7.20 3.22
N CYS C 194 79.87 -7.95 2.39
CA CYS C 194 78.98 -9.01 2.86
C CYS C 194 79.41 -10.32 2.21
N GLU C 195 79.64 -11.33 3.04
CA GLU C 195 80.02 -12.67 2.61
C GLU C 195 78.81 -13.58 2.71
N VAL C 196 78.49 -14.26 1.61
CA VAL C 196 77.32 -15.13 1.54
C VAL C 196 77.77 -16.57 1.35
N THR C 197 77.27 -17.46 2.20
CA THR C 197 77.49 -18.89 2.06
C THR C 197 76.14 -19.55 1.86
N HIS C 198 76.04 -20.34 0.80
CA HIS C 198 74.80 -21.00 0.42
C HIS C 198 75.16 -22.32 -0.23
N GLN C 199 74.27 -23.31 -0.06
CA GLN C 199 74.55 -24.65 -0.57
C GLN C 199 74.74 -24.66 -2.08
N GLY C 200 74.22 -23.66 -2.79
CA GLY C 200 74.41 -23.56 -4.23
C GLY C 200 75.72 -22.95 -4.66
N LEU C 201 76.53 -22.46 -3.73
CA LEU C 201 77.84 -21.88 -4.04
C LEU C 201 78.91 -22.75 -3.42
N SER C 202 79.86 -23.22 -4.24
CA SER C 202 80.97 -24.01 -3.72
C SER C 202 81.85 -23.20 -2.78
N SER C 203 82.14 -21.95 -3.16
CA SER C 203 82.93 -21.04 -2.37
C SER C 203 82.08 -19.87 -1.89
N PRO C 204 82.27 -19.42 -0.65
CA PRO C 204 81.54 -18.24 -0.17
C PRO C 204 81.79 -17.03 -1.06
N VAL C 205 80.71 -16.38 -1.48
CA VAL C 205 80.77 -15.27 -2.43
C VAL C 205 80.75 -13.98 -1.63
N THR C 206 81.80 -13.16 -1.79
CA THR C 206 81.95 -11.92 -1.05
C THR C 206 81.74 -10.75 -1.99
N LYS C 207 80.83 -9.85 -1.63
CA LYS C 207 80.61 -8.62 -2.39
C LYS C 207 80.94 -7.44 -1.49
N SER C 208 81.82 -6.56 -1.97
CA SER C 208 82.36 -5.50 -1.15
C SER C 208 82.38 -4.19 -1.94
N PHE C 209 82.66 -3.10 -1.22
CA PHE C 209 82.89 -1.81 -1.86
C PHE C 209 83.79 -0.97 -0.96
N ASN C 210 84.42 0.02 -1.59
CA ASN C 210 85.30 0.96 -0.92
C ASN C 210 84.65 2.34 -0.89
N ARG C 211 84.58 2.94 0.28
CA ARG C 211 83.96 4.24 0.45
C ARG C 211 84.80 5.35 -0.20
N GLU D 1 37.59 -7.52 -1.99
CA GLU D 1 36.17 -7.60 -2.36
C GLU D 1 35.43 -8.63 -1.52
N VAL D 2 35.19 -9.80 -2.12
CA VAL D 2 34.46 -10.91 -1.49
C VAL D 2 33.07 -10.46 -1.05
N GLN D 3 32.50 -11.18 -0.08
CA GLN D 3 31.21 -10.83 0.50
C GLN D 3 31.30 -10.44 1.96
N LEU D 4 32.50 -10.46 2.56
CA LEU D 4 32.71 -10.09 3.95
C LEU D 4 33.79 -9.01 4.01
N GLN D 5 33.38 -7.75 4.00
CA GLN D 5 34.30 -6.63 3.97
C GLN D 5 34.59 -6.17 5.40
N GLN D 6 35.85 -6.27 5.81
CA GLN D 6 36.27 -5.84 7.13
C GLN D 6 36.89 -4.45 7.07
N SER D 7 36.92 -3.79 8.23
CA SER D 7 37.49 -2.46 8.32
C SER D 7 39.01 -2.51 8.15
N GLY D 8 39.60 -1.33 7.92
CA GLY D 8 41.01 -1.23 7.67
C GLY D 8 41.82 -1.43 8.94
N PRO D 9 43.14 -1.38 8.79
CA PRO D 9 44.03 -1.57 9.96
C PRO D 9 43.80 -0.50 11.02
N GLU D 10 43.94 -0.91 12.28
CA GLU D 10 43.70 -0.03 13.40
C GLU D 10 44.90 -0.04 14.33
N LEU D 11 45.27 1.14 14.82
CA LEU D 11 46.30 1.32 15.83
C LEU D 11 45.66 1.93 17.06
N VAL D 12 45.76 1.23 18.19
CA VAL D 12 45.08 1.63 19.42
C VAL D 12 46.10 1.71 20.55
N LYS D 13 45.92 2.69 21.43
CA LYS D 13 46.79 2.83 22.58
C LYS D 13 46.53 1.71 23.58
N PRO D 14 47.54 1.29 24.33
CA PRO D 14 47.35 0.23 25.33
C PRO D 14 46.28 0.61 26.36
N GLY D 15 45.39 -0.34 26.62
CA GLY D 15 44.31 -0.13 27.56
C GLY D 15 43.04 0.46 26.97
N ALA D 16 43.08 0.92 25.72
CA ALA D 16 41.92 1.51 25.09
C ALA D 16 41.04 0.41 24.48
N SER D 17 40.08 0.82 23.66
CA SER D 17 39.15 -0.10 23.01
C SER D 17 39.19 0.13 21.50
N VAL D 18 38.63 -0.81 20.76
CA VAL D 18 38.54 -0.70 19.31
C VAL D 18 37.28 -1.44 18.85
N LYS D 19 36.66 -0.91 17.80
CA LYS D 19 35.44 -1.48 17.23
C LYS D 19 35.74 -1.89 15.78
N ILE D 20 35.88 -3.20 15.56
CA ILE D 20 36.06 -3.77 14.24
C ILE D 20 34.70 -4.02 13.61
N SER D 21 34.58 -3.69 12.33
CA SER D 21 33.34 -3.89 11.58
C SER D 21 33.52 -5.01 10.56
N CYS D 22 32.41 -5.69 10.25
CA CYS D 22 32.39 -6.73 9.23
C CYS D 22 31.04 -6.62 8.52
N LYS D 23 31.06 -6.06 7.32
CA LYS D 23 29.85 -5.85 6.53
C LYS D 23 29.67 -6.98 5.54
N ALA D 24 28.47 -7.52 5.47
CA ALA D 24 28.16 -8.60 4.55
C ALA D 24 27.33 -8.09 3.38
N SER D 25 27.30 -8.90 2.32
CA SER D 25 26.59 -8.56 1.10
C SER D 25 26.44 -9.83 0.27
N GLY D 26 25.31 -9.94 -0.42
CA GLY D 26 25.06 -11.10 -1.25
C GLY D 26 24.37 -12.27 -0.60
N TYR D 27 23.86 -12.12 0.63
CA TYR D 27 23.16 -13.21 1.28
C TYR D 27 22.17 -12.65 2.30
N THR D 28 21.10 -13.40 2.54
CA THR D 28 20.10 -13.04 3.54
C THR D 28 20.74 -13.02 4.93
N PHE D 29 20.87 -11.85 5.52
CA PHE D 29 21.70 -11.69 6.71
C PHE D 29 21.25 -12.57 7.87
N THR D 30 19.94 -12.64 8.12
CA THR D 30 19.43 -13.19 9.37
C THR D 30 19.24 -14.71 9.36
N ASP D 31 19.90 -15.45 8.47
CA ASP D 31 19.80 -16.90 8.48
C ASP D 31 21.08 -17.59 8.96
N TYR D 32 22.11 -16.86 9.32
CA TYR D 32 23.43 -17.42 9.57
C TYR D 32 23.95 -16.95 10.92
N ASN D 33 25.11 -17.48 11.32
CA ASN D 33 25.83 -17.04 12.49
C ASN D 33 27.13 -16.38 12.09
N MET D 34 27.58 -15.42 12.90
CA MET D 34 28.81 -14.69 12.66
C MET D 34 29.83 -15.13 13.69
N HIS D 35 30.97 -15.63 13.23
CA HIS D 35 32.04 -16.03 14.12
C HIS D 35 33.20 -15.06 14.02
N TRP D 36 33.89 -14.87 15.14
CA TRP D 36 35.07 -14.03 15.21
C TRP D 36 36.21 -14.83 15.80
N VAL D 37 37.34 -14.84 15.10
CA VAL D 37 38.54 -15.58 15.49
C VAL D 37 39.72 -14.63 15.48
N LYS D 38 40.69 -14.91 16.35
CA LYS D 38 41.89 -14.09 16.51
C LYS D 38 43.10 -14.90 16.05
N GLN D 39 43.93 -14.27 15.22
CA GLN D 39 45.18 -14.86 14.75
C GLN D 39 46.31 -13.99 15.29
N SER D 40 47.02 -14.51 16.28
CA SER D 40 48.14 -13.80 16.90
C SER D 40 49.45 -14.40 16.39
N HIS D 41 50.53 -13.65 16.63
CA HIS D 41 51.85 -13.99 16.11
C HIS D 41 51.78 -14.04 14.59
N GLY D 42 51.73 -15.23 14.02
CA GLY D 42 51.64 -15.34 12.57
C GLY D 42 50.86 -16.54 12.08
N LYS D 43 50.39 -17.37 13.01
CA LYS D 43 49.70 -18.59 12.62
C LYS D 43 48.53 -18.91 13.56
N ASN D 44 48.84 -19.03 14.85
CA ASN D 44 47.90 -19.52 15.85
C ASN D 44 46.55 -18.81 15.76
N LEU D 45 45.50 -19.59 15.50
CA LEU D 45 44.13 -19.09 15.43
C LEU D 45 43.41 -19.39 16.74
N GLU D 46 42.55 -18.46 17.17
CA GLU D 46 41.79 -18.62 18.39
C GLU D 46 40.37 -18.13 18.17
N TRP D 47 39.40 -19.03 18.29
CA TRP D 47 37.99 -18.69 18.12
C TRP D 47 37.54 -17.82 19.28
N ILE D 48 37.24 -16.55 18.99
CA ILE D 48 36.78 -15.64 20.05
C ILE D 48 35.33 -15.92 20.40
N GLY D 49 34.45 -15.94 19.40
CA GLY D 49 33.05 -16.18 19.72
C GLY D 49 32.17 -16.12 18.50
N PHE D 50 30.86 -16.08 18.76
CA PHE D 50 29.87 -16.08 17.69
C PHE D 50 28.64 -15.29 18.15
N ILE D 51 27.86 -14.88 17.16
CA ILE D 51 26.62 -14.14 17.39
C ILE D 51 25.57 -14.62 16.39
N TYR D 52 24.34 -14.81 16.86
CA TYR D 52 23.22 -15.10 15.99
C TYR D 52 22.82 -13.82 15.25
N LEU D 53 22.97 -13.83 13.92
CA LEU D 53 22.65 -12.66 13.13
C LEU D 53 21.17 -12.32 13.11
N TYR D 54 20.30 -13.24 13.57
CA TYR D 54 18.86 -13.01 13.57
C TYR D 54 18.41 -12.24 14.81
N ASN D 55 18.56 -12.86 15.99
CA ASN D 55 18.07 -12.27 17.23
C ASN D 55 19.14 -11.51 18.01
N GLY D 56 20.41 -11.65 17.64
CA GLY D 56 21.48 -10.99 18.36
C GLY D 56 22.05 -11.77 19.52
N GLY D 57 21.63 -13.01 19.73
CA GLY D 57 22.22 -13.82 20.78
C GLY D 57 23.68 -14.09 20.52
N THR D 58 24.46 -14.13 21.60
CA THR D 58 25.91 -14.26 21.49
C THR D 58 26.41 -15.43 22.32
N GLY D 59 27.61 -15.89 21.98
CA GLY D 59 28.33 -16.90 22.72
C GLY D 59 29.81 -16.63 22.65
N TYR D 60 30.53 -16.83 23.76
CA TYR D 60 31.92 -16.41 23.85
C TYR D 60 32.79 -17.54 24.36
N ASN D 61 34.06 -17.50 23.95
CA ASN D 61 35.10 -18.26 24.63
C ASN D 61 35.36 -17.62 25.99
N GLN D 62 35.53 -18.46 27.01
CA GLN D 62 35.67 -17.94 28.37
C GLN D 62 36.98 -17.18 28.56
N ASN D 63 37.95 -17.35 27.67
CA ASN D 63 39.17 -16.56 27.68
C ASN D 63 39.02 -15.25 26.94
N PHE D 64 37.81 -14.93 26.48
CA PHE D 64 37.57 -13.70 25.74
C PHE D 64 36.31 -12.97 26.20
N LYS D 65 35.68 -13.39 27.30
CA LYS D 65 34.37 -12.79 27.69
C LYS D 65 34.57 -11.37 28.24
N SER D 66 35.56 -11.18 29.10
CA SER D 66 35.81 -9.86 29.71
C SER D 66 36.73 -9.04 28.80
N LYS D 67 36.63 -9.24 27.48
CA LYS D 67 37.53 -8.54 26.54
C LYS D 67 36.76 -8.27 25.26
N ALA D 68 35.92 -9.22 24.86
CA ALA D 68 35.24 -9.07 23.57
C ALA D 68 33.74 -8.91 23.73
N THR D 69 33.18 -8.05 22.89
CA THR D 69 31.73 -7.86 22.86
C THR D 69 31.24 -7.86 21.41
N LEU D 70 30.32 -8.77 21.09
CA LEU D 70 29.80 -8.92 19.74
C LEU D 70 28.43 -8.25 19.63
N THR D 71 28.23 -7.48 18.57
CA THR D 71 26.95 -6.84 18.31
C THR D 71 26.61 -6.97 16.83
N VAL D 72 25.35 -6.74 16.50
CA VAL D 72 24.88 -6.86 15.12
C VAL D 72 23.91 -5.71 14.84
N ASP D 73 24.08 -5.08 13.68
CA ASP D 73 23.16 -4.05 13.18
C ASP D 73 22.44 -4.60 11.96
N ASN D 74 21.12 -4.79 12.09
CA ASN D 74 20.31 -5.35 11.01
C ASN D 74 20.15 -4.36 9.86
N SER D 75 20.03 -3.06 10.17
CA SER D 75 19.75 -2.09 9.11
C SER D 75 20.95 -1.87 8.21
N SER D 76 22.17 -2.01 8.73
CA SER D 76 23.37 -1.92 7.90
C SER D 76 23.89 -3.29 7.49
N SER D 77 23.29 -4.37 7.99
CA SER D 77 23.74 -5.73 7.76
C SER D 77 25.23 -5.87 8.13
N THR D 78 25.53 -5.51 9.38
CA THR D 78 26.91 -5.46 9.83
C THR D 78 27.06 -6.17 11.18
N ALA D 79 28.22 -6.77 11.38
CA ALA D 79 28.59 -7.36 12.66
C ALA D 79 29.78 -6.59 13.22
N TYR D 80 29.66 -6.16 14.47
CA TYR D 80 30.68 -5.36 15.13
C TYR D 80 31.28 -6.14 16.28
N MET D 81 32.57 -5.93 16.49
CA MET D 81 33.31 -6.52 17.61
C MET D 81 34.05 -5.42 18.35
N GLU D 82 33.71 -5.23 19.63
CA GLU D 82 34.37 -4.24 20.47
C GLU D 82 35.32 -4.97 21.42
N LEU D 83 36.61 -4.64 21.31
CA LEU D 83 37.64 -5.15 22.20
C LEU D 83 38.05 -4.05 23.17
N ARG D 84 38.16 -4.39 24.45
CA ARG D 84 38.45 -3.42 25.50
C ARG D 84 39.64 -3.88 26.32
N SER D 85 40.28 -2.89 26.97
CA SER D 85 41.46 -3.11 27.81
C SER D 85 42.57 -3.81 27.03
N LEU D 86 42.86 -3.27 25.84
CA LEU D 86 43.82 -3.90 24.95
C LEU D 86 45.24 -3.76 25.48
N THR D 87 45.95 -4.88 25.56
CA THR D 87 47.36 -4.93 25.91
C THR D 87 48.17 -5.21 24.65
N SER D 88 49.50 -5.12 24.78
CA SER D 88 50.36 -5.30 23.62
C SER D 88 50.27 -6.71 23.05
N GLU D 89 49.58 -7.62 23.72
CA GLU D 89 49.37 -8.96 23.18
C GLU D 89 48.14 -9.07 22.29
N ASP D 90 47.27 -8.06 22.27
CA ASP D 90 46.10 -8.09 21.42
C ASP D 90 46.40 -7.59 20.01
N SER D 91 47.65 -7.28 19.71
CA SER D 91 48.08 -6.94 18.36
C SER D 91 48.01 -8.20 17.52
N ALA D 92 46.98 -8.31 16.69
CA ALA D 92 46.71 -9.55 15.97
C ALA D 92 45.79 -9.24 14.80
N VAL D 93 45.52 -10.26 13.99
CA VAL D 93 44.58 -10.12 12.88
C VAL D 93 43.29 -10.80 13.27
N PHE D 94 42.20 -10.05 13.25
CA PHE D 94 40.90 -10.56 13.65
C PHE D 94 40.07 -10.84 12.40
N TYR D 95 39.53 -12.06 12.31
CA TYR D 95 38.73 -12.50 11.18
C TYR D 95 37.28 -12.66 11.61
N CYS D 96 36.37 -12.22 10.74
CA CYS D 96 34.98 -12.58 10.83
C CYS D 96 34.67 -13.67 9.79
N ALA D 97 33.72 -14.53 10.12
CA ALA D 97 33.43 -15.70 9.30
C ALA D 97 31.94 -16.03 9.34
N ARG D 98 31.35 -16.18 8.15
CA ARG D 98 29.99 -16.69 8.05
C ARG D 98 29.98 -18.20 8.10
N ASP D 99 29.14 -18.76 8.96
CA ASP D 99 29.11 -20.21 9.11
C ASP D 99 28.42 -20.86 7.91
N TYR D 100 28.65 -22.16 7.76
CA TYR D 100 28.03 -22.92 6.67
C TYR D 100 26.56 -23.17 6.98
N TYR D 101 25.69 -22.78 6.05
CA TYR D 101 24.27 -23.06 6.22
C TYR D 101 24.03 -24.56 6.20
N GLY D 102 23.36 -25.07 7.23
CA GLY D 102 23.16 -26.50 7.40
C GLY D 102 24.35 -27.24 7.96
N ASN D 103 25.48 -26.57 8.15
CA ASN D 103 26.66 -27.15 8.80
C ASN D 103 27.32 -26.08 9.65
N PRO D 104 26.69 -25.69 10.76
CA PRO D 104 27.19 -24.55 11.54
C PRO D 104 28.52 -24.80 12.22
N TYR D 105 29.03 -26.04 12.19
CA TYR D 105 30.35 -26.32 12.75
C TYR D 105 31.48 -25.80 11.87
N ALA D 106 31.19 -25.37 10.64
CA ALA D 106 32.20 -24.89 9.71
C ALA D 106 31.89 -23.46 9.29
N MET D 107 32.94 -22.74 8.90
CA MET D 107 32.83 -21.36 8.40
C MET D 107 33.28 -21.35 6.95
N ASP D 108 32.34 -21.15 6.03
CA ASP D 108 32.62 -21.32 4.61
C ASP D 108 33.07 -20.03 3.92
N TYR D 109 32.80 -18.87 4.51
CA TYR D 109 33.28 -17.60 3.96
C TYR D 109 33.93 -16.80 5.08
N TRP D 110 35.08 -16.21 4.75
CA TRP D 110 35.89 -15.47 5.72
C TRP D 110 36.13 -14.04 5.23
N GLY D 111 36.31 -13.14 6.20
CA GLY D 111 36.74 -11.80 5.86
C GLY D 111 38.22 -11.77 5.53
N GLN D 112 38.66 -10.63 5.01
CA GLN D 112 40.07 -10.49 4.64
C GLN D 112 40.97 -10.36 5.88
N GLY D 113 40.39 -10.07 7.04
CA GLY D 113 41.18 -9.88 8.24
C GLY D 113 41.43 -8.42 8.56
N THR D 114 41.39 -8.07 9.85
CA THR D 114 41.65 -6.72 10.29
C THR D 114 42.84 -6.73 11.23
N SER D 115 43.89 -6.00 10.87
CA SER D 115 45.10 -5.94 11.68
C SER D 115 44.95 -4.89 12.78
N VAL D 116 45.17 -5.30 14.02
CA VAL D 116 45.07 -4.41 15.17
C VAL D 116 46.43 -4.37 15.85
N THR D 117 47.05 -3.20 15.85
CA THR D 117 48.32 -2.96 16.53
C THR D 117 48.05 -2.19 17.82
N VAL D 118 48.65 -2.65 18.92
CA VAL D 118 48.53 -2.01 20.22
C VAL D 118 49.91 -1.53 20.63
N SER D 119 50.07 -0.21 20.72
CA SER D 119 51.35 0.38 21.08
C SER D 119 51.13 1.83 21.48
N SER D 120 52.02 2.32 22.34
CA SER D 120 51.99 3.72 22.75
C SER D 120 52.74 4.63 21.78
N ALA D 121 53.50 4.07 20.84
CA ALA D 121 54.26 4.87 19.90
C ALA D 121 53.35 5.69 19.00
N SER D 122 53.86 6.82 18.53
CA SER D 122 53.11 7.73 17.69
C SER D 122 53.27 7.37 16.22
N THR D 123 52.22 7.63 15.44
CA THR D 123 52.29 7.44 14.00
C THR D 123 53.39 8.33 13.41
N LYS D 124 54.24 7.74 12.57
CA LYS D 124 55.32 8.48 11.94
C LYS D 124 55.48 8.04 10.50
N GLY D 125 55.52 9.00 9.59
CA GLY D 125 55.71 8.72 8.19
C GLY D 125 57.14 8.33 7.88
N PRO D 126 57.34 7.57 6.81
CA PRO D 126 58.68 7.08 6.49
C PRO D 126 59.49 8.05 5.64
N SER D 127 60.80 7.82 5.66
CA SER D 127 61.72 8.46 4.73
C SER D 127 62.12 7.45 3.67
N VAL D 128 62.06 7.87 2.41
CA VAL D 128 62.32 7.00 1.27
C VAL D 128 63.67 7.39 0.69
N PHE D 129 64.65 6.49 0.78
CA PHE D 129 65.97 6.73 0.22
C PHE D 129 66.17 5.84 -0.99
N PRO D 130 66.65 6.38 -2.11
CA PRO D 130 66.91 5.51 -3.27
C PRO D 130 68.13 4.63 -3.01
N LEU D 131 68.09 3.42 -3.54
CA LEU D 131 69.22 2.51 -3.53
C LEU D 131 69.65 2.42 -4.99
N ALA D 132 70.73 3.13 -5.29
CA ALA D 132 71.27 3.28 -6.64
C ALA D 132 71.48 1.91 -7.30
N PRO D 133 71.34 1.83 -8.62
CA PRO D 133 71.62 0.55 -9.27
C PRO D 133 73.04 0.14 -8.93
N SER D 134 73.25 -1.18 -8.85
CA SER D 134 74.56 -1.71 -8.50
C SER D 134 75.64 -1.09 -9.35
N SER D 135 76.51 -0.27 -8.74
CA SER D 135 77.53 0.48 -9.52
C SER D 135 78.46 -0.48 -10.26
N LYS D 136 78.57 -1.73 -9.79
CA LYS D 136 79.37 -2.74 -10.54
C LYS D 136 78.69 -2.93 -11.90
N SER D 137 77.35 -2.99 -11.93
CA SER D 137 76.55 -3.12 -13.18
C SER D 137 77.28 -3.96 -14.24
N THR D 138 77.33 -5.29 -14.02
CA THR D 138 77.99 -6.19 -14.99
C THR D 138 77.34 -6.02 -16.36
N SER D 139 78.10 -5.55 -17.36
CA SER D 139 77.54 -5.27 -18.70
C SER D 139 76.77 -6.47 -19.27
N GLY D 140 75.55 -6.22 -19.78
CA GLY D 140 74.74 -7.28 -20.39
C GLY D 140 74.32 -8.34 -19.38
N GLY D 141 73.99 -7.93 -18.16
CA GLY D 141 73.62 -8.90 -17.10
C GLY D 141 72.52 -8.38 -16.21
N THR D 142 72.53 -8.81 -14.95
CA THR D 142 71.52 -8.41 -13.98
C THR D 142 72.05 -7.28 -13.09
N ALA D 143 71.27 -6.20 -12.98
CA ALA D 143 71.58 -5.10 -12.08
C ALA D 143 70.38 -4.87 -11.16
N ALA D 144 70.65 -4.64 -9.88
CA ALA D 144 69.62 -4.44 -8.89
C ALA D 144 69.57 -2.98 -8.44
N LEU D 145 68.35 -2.47 -8.23
CA LEU D 145 68.15 -1.15 -7.64
C LEU D 145 66.98 -1.26 -6.67
N GLY D 146 66.72 -0.19 -5.92
CA GLY D 146 65.61 -0.30 -4.98
C GLY D 146 65.33 0.97 -4.22
N CYS D 147 64.53 0.82 -3.17
CA CYS D 147 64.11 1.90 -2.29
C CYS D 147 64.11 1.41 -0.85
N LEU D 148 64.76 2.18 0.03
CA LEU D 148 64.79 1.92 1.46
C LEU D 148 63.75 2.80 2.14
N VAL D 149 62.77 2.16 2.77
CA VAL D 149 61.70 2.85 3.50
C VAL D 149 62.04 2.76 4.99
N LYS D 150 62.49 3.86 5.58
CA LYS D 150 63.09 3.87 6.90
C LYS D 150 62.26 4.73 7.85
N ASP D 151 62.20 4.31 9.11
CA ASP D 151 61.55 5.05 10.19
C ASP D 151 60.07 5.30 9.93
N TYR D 152 59.23 4.28 10.12
CA TYR D 152 57.80 4.49 10.02
C TYR D 152 57.09 3.63 11.06
N PHE D 153 55.89 4.08 11.45
CA PHE D 153 55.03 3.36 12.37
C PHE D 153 53.62 3.89 12.17
N PRO D 154 52.60 3.01 12.14
CA PRO D 154 52.75 1.56 12.26
C PRO D 154 52.80 0.86 10.92
N GLU D 155 52.54 -0.44 10.93
CA GLU D 155 52.40 -1.23 9.71
C GLU D 155 51.00 -0.99 9.12
N PRO D 156 50.85 -1.09 7.79
CA PRO D 156 51.82 -1.47 6.76
C PRO D 156 52.32 -0.30 5.92
N VAL D 157 53.15 -0.62 4.93
CA VAL D 157 53.59 0.32 3.92
C VAL D 157 53.46 -0.37 2.57
N THR D 158 52.76 0.26 1.64
CA THR D 158 52.53 -0.30 0.31
C THR D 158 53.57 0.28 -0.65
N VAL D 159 54.35 -0.59 -1.27
CA VAL D 159 55.37 -0.17 -2.22
C VAL D 159 55.03 -0.76 -3.58
N SER D 160 54.89 0.10 -4.58
CA SER D 160 54.72 -0.30 -5.96
C SER D 160 55.85 0.31 -6.79
N TRP D 161 55.93 -0.11 -8.05
CA TRP D 161 56.95 0.39 -8.97
C TRP D 161 56.28 0.85 -10.25
N ASN D 162 56.48 2.11 -10.62
CA ASN D 162 55.82 2.72 -11.77
C ASN D 162 54.31 2.61 -11.68
N SER D 163 53.79 2.68 -10.45
CA SER D 163 52.34 2.63 -10.18
C SER D 163 51.71 1.36 -10.74
N GLY D 164 52.37 0.22 -10.50
CA GLY D 164 51.83 -1.07 -10.82
C GLY D 164 52.28 -1.64 -12.15
N ALA D 165 53.00 -0.86 -12.96
CA ALA D 165 53.43 -1.32 -14.27
C ALA D 165 54.70 -2.16 -14.22
N LEU D 166 55.40 -2.18 -13.09
CA LEU D 166 56.64 -2.93 -12.92
C LEU D 166 56.38 -3.96 -11.83
N THR D 167 56.21 -5.22 -12.23
CA THR D 167 55.96 -6.30 -11.30
C THR D 167 56.92 -7.48 -11.45
N SER D 168 57.81 -7.45 -12.46
CA SER D 168 58.78 -8.51 -12.67
C SER D 168 60.09 -8.13 -12.01
N GLY D 169 60.62 -9.03 -11.19
CA GLY D 169 61.82 -8.78 -10.43
C GLY D 169 61.61 -7.98 -9.16
N VAL D 170 60.38 -7.54 -8.89
CA VAL D 170 60.09 -6.74 -7.70
C VAL D 170 60.05 -7.64 -6.48
N HIS D 171 60.91 -7.34 -5.50
CA HIS D 171 60.91 -8.01 -4.20
C HIS D 171 60.71 -6.94 -3.12
N THR D 172 59.55 -6.95 -2.48
CA THR D 172 59.27 -6.06 -1.36
C THR D 172 59.35 -6.89 -0.08
N PHE D 173 60.34 -6.60 0.75
CA PHE D 173 60.67 -7.41 1.91
C PHE D 173 59.81 -7.05 3.12
N PRO D 174 59.60 -8.01 4.03
CA PRO D 174 58.89 -7.70 5.27
C PRO D 174 59.66 -6.67 6.10
N ALA D 175 58.91 -5.89 6.88
CA ALA D 175 59.51 -4.85 7.70
C ALA D 175 60.31 -5.44 8.86
N VAL D 176 61.32 -4.69 9.27
CA VAL D 176 62.16 -5.04 10.42
C VAL D 176 62.17 -3.85 11.37
N LEU D 177 62.11 -4.13 12.67
CA LEU D 177 62.12 -3.09 13.68
C LEU D 177 63.57 -2.79 14.07
N GLN D 178 64.01 -1.56 13.82
CA GLN D 178 65.37 -1.15 14.11
C GLN D 178 65.49 -0.63 15.54
N SER D 179 66.69 -0.17 15.89
CA SER D 179 66.94 0.38 17.22
C SER D 179 66.24 1.73 17.42
N SER D 180 65.83 2.39 16.34
CA SER D 180 65.09 3.63 16.48
C SER D 180 63.71 3.43 17.09
N GLY D 181 63.19 2.20 17.08
CA GLY D 181 61.85 1.93 17.55
C GLY D 181 60.79 1.95 16.48
N LEU D 182 61.18 2.10 15.21
CA LEU D 182 60.27 2.16 14.09
C LEU D 182 60.62 1.07 13.09
N TYR D 183 59.76 0.91 12.09
CA TYR D 183 59.91 -0.14 11.10
C TYR D 183 60.68 0.38 9.88
N SER D 184 61.25 -0.56 9.13
CA SER D 184 61.98 -0.24 7.92
C SER D 184 61.95 -1.45 7.01
N LEU D 185 61.74 -1.21 5.71
CA LEU D 185 61.77 -2.27 4.72
C LEU D 185 62.54 -1.80 3.50
N SER D 186 62.76 -2.73 2.58
CA SER D 186 63.43 -2.44 1.32
C SER D 186 62.65 -3.09 0.19
N SER D 187 62.41 -2.32 -0.87
CA SER D 187 61.77 -2.82 -2.07
C SER D 187 62.81 -2.83 -3.19
N VAL D 188 63.11 -4.02 -3.71
CA VAL D 188 64.18 -4.18 -4.67
C VAL D 188 63.61 -4.66 -6.00
N VAL D 189 64.26 -4.24 -7.08
CA VAL D 189 63.93 -4.69 -8.43
C VAL D 189 65.23 -5.06 -9.13
N THR D 190 65.25 -6.23 -9.75
CA THR D 190 66.35 -6.67 -10.60
C THR D 190 65.93 -6.48 -12.06
N VAL D 191 66.83 -5.92 -12.86
CA VAL D 191 66.53 -5.61 -14.25
C VAL D 191 67.75 -5.94 -15.09
N PRO D 192 67.63 -6.01 -16.42
CA PRO D 192 68.83 -6.07 -17.25
C PRO D 192 69.61 -4.78 -17.14
N SER D 193 70.93 -4.90 -16.95
CA SER D 193 71.77 -3.72 -16.85
C SER D 193 71.72 -2.86 -18.10
N SER D 194 71.19 -3.40 -19.21
CA SER D 194 71.08 -2.62 -20.43
C SER D 194 70.11 -1.46 -20.28
N SER D 195 69.12 -1.58 -19.39
CA SER D 195 68.16 -0.50 -19.19
C SER D 195 68.49 0.28 -17.92
N LEU D 196 69.63 0.96 -17.97
CA LEU D 196 70.08 1.89 -16.94
C LEU D 196 70.22 3.25 -17.59
N GLY D 197 69.28 4.16 -17.30
CA GLY D 197 69.23 5.44 -17.98
C GLY D 197 68.37 5.43 -19.20
N THR D 198 68.11 4.25 -19.77
CA THR D 198 67.17 4.10 -20.87
C THR D 198 65.74 4.01 -20.39
N GLN D 199 65.52 3.51 -19.17
CA GLN D 199 64.21 3.41 -18.58
C GLN D 199 64.23 4.00 -17.17
N THR D 200 63.10 4.58 -16.79
CA THR D 200 62.95 5.22 -15.48
C THR D 200 62.24 4.28 -14.53
N TYR D 201 62.81 4.08 -13.36
CA TYR D 201 62.25 3.21 -12.32
C TYR D 201 61.87 4.07 -11.13
N ILE D 202 60.58 4.33 -10.98
CA ILE D 202 60.05 5.15 -9.89
C ILE D 202 59.31 4.24 -8.92
N CYS D 203 59.70 4.29 -7.65
CA CYS D 203 59.04 3.55 -6.60
C CYS D 203 58.06 4.44 -5.85
N ASN D 204 56.86 3.91 -5.61
CA ASN D 204 55.78 4.64 -4.95
C ASN D 204 55.52 3.99 -3.59
N VAL D 205 55.71 4.77 -2.53
CA VAL D 205 55.53 4.34 -1.15
C VAL D 205 54.29 5.00 -0.59
N ASN D 206 53.41 4.20 0.01
CA ASN D 206 52.16 4.68 0.58
C ASN D 206 52.09 4.24 2.04
N HIS D 207 52.02 5.20 2.95
CA HIS D 207 51.79 4.96 4.37
C HIS D 207 50.50 5.71 4.71
N LYS D 208 49.39 4.98 4.69
CA LYS D 208 48.06 5.54 4.92
C LYS D 208 47.84 6.05 6.34
N PRO D 209 48.29 5.34 7.39
CA PRO D 209 48.13 5.88 8.76
C PRO D 209 48.72 7.26 8.95
N SER D 210 49.65 7.69 8.10
CA SER D 210 50.31 8.99 8.24
C SER D 210 49.96 9.94 7.10
N ASN D 211 49.09 9.51 6.18
CA ASN D 211 48.75 10.28 4.98
C ASN D 211 50.02 10.67 4.21
N THR D 212 50.85 9.67 3.93
CA THR D 212 52.15 9.87 3.29
C THR D 212 52.18 9.11 1.97
N LYS D 213 52.44 9.83 0.87
CA LYS D 213 52.61 9.24 -0.46
C LYS D 213 53.89 9.82 -1.07
N VAL D 214 54.88 8.97 -1.29
CA VAL D 214 56.19 9.40 -1.78
C VAL D 214 56.48 8.67 -3.09
N ASP D 215 56.71 9.44 -4.16
CA ASP D 215 57.12 8.91 -5.45
C ASP D 215 58.58 9.28 -5.68
N LYS D 216 59.48 8.31 -5.54
CA LYS D 216 60.91 8.55 -5.62
C LYS D 216 61.50 7.84 -6.84
N LYS D 217 62.28 8.58 -7.62
CA LYS D 217 62.96 8.02 -8.78
C LYS D 217 64.35 7.53 -8.38
N VAL D 218 64.68 6.30 -8.77
CA VAL D 218 65.97 5.70 -8.45
C VAL D 218 66.88 5.92 -9.65
N GLU D 219 67.92 6.73 -9.45
CA GLU D 219 68.90 7.05 -10.47
C GLU D 219 70.28 7.10 -9.83
N PRO D 220 71.34 6.70 -10.56
CA PRO D 220 72.71 6.75 -10.05
C PRO D 220 73.15 8.16 -9.64
N ASP E 1 -28.20 20.30 43.15
CA ASP E 1 -29.64 20.08 43.14
C ASP E 1 -30.41 21.22 42.48
N ILE E 2 -30.22 21.39 41.17
CA ILE E 2 -30.94 22.39 40.40
C ILE E 2 -32.31 21.83 40.05
N GLN E 3 -33.39 22.41 40.55
CA GLN E 3 -34.69 21.85 40.23
C GLN E 3 -35.28 22.68 39.11
N MET E 4 -36.08 22.05 38.24
CA MET E 4 -36.79 22.74 37.18
C MET E 4 -38.28 22.72 37.50
N THR E 5 -38.89 23.90 37.57
CA THR E 5 -40.33 24.03 37.82
C THR E 5 -40.96 24.69 36.61
N GLN E 6 -41.86 23.97 35.94
CA GLN E 6 -42.63 24.52 34.84
C GLN E 6 -43.95 25.05 35.41
N THR E 7 -44.28 26.30 35.05
CA THR E 7 -45.44 26.95 35.69
C THR E 7 -46.73 26.22 35.36
N THR E 8 -46.85 25.64 34.17
CA THR E 8 -48.08 24.99 33.77
C THR E 8 -47.82 23.63 33.16
N SER E 9 -48.80 22.74 33.33
CA SER E 9 -48.82 21.42 32.72
C SER E 9 -49.82 21.33 31.58
N SER E 10 -50.84 22.19 31.55
CA SER E 10 -51.88 22.16 30.54
C SER E 10 -52.12 23.56 30.00
N LEU E 11 -52.03 23.72 28.68
CA LEU E 11 -52.30 24.96 27.97
C LEU E 11 -53.22 24.69 26.79
N SER E 12 -54.23 25.54 26.61
CA SER E 12 -55.17 25.42 25.51
C SER E 12 -55.24 26.75 24.76
N ALA E 13 -55.13 26.70 23.44
CA ALA E 13 -55.21 27.90 22.62
C ALA E 13 -55.62 27.52 21.21
N SER E 14 -56.12 28.50 20.47
CA SER E 14 -56.61 28.30 19.12
C SER E 14 -55.48 28.45 18.11
N LEU E 15 -55.79 28.14 16.85
CA LEU E 15 -54.82 28.29 15.78
C LEU E 15 -54.55 29.76 15.52
N GLY E 16 -53.27 30.10 15.34
CA GLY E 16 -52.86 31.47 15.17
C GLY E 16 -52.66 32.24 16.45
N ASP E 17 -52.82 31.60 17.60
CA ASP E 17 -52.68 32.28 18.88
C ASP E 17 -51.21 32.29 19.30
N ARG E 18 -50.95 32.87 20.47
CA ARG E 18 -49.61 32.99 21.02
C ARG E 18 -49.59 32.28 22.36
N VAL E 19 -48.65 31.35 22.53
CA VAL E 19 -48.53 30.60 23.77
C VAL E 19 -47.14 30.85 24.36
N THR E 20 -47.09 30.93 25.68
CA THR E 20 -45.82 31.12 26.40
C THR E 20 -45.73 30.09 27.51
N ILE E 21 -44.71 29.25 27.45
CA ILE E 21 -44.41 28.26 28.48
C ILE E 21 -43.21 28.77 29.27
N SER E 22 -43.35 28.80 30.59
CA SER E 22 -42.29 29.32 31.44
C SER E 22 -41.64 28.19 32.23
N CYS E 23 -40.33 28.33 32.44
CA CYS E 23 -39.55 27.39 33.23
C CYS E 23 -38.71 28.18 34.22
N ARG E 24 -38.54 27.64 35.41
CA ARG E 24 -37.79 28.33 36.44
C ARG E 24 -36.83 27.36 37.13
N ALA E 25 -35.59 27.79 37.27
CA ALA E 25 -34.57 26.98 37.93
C ALA E 25 -34.40 27.45 39.37
N SER E 26 -34.07 26.50 40.24
CA SER E 26 -33.82 26.82 41.64
C SER E 26 -32.53 27.63 41.82
N GLN E 27 -31.70 27.73 40.79
CA GLN E 27 -30.43 28.43 40.88
C GLN E 27 -30.09 28.95 39.49
N ASP E 28 -29.13 29.87 39.43
CA ASP E 28 -28.72 30.46 38.15
C ASP E 28 -28.13 29.41 37.23
N ILE E 29 -28.62 29.35 35.99
CA ILE E 29 -28.08 28.36 35.07
C ILE E 29 -27.39 29.01 33.87
N SER E 30 -27.15 30.32 33.93
CA SER E 30 -26.31 31.03 32.95
C SER E 30 -26.73 30.75 31.51
N ASN E 31 -28.03 30.88 31.27
CA ASN E 31 -28.64 30.74 29.95
C ASN E 31 -28.48 29.35 29.34
N TYR E 32 -28.01 28.37 30.11
CA TYR E 32 -27.86 27.00 29.63
C TYR E 32 -29.20 26.26 29.74
N LEU E 33 -30.18 26.75 28.98
CA LEU E 33 -31.54 26.24 29.01
C LEU E 33 -31.94 25.82 27.60
N ASN E 34 -32.51 24.61 27.48
CA ASN E 34 -32.98 24.08 26.21
C ASN E 34 -34.45 23.69 26.32
N TRP E 35 -35.14 23.81 25.19
CA TRP E 35 -36.56 23.47 25.07
C TRP E 35 -36.71 22.34 24.06
N TYR E 36 -37.37 21.27 24.49
CA TYR E 36 -37.63 20.08 23.69
C TYR E 36 -39.13 19.89 23.51
N GLN E 37 -39.50 19.30 22.37
CA GLN E 37 -40.88 19.01 22.03
C GLN E 37 -41.06 17.51 21.87
N GLN E 38 -41.99 16.94 22.64
CA GLN E 38 -42.33 15.52 22.57
C GLN E 38 -43.72 15.38 21.97
N LYS E 39 -43.81 14.71 20.82
CA LYS E 39 -45.08 14.47 20.17
C LYS E 39 -45.75 13.23 20.75
N PRO E 40 -47.06 13.07 20.54
CA PRO E 40 -47.79 11.95 21.16
C PRO E 40 -47.18 10.57 20.92
N ASP E 41 -46.49 10.36 19.81
CA ASP E 41 -45.87 9.05 19.56
C ASP E 41 -44.57 8.83 20.32
N GLY E 42 -44.15 9.79 21.14
CA GLY E 42 -42.93 9.67 21.90
C GLY E 42 -41.72 10.30 21.25
N THR E 43 -41.85 10.84 20.05
CA THR E 43 -40.73 11.45 19.36
C THR E 43 -40.32 12.74 20.07
N VAL E 44 -39.03 12.88 20.34
CA VAL E 44 -38.48 14.05 21.03
C VAL E 44 -37.56 14.78 20.06
N LYS E 45 -37.73 16.09 19.96
CA LYS E 45 -36.87 16.91 19.12
C LYS E 45 -36.48 18.17 19.87
N LEU E 46 -35.21 18.53 19.78
CA LEU E 46 -34.73 19.75 20.42
C LEU E 46 -35.22 20.95 19.64
N LEU E 47 -35.99 21.81 20.29
CA LEU E 47 -36.50 23.00 19.63
C LEU E 47 -35.55 24.18 19.76
N ILE E 48 -35.13 24.50 20.99
CA ILE E 48 -34.30 25.67 21.22
C ILE E 48 -33.17 25.30 22.18
N TYR E 49 -31.97 25.81 21.90
CA TYR E 49 -30.83 25.63 22.78
C TYR E 49 -30.25 26.98 23.17
N TYR E 50 -29.56 27.00 24.31
CA TYR E 50 -28.96 28.22 24.86
C TYR E 50 -29.97 29.36 24.93
N THR E 51 -31.05 29.10 25.67
CA THR E 51 -32.11 30.07 25.97
C THR E 51 -32.90 30.50 24.73
N SER E 52 -32.22 31.00 23.70
CA SER E 52 -32.90 31.65 22.59
C SER E 52 -32.46 31.19 21.21
N ARG E 53 -31.46 30.32 21.11
CA ARG E 53 -30.92 29.95 19.80
C ARG E 53 -31.84 28.92 19.14
N LEU E 54 -32.34 29.26 17.96
CA LEU E 54 -33.25 28.39 17.24
C LEU E 54 -32.47 27.31 16.49
N ARG E 55 -32.82 26.05 16.74
CA ARG E 55 -32.18 24.94 16.05
C ARG E 55 -32.55 24.95 14.58
N SER E 56 -31.58 24.64 13.72
CA SER E 56 -31.81 24.66 12.28
C SER E 56 -32.87 23.64 11.89
N GLY E 57 -33.91 24.12 11.20
CA GLY E 57 -35.05 23.31 10.81
C GLY E 57 -36.33 23.70 11.52
N VAL E 58 -36.23 24.27 12.72
CA VAL E 58 -37.42 24.66 13.47
C VAL E 58 -37.90 26.02 12.97
N PRO E 59 -39.20 26.19 12.72
CA PRO E 59 -39.69 27.50 12.28
C PRO E 59 -39.37 28.57 13.31
N SER E 60 -39.18 29.80 12.84
CA SER E 60 -38.90 30.91 13.74
C SER E 60 -40.12 31.30 14.58
N ARG E 61 -41.29 30.70 14.32
CA ARG E 61 -42.44 30.92 15.19
C ARG E 61 -42.14 30.52 16.62
N PHE E 62 -41.16 29.65 16.83
CA PHE E 62 -40.67 29.31 18.16
C PHE E 62 -39.56 30.29 18.51
N SER E 63 -39.61 30.82 19.73
CA SER E 63 -38.61 31.74 20.21
C SER E 63 -38.34 31.47 21.68
N GLY E 64 -37.17 31.89 22.14
CA GLY E 64 -36.79 31.68 23.52
C GLY E 64 -36.26 32.95 24.14
N SER E 65 -36.37 33.03 25.46
CA SER E 65 -35.89 34.17 26.20
C SER E 65 -35.60 33.75 27.63
N GLY E 66 -34.89 34.61 28.35
CA GLY E 66 -34.65 34.36 29.76
C GLY E 66 -33.26 34.69 30.24
N SER E 67 -33.09 34.67 31.56
CA SER E 67 -31.83 34.93 32.22
C SER E 67 -31.94 34.45 33.65
N GLY E 68 -30.78 34.24 34.27
CA GLY E 68 -30.72 33.89 35.68
C GLY E 68 -31.47 32.60 36.00
N THR E 69 -32.67 32.75 36.54
CA THR E 69 -33.51 31.61 36.90
C THR E 69 -34.79 31.52 36.08
N ASP E 70 -35.13 32.54 35.30
CA ASP E 70 -36.41 32.61 34.59
C ASP E 70 -36.18 32.44 33.09
N TYR E 71 -36.88 31.48 32.49
CA TYR E 71 -36.74 31.23 31.06
C TYR E 71 -38.12 30.97 30.46
N SER E 72 -38.25 31.23 29.17
CA SER E 72 -39.56 31.22 28.52
C SER E 72 -39.42 30.79 27.08
N LEU E 73 -40.35 29.96 26.64
CA LEU E 73 -40.48 29.53 25.25
C LEU E 73 -41.80 30.05 24.71
N THR E 74 -41.77 30.67 23.54
CA THR E 74 -42.95 31.29 22.96
C THR E 74 -43.23 30.66 21.60
N ILE E 75 -44.47 30.28 21.39
CA ILE E 75 -44.94 29.76 20.10
C ILE E 75 -45.91 30.78 19.53
N ASN E 76 -45.53 31.40 18.42
CA ASN E 76 -46.34 32.38 17.72
C ASN E 76 -47.09 31.73 16.56
N ASN E 77 -48.29 32.24 16.28
CA ASN E 77 -49.14 31.75 15.21
C ASN E 77 -49.25 30.22 15.28
N LEU E 78 -49.96 29.78 16.32
CA LEU E 78 -50.07 28.36 16.61
C LEU E 78 -50.60 27.58 15.41
N GLU E 79 -49.91 26.51 15.05
CA GLU E 79 -50.32 25.64 13.97
C GLU E 79 -50.64 24.26 14.52
N GLN E 80 -51.34 23.45 13.69
CA GLN E 80 -51.79 22.14 14.14
C GLN E 80 -50.64 21.17 14.38
N GLU E 81 -49.47 21.40 13.78
CA GLU E 81 -48.34 20.51 14.02
C GLU E 81 -47.69 20.72 15.38
N ASP E 82 -48.13 21.73 16.14
CA ASP E 82 -47.54 22.05 17.43
C ASP E 82 -48.22 21.34 18.61
N ILE E 83 -49.20 20.47 18.37
CA ILE E 83 -49.78 19.67 19.44
C ILE E 83 -48.71 18.74 20.00
N ALA E 84 -48.25 18.99 21.22
CA ALA E 84 -47.18 18.22 21.82
C ALA E 84 -47.00 18.66 23.27
N THR E 85 -46.08 18.00 23.96
CA THR E 85 -45.64 18.40 25.29
C THR E 85 -44.28 19.07 25.17
N TYR E 86 -44.05 20.09 25.99
CA TYR E 86 -42.83 20.88 25.91
C TYR E 86 -42.09 20.83 27.24
N PHE E 87 -40.80 20.52 27.17
CA PHE E 87 -39.95 20.34 28.34
C PHE E 87 -38.80 21.34 28.31
N CYS E 88 -38.47 21.90 29.46
CA CYS E 88 -37.24 22.66 29.65
C CYS E 88 -36.17 21.77 30.27
N GLN E 89 -34.91 22.12 30.02
CA GLN E 89 -33.79 21.35 30.54
C GLN E 89 -32.59 22.26 30.73
N GLN E 90 -32.02 22.25 31.93
CA GLN E 90 -30.80 23.00 32.19
C GLN E 90 -29.57 22.12 31.95
N GLY E 91 -28.50 22.76 31.50
CA GLY E 91 -27.24 22.08 31.28
C GLY E 91 -26.09 22.78 31.97
N ASN E 92 -26.41 23.63 32.94
CA ASN E 92 -25.37 24.40 33.61
C ASN E 92 -24.47 23.52 34.47
N THR E 93 -25.08 22.67 35.30
CA THR E 93 -24.33 21.75 36.14
C THR E 93 -24.91 20.35 36.01
N LEU E 94 -24.12 19.37 36.48
CA LEU E 94 -24.55 17.97 36.52
C LEU E 94 -25.17 17.66 37.89
N PRO E 95 -26.27 16.91 37.93
CA PRO E 95 -26.92 16.26 36.78
C PRO E 95 -27.82 17.19 35.99
N PHE E 96 -27.98 16.93 34.69
CA PHE E 96 -28.99 17.60 33.90
C PHE E 96 -30.37 17.32 34.50
N THR E 97 -31.23 18.33 34.52
CA THR E 97 -32.58 18.18 35.03
C THR E 97 -33.56 18.74 34.02
N PHE E 98 -34.79 18.22 34.07
CA PHE E 98 -35.85 18.60 33.16
C PHE E 98 -37.02 19.19 33.94
N GLY E 99 -37.90 19.87 33.21
CA GLY E 99 -39.15 20.34 33.78
C GLY E 99 -40.23 19.27 33.75
N SER E 100 -41.34 19.55 34.44
CA SER E 100 -42.45 18.62 34.46
C SER E 100 -43.09 18.45 33.09
N GLY E 101 -43.04 19.48 32.26
CA GLY E 101 -43.63 19.42 30.94
C GLY E 101 -44.95 20.16 30.88
N THR E 102 -45.23 20.71 29.70
CA THR E 102 -46.49 21.43 29.46
C THR E 102 -47.15 20.86 28.22
N LYS E 103 -48.36 20.35 28.37
CA LYS E 103 -49.12 19.83 27.24
C LYS E 103 -49.86 20.98 26.55
N LEU E 104 -49.72 21.08 25.23
CA LEU E 104 -50.36 22.12 24.44
C LEU E 104 -51.51 21.50 23.65
N GLU E 105 -52.72 21.99 23.89
CA GLU E 105 -53.92 21.53 23.19
C GLU E 105 -54.46 22.63 22.30
N ILE E 106 -54.96 22.24 21.12
CA ILE E 106 -55.49 23.18 20.14
C ILE E 106 -56.98 23.41 20.41
N LYS E 107 -57.37 24.69 20.49
CA LYS E 107 -58.77 25.06 20.69
C LYS E 107 -59.45 25.27 19.34
N ARG E 108 -60.65 24.69 19.19
CA ARG E 108 -61.43 24.81 17.97
C ARG E 108 -62.90 24.84 18.34
N THR E 109 -63.75 24.90 17.31
CA THR E 109 -65.18 24.94 17.53
C THR E 109 -65.70 23.62 18.10
N VAL E 110 -66.86 23.70 18.76
CA VAL E 110 -67.45 22.53 19.40
C VAL E 110 -67.95 21.58 18.33
N ALA E 111 -67.62 20.30 18.48
CA ALA E 111 -68.02 19.25 17.55
C ALA E 111 -68.78 18.16 18.31
N ALA E 112 -69.96 17.83 17.82
CA ALA E 112 -70.75 16.77 18.46
C ALA E 112 -70.20 15.41 18.10
N PRO E 113 -70.17 14.47 19.04
CA PRO E 113 -69.62 13.14 18.76
C PRO E 113 -70.57 12.30 17.92
N SER E 114 -69.98 11.45 17.07
CA SER E 114 -70.74 10.44 16.36
C SER E 114 -70.84 9.20 17.24
N VAL E 115 -72.05 8.80 17.60
CA VAL E 115 -72.27 7.74 18.58
C VAL E 115 -72.57 6.44 17.85
N PHE E 116 -71.82 5.40 18.18
CA PHE E 116 -72.04 4.06 17.65
C PHE E 116 -72.09 3.06 18.79
N ILE E 117 -72.81 1.97 18.59
CA ILE E 117 -72.88 0.88 19.56
C ILE E 117 -72.54 -0.42 18.87
N PHE E 118 -71.86 -1.31 19.60
CA PHE E 118 -71.38 -2.58 19.07
C PHE E 118 -71.74 -3.69 20.04
N PRO E 119 -72.55 -4.66 19.62
CA PRO E 119 -72.87 -5.82 20.46
C PRO E 119 -71.69 -6.77 20.54
N PRO E 120 -71.67 -7.65 21.54
CA PRO E 120 -70.56 -8.60 21.65
C PRO E 120 -70.57 -9.58 20.49
N SER E 121 -69.37 -10.03 20.12
CA SER E 121 -69.25 -11.02 19.06
C SER E 121 -69.67 -12.39 19.56
N ASP E 122 -70.20 -13.20 18.64
CA ASP E 122 -70.54 -14.58 18.98
C ASP E 122 -69.29 -15.36 19.40
N GLU E 123 -68.15 -15.04 18.79
CA GLU E 123 -66.89 -15.69 19.17
C GLU E 123 -66.46 -15.33 20.58
N GLN E 124 -66.85 -14.15 21.08
CA GLN E 124 -66.49 -13.78 22.44
C GLN E 124 -67.45 -14.38 23.46
N LEU E 125 -68.74 -14.47 23.12
CA LEU E 125 -69.69 -15.11 24.03
C LEU E 125 -69.44 -16.61 24.17
N LYS E 126 -68.74 -17.23 23.22
CA LYS E 126 -68.36 -18.63 23.33
C LYS E 126 -67.20 -18.81 24.32
N SER E 127 -67.01 -17.83 25.21
CA SER E 127 -65.96 -17.86 26.21
C SER E 127 -66.43 -17.50 27.61
N GLY E 128 -67.68 -17.06 27.79
CA GLY E 128 -68.20 -16.71 29.08
C GLY E 128 -68.18 -15.24 29.42
N THR E 129 -67.93 -14.36 28.45
CA THR E 129 -67.86 -12.93 28.68
C THR E 129 -68.52 -12.21 27.51
N ALA E 130 -69.11 -11.05 27.80
CA ALA E 130 -69.74 -10.21 26.78
C ALA E 130 -69.25 -8.78 26.98
N SER E 131 -68.69 -8.21 25.92
CA SER E 131 -68.22 -6.83 25.92
C SER E 131 -69.09 -6.03 24.96
N VAL E 132 -69.86 -5.08 25.48
CA VAL E 132 -70.65 -4.17 24.67
C VAL E 132 -69.90 -2.85 24.60
N VAL E 133 -69.72 -2.32 23.39
CA VAL E 133 -68.85 -1.16 23.21
C VAL E 133 -69.66 0.02 22.69
N CYS E 134 -69.40 1.20 23.25
CA CYS E 134 -69.99 2.45 22.77
C CYS E 134 -68.86 3.37 22.33
N LEU E 135 -68.91 3.79 21.07
CA LEU E 135 -67.87 4.60 20.45
C LEU E 135 -68.37 6.02 20.22
N LEU E 136 -67.54 7.00 20.60
CA LEU E 136 -67.78 8.42 20.37
C LEU E 136 -66.69 8.92 19.44
N ASN E 137 -67.06 9.18 18.19
CA ASN E 137 -66.11 9.54 17.14
C ASN E 137 -66.03 11.05 17.01
N ASN E 138 -64.81 11.59 17.17
CA ASN E 138 -64.45 12.96 16.82
C ASN E 138 -65.33 14.01 17.47
N PHE E 139 -65.00 14.41 18.70
CA PHE E 139 -65.75 15.44 19.42
C PHE E 139 -64.79 16.37 20.16
N TYR E 140 -65.33 17.53 20.56
CA TYR E 140 -64.66 18.58 21.34
C TYR E 140 -65.79 19.27 22.09
N PRO E 141 -65.69 19.45 23.42
CA PRO E 141 -64.55 19.05 24.26
C PRO E 141 -64.54 17.61 24.76
N ARG E 142 -63.52 17.29 25.54
CA ARG E 142 -63.32 15.93 25.99
C ARG E 142 -64.36 15.54 27.04
N GLU E 143 -64.89 16.53 27.75
CA GLU E 143 -65.91 16.28 28.77
C GLU E 143 -67.14 15.66 28.11
N ALA E 144 -67.44 14.42 28.48
CA ALA E 144 -68.59 13.72 27.95
C ALA E 144 -69.03 12.68 28.99
N LYS E 145 -70.34 12.47 29.09
CA LYS E 145 -70.88 11.49 30.02
C LYS E 145 -71.47 10.35 29.22
N VAL E 146 -71.02 9.13 29.51
CA VAL E 146 -71.54 7.93 28.89
C VAL E 146 -72.16 7.09 30.00
N GLN E 147 -73.46 6.82 29.89
CA GLN E 147 -74.19 6.05 30.88
C GLN E 147 -74.73 4.78 30.22
N TRP E 148 -74.42 3.64 30.83
CA TRP E 148 -74.86 2.35 30.30
C TRP E 148 -76.23 2.01 30.88
N LYS E 149 -77.07 1.42 30.04
CA LYS E 149 -78.46 1.14 30.38
C LYS E 149 -78.77 -0.27 29.94
N VAL E 150 -79.06 -1.15 30.90
CA VAL E 150 -79.46 -2.52 30.61
C VAL E 150 -80.88 -2.68 31.12
N ASP E 151 -81.84 -2.83 30.20
CA ASP E 151 -83.26 -2.88 30.55
C ASP E 151 -83.63 -1.70 31.44
N ASN E 152 -83.04 -0.54 31.14
CA ASN E 152 -83.20 0.71 31.87
C ASN E 152 -82.57 0.69 33.25
N ALA E 153 -81.67 -0.26 33.52
CA ALA E 153 -80.93 -0.28 34.78
C ALA E 153 -79.61 0.47 34.60
N LEU E 154 -79.42 1.52 35.38
CA LEU E 154 -78.15 2.25 35.37
C LEU E 154 -77.03 1.37 35.88
N GLN E 155 -75.99 1.20 35.07
CA GLN E 155 -74.87 0.35 35.43
C GLN E 155 -73.74 1.17 36.02
N SER E 156 -73.02 0.58 36.97
CA SER E 156 -71.92 1.25 37.64
C SER E 156 -70.96 0.19 38.17
N GLY E 157 -69.67 0.46 38.03
CA GLY E 157 -68.68 -0.52 38.44
C GLY E 157 -68.45 -1.62 37.43
N ASN E 158 -68.82 -1.39 36.17
CA ASN E 158 -68.63 -2.41 35.15
C ASN E 158 -68.31 -1.79 33.79
N SER E 159 -67.97 -0.51 33.72
CA SER E 159 -67.63 0.16 32.49
C SER E 159 -66.22 0.71 32.59
N GLN E 160 -65.51 0.69 31.46
CA GLN E 160 -64.17 1.26 31.39
C GLN E 160 -64.12 2.20 30.18
N GLU E 161 -63.66 3.43 30.40
CA GLU E 161 -63.58 4.44 29.36
C GLU E 161 -62.13 4.64 28.94
N SER E 162 -61.92 4.82 27.64
CA SER E 162 -60.60 5.12 27.09
C SER E 162 -60.74 6.28 26.12
N VAL E 163 -59.84 7.26 26.25
CA VAL E 163 -59.88 8.47 25.42
C VAL E 163 -58.59 8.55 24.62
N THR E 164 -58.73 8.96 23.36
CA THR E 164 -57.58 9.18 22.49
C THR E 164 -56.97 10.54 22.76
N GLU E 165 -55.75 10.73 22.26
CA GLU E 165 -55.12 12.03 22.27
C GLU E 165 -55.72 12.90 21.17
N GLN E 166 -55.44 14.21 21.24
CA GLN E 166 -56.01 15.15 20.29
C GLN E 166 -55.54 14.82 18.88
N ASP E 167 -56.47 14.78 17.93
CA ASP E 167 -56.15 14.46 16.55
C ASP E 167 -55.25 15.53 15.95
N SER E 168 -54.26 15.10 15.17
CA SER E 168 -53.31 16.00 14.53
C SER E 168 -53.80 16.53 13.19
N LYS E 169 -55.12 16.45 12.94
CA LYS E 169 -55.69 16.98 11.70
C LYS E 169 -56.96 17.79 11.90
N ASP E 170 -57.73 17.54 12.96
CA ASP E 170 -58.92 18.33 13.25
C ASP E 170 -59.10 18.60 14.73
N SER E 171 -58.13 18.22 15.57
CA SER E 171 -58.11 18.58 16.99
C SER E 171 -59.32 18.05 17.75
N THR E 172 -59.77 16.85 17.39
CA THR E 172 -60.91 16.22 18.04
C THR E 172 -60.46 15.05 18.89
N TYR E 173 -61.37 14.56 19.72
CA TYR E 173 -61.14 13.42 20.59
C TYR E 173 -62.10 12.30 20.26
N SER E 174 -61.73 11.09 20.64
CA SER E 174 -62.57 9.91 20.48
C SER E 174 -62.59 9.12 21.77
N LEU E 175 -63.76 8.55 22.10
CA LEU E 175 -63.95 7.86 23.36
C LEU E 175 -64.49 6.46 23.10
N SER E 176 -64.05 5.49 23.91
CA SER E 176 -64.54 4.12 23.82
C SER E 176 -64.92 3.66 25.22
N SER E 177 -66.20 3.36 25.41
CA SER E 177 -66.70 2.82 26.67
C SER E 177 -67.01 1.34 26.49
N THR E 178 -66.38 0.51 27.32
CA THR E 178 -66.58 -0.93 27.27
C THR E 178 -67.32 -1.38 28.53
N LEU E 179 -68.49 -1.96 28.33
CA LEU E 179 -69.29 -2.55 29.40
C LEU E 179 -69.14 -4.07 29.35
N THR E 180 -68.62 -4.65 30.42
CA THR E 180 -68.28 -6.06 30.47
C THR E 180 -69.20 -6.80 31.44
N LEU E 181 -69.83 -7.87 30.94
CA LEU E 181 -70.73 -8.68 31.73
C LEU E 181 -70.45 -10.16 31.52
N SER E 182 -70.97 -10.99 32.41
CA SER E 182 -70.93 -12.42 32.20
C SER E 182 -71.88 -12.81 31.08
N LYS E 183 -71.64 -13.98 30.48
CA LYS E 183 -72.50 -14.46 29.40
C LYS E 183 -73.94 -14.60 29.89
N ALA E 184 -74.12 -15.08 31.11
CA ALA E 184 -75.47 -15.23 31.66
C ALA E 184 -76.13 -13.86 31.86
N ASP E 185 -75.37 -12.91 32.41
CA ASP E 185 -75.89 -11.55 32.58
C ASP E 185 -76.25 -10.93 31.23
N TYR E 186 -75.51 -11.24 30.18
CA TYR E 186 -75.84 -10.71 28.86
C TYR E 186 -77.09 -11.38 28.31
N GLU E 187 -77.17 -12.71 28.40
CA GLU E 187 -78.30 -13.44 27.85
C GLU E 187 -79.59 -13.27 28.65
N LYS E 188 -79.53 -12.76 29.87
CA LYS E 188 -80.75 -12.63 30.64
C LYS E 188 -81.56 -11.39 30.25
N HIS E 189 -80.91 -10.36 29.74
CA HIS E 189 -81.57 -9.10 29.44
C HIS E 189 -81.72 -8.89 27.94
N LYS E 190 -82.48 -7.86 27.57
CA LYS E 190 -82.85 -7.61 26.19
C LYS E 190 -82.18 -6.36 25.63
N VAL E 191 -82.70 -5.19 26.00
CA VAL E 191 -82.22 -3.93 25.42
C VAL E 191 -80.92 -3.52 26.10
N TYR E 192 -79.94 -3.11 25.29
CA TYR E 192 -78.67 -2.60 25.78
C TYR E 192 -78.41 -1.25 25.11
N ALA E 193 -78.22 -0.21 25.91
CA ALA E 193 -78.11 1.15 25.41
C ALA E 193 -76.96 1.87 26.07
N CYS E 194 -76.38 2.82 25.33
CA CYS E 194 -75.46 3.79 25.90
C CYS E 194 -75.99 5.19 25.58
N GLU E 195 -76.16 6.00 26.62
CA GLU E 195 -76.62 7.38 26.50
C GLU E 195 -75.43 8.31 26.69
N VAL E 196 -75.24 9.22 25.74
CA VAL E 196 -74.11 10.13 25.71
C VAL E 196 -74.63 11.55 25.87
N THR E 197 -74.04 12.28 26.81
CA THR E 197 -74.33 13.69 27.04
C THR E 197 -73.06 14.49 26.78
N HIS E 198 -73.16 15.47 25.89
CA HIS E 198 -72.03 16.28 25.46
C HIS E 198 -72.53 17.67 25.12
N GLN E 199 -71.67 18.67 25.33
CA GLN E 199 -72.07 20.06 25.10
C GLN E 199 -72.43 20.33 23.65
N GLY E 200 -71.97 19.51 22.72
CA GLY E 200 -72.33 19.69 21.32
C GLY E 200 -73.67 19.13 20.92
N LEU E 201 -74.34 18.41 21.83
CA LEU E 201 -75.65 17.84 21.59
C LEU E 201 -76.66 18.49 22.52
N SER E 202 -77.73 19.04 21.94
CA SER E 202 -78.78 19.65 22.76
C SER E 202 -79.49 18.61 23.61
N SER E 203 -79.76 17.44 23.05
CA SER E 203 -80.40 16.35 23.77
C SER E 203 -79.45 15.17 23.93
N PRO E 204 -79.45 14.51 25.08
CA PRO E 204 -78.62 13.30 25.25
C PRO E 204 -78.99 12.25 24.22
N VAL E 205 -77.97 11.74 23.52
CA VAL E 205 -78.17 10.80 22.41
C VAL E 205 -77.98 9.39 22.92
N THR E 206 -79.02 8.57 22.83
CA THR E 206 -78.98 7.19 23.30
C THR E 206 -79.00 6.25 22.11
N LYS E 207 -78.03 5.33 22.07
CA LYS E 207 -77.98 4.30 21.04
C LYS E 207 -78.13 2.94 21.69
N SER E 208 -79.06 2.14 21.17
CA SER E 208 -79.45 0.89 21.81
C SER E 208 -79.55 -0.21 20.77
N PHE E 209 -79.65 -1.44 21.26
CA PHE E 209 -79.92 -2.60 20.42
C PHE E 209 -80.59 -3.69 21.24
N ASN E 210 -81.26 -4.60 20.53
CA ASN E 210 -81.89 -5.77 21.12
C ASN E 210 -81.14 -7.01 20.64
N ARG E 211 -80.70 -7.85 21.57
CA ARG E 211 -79.96 -9.04 21.21
C ARG E 211 -80.85 -10.10 20.58
N ASP F 1 54.20 -23.59 -46.53
CA ASP F 1 53.06 -22.89 -45.95
C ASP F 1 52.17 -23.86 -45.16
N ILE F 2 52.69 -24.37 -44.04
CA ILE F 2 51.92 -25.26 -43.19
C ILE F 2 50.98 -24.40 -42.35
N GLN F 3 49.68 -24.56 -42.58
CA GLN F 3 48.67 -23.77 -41.90
C GLN F 3 48.08 -24.55 -40.72
N MET F 4 47.75 -23.83 -39.66
CA MET F 4 47.14 -24.39 -38.47
C MET F 4 45.70 -23.90 -38.38
N THR F 5 44.75 -24.83 -38.30
CA THR F 5 43.34 -24.50 -38.17
C THR F 5 42.84 -25.01 -36.83
N GLN F 6 42.37 -24.08 -35.98
CA GLN F 6 41.75 -24.44 -34.72
C GLN F 6 40.24 -24.55 -34.93
N THR F 7 39.66 -25.67 -34.48
CA THR F 7 38.26 -25.96 -34.78
C THR F 7 37.31 -24.98 -34.12
N THR F 8 37.67 -24.44 -32.96
CA THR F 8 36.82 -23.55 -32.20
C THR F 8 37.59 -22.29 -31.83
N SER F 9 36.88 -21.19 -31.66
CA SER F 9 37.51 -19.93 -31.29
C SER F 9 37.32 -19.56 -29.82
N SER F 10 36.20 -19.93 -29.21
CA SER F 10 35.96 -19.66 -27.80
C SER F 10 35.23 -20.85 -27.20
N LEU F 11 35.67 -21.29 -26.03
CA LEU F 11 35.07 -22.42 -25.34
C LEU F 11 34.66 -22.00 -23.94
N SER F 12 33.47 -22.45 -23.54
CA SER F 12 32.91 -22.14 -22.23
C SER F 12 32.62 -23.45 -21.51
N ALA F 13 33.08 -23.54 -20.27
CA ALA F 13 32.89 -24.75 -19.48
C ALA F 13 32.95 -24.38 -18.00
N SER F 14 32.44 -25.29 -17.17
CA SER F 14 32.35 -25.05 -15.74
C SER F 14 33.63 -25.47 -15.03
N LEU F 15 33.70 -25.14 -13.74
CA LEU F 15 34.83 -25.51 -12.92
C LEU F 15 34.85 -27.02 -12.68
N GLY F 16 36.04 -27.62 -12.82
CA GLY F 16 36.18 -29.05 -12.68
C GLY F 16 35.87 -29.85 -13.92
N ASP F 17 35.52 -29.21 -15.03
CA ASP F 17 35.15 -29.90 -16.24
C ASP F 17 36.38 -30.22 -17.09
N ARG F 18 36.15 -30.84 -18.24
CA ARG F 18 37.20 -31.25 -19.16
C ARG F 18 36.97 -30.57 -20.50
N VAL F 19 37.99 -29.88 -21.01
CA VAL F 19 37.89 -29.21 -22.30
C VAL F 19 38.96 -29.76 -23.22
N THR F 20 38.63 -29.86 -24.51
CA THR F 20 39.55 -30.35 -25.53
C THR F 20 39.57 -29.36 -26.68
N ILE F 21 40.75 -28.78 -26.94
CA ILE F 21 40.97 -27.87 -28.05
C ILE F 21 41.76 -28.63 -29.12
N SER F 22 41.26 -28.61 -30.35
CA SER F 22 41.86 -29.35 -31.44
C SER F 22 42.51 -28.40 -32.44
N CYS F 23 43.60 -28.88 -33.03
CA CYS F 23 44.35 -28.17 -34.06
C CYS F 23 44.58 -29.13 -35.22
N ARG F 24 44.56 -28.59 -36.43
CA ARG F 24 44.72 -29.40 -37.63
C ARG F 24 45.75 -28.75 -38.54
N ALA F 25 46.69 -29.55 -39.01
CA ALA F 25 47.77 -29.10 -39.87
C ALA F 25 47.46 -29.42 -41.33
N SER F 26 47.92 -28.53 -42.22
CA SER F 26 47.80 -28.75 -43.65
C SER F 26 48.72 -29.85 -44.14
N GLN F 27 49.68 -30.28 -43.32
CA GLN F 27 50.65 -31.30 -43.68
C GLN F 27 51.08 -32.03 -42.42
N ASP F 28 51.76 -33.16 -42.61
CA ASP F 28 52.31 -33.88 -41.48
C ASP F 28 53.39 -33.03 -40.82
N ILE F 29 53.30 -32.86 -39.51
CA ILE F 29 54.29 -32.06 -38.79
C ILE F 29 55.09 -32.90 -37.79
N SER F 30 54.96 -34.23 -37.85
CA SER F 30 55.82 -35.16 -37.10
C SER F 30 55.88 -34.80 -35.62
N ASN F 31 54.71 -34.56 -35.03
CA ASN F 31 54.53 -34.30 -33.61
C ASN F 31 55.24 -33.04 -33.13
N TYR F 32 55.78 -32.23 -34.04
CA TYR F 32 56.43 -30.98 -33.66
C TYR F 32 55.39 -29.88 -33.49
N LEU F 33 54.50 -30.09 -32.53
CA LEU F 33 53.41 -29.18 -32.23
C LEU F 33 53.48 -28.80 -30.76
N ASN F 34 53.36 -27.51 -30.48
CA ASN F 34 53.40 -26.98 -29.13
C ASN F 34 52.13 -26.21 -28.84
N TRP F 35 51.73 -26.22 -27.57
CA TRP F 35 50.56 -25.51 -27.07
C TRP F 35 51.00 -24.45 -26.08
N TYR F 36 50.58 -23.21 -26.35
CA TYR F 36 50.89 -22.03 -25.55
C TYR F 36 49.62 -21.44 -24.95
N GLN F 37 49.78 -20.82 -23.79
CA GLN F 37 48.70 -20.16 -23.06
C GLN F 37 49.02 -18.68 -22.93
N GLN F 38 48.11 -17.84 -23.40
CA GLN F 38 48.22 -16.38 -23.29
C GLN F 38 47.15 -15.88 -22.34
N LYS F 39 47.60 -15.27 -21.24
CA LYS F 39 46.68 -14.72 -20.25
C LYS F 39 46.23 -13.32 -20.69
N PRO F 40 45.12 -12.83 -20.13
CA PRO F 40 44.59 -11.52 -20.57
C PRO F 40 45.59 -10.38 -20.57
N ASP F 41 46.62 -10.42 -19.73
CA ASP F 41 47.61 -9.35 -19.71
C ASP F 41 48.62 -9.46 -20.85
N GLY F 42 48.50 -10.46 -21.72
CA GLY F 42 49.41 -10.64 -22.82
C GLY F 42 50.57 -11.56 -22.57
N THR F 43 50.74 -12.07 -21.35
CA THR F 43 51.83 -12.98 -21.05
C THR F 43 51.59 -14.32 -21.71
N VAL F 44 52.61 -14.85 -22.37
CA VAL F 44 52.54 -16.11 -23.08
C VAL F 44 53.45 -17.11 -22.37
N LYS F 45 52.94 -18.31 -22.13
CA LYS F 45 53.72 -19.37 -21.49
C LYS F 45 53.51 -20.67 -22.23
N LEU F 46 54.61 -21.39 -22.45
CA LEU F 46 54.56 -22.68 -23.12
C LEU F 46 54.00 -23.73 -22.17
N LEU F 47 52.87 -24.34 -22.56
CA LEU F 47 52.29 -25.41 -21.76
C LEU F 47 52.81 -26.78 -22.17
N ILE F 48 52.75 -27.10 -23.45
CA ILE F 48 53.11 -28.43 -23.91
C ILE F 48 54.00 -28.32 -25.15
N TYR F 49 55.03 -29.16 -25.21
CA TYR F 49 55.90 -29.24 -26.37
C TYR F 49 55.95 -30.68 -26.87
N TYR F 50 56.25 -30.83 -28.16
CA TYR F 50 56.30 -32.14 -28.82
C TYR F 50 55.03 -32.95 -28.53
N THR F 51 53.90 -32.38 -28.92
CA THR F 51 52.58 -32.99 -28.83
C THR F 51 52.10 -33.22 -27.39
N SER F 52 52.91 -33.90 -26.58
CA SER F 52 52.43 -34.36 -25.27
C SER F 52 53.36 -34.07 -24.11
N ARG F 53 54.55 -33.52 -24.34
CA ARG F 53 55.51 -33.33 -23.26
C ARG F 53 55.16 -32.10 -22.45
N LEU F 54 54.95 -32.30 -21.16
CA LEU F 54 54.55 -31.24 -20.25
C LEU F 54 55.77 -30.43 -19.77
N ARG F 55 55.69 -29.11 -19.92
CA ARG F 55 56.76 -28.26 -19.42
C ARG F 55 56.80 -28.32 -17.90
N SER F 56 58.00 -28.34 -17.33
CA SER F 56 58.14 -28.44 -15.89
C SER F 56 57.55 -27.21 -15.22
N GLY F 57 56.60 -27.44 -14.30
CA GLY F 57 55.86 -26.38 -13.65
C GLY F 57 54.39 -26.34 -14.04
N VAL F 58 54.06 -26.83 -15.21
CA VAL F 58 52.68 -26.84 -15.67
C VAL F 58 51.95 -28.02 -15.04
N PRO F 59 50.74 -27.83 -14.52
CA PRO F 59 50.02 -28.93 -13.88
C PRO F 59 49.76 -30.10 -14.82
N SER F 60 49.66 -31.30 -14.24
CA SER F 60 49.34 -32.49 -15.02
C SER F 60 47.91 -32.47 -15.54
N ARG F 61 47.08 -31.52 -15.09
CA ARG F 61 45.74 -31.36 -15.64
C ARG F 61 45.78 -31.00 -17.12
N PHE F 62 46.90 -30.46 -17.61
CA PHE F 62 47.08 -30.21 -19.03
C PHE F 62 47.70 -31.44 -19.67
N SER F 63 47.15 -31.86 -20.80
CA SER F 63 47.64 -33.04 -21.50
C SER F 63 47.57 -32.80 -23.01
N GLY F 64 48.37 -33.56 -23.75
CA GLY F 64 48.43 -33.42 -25.18
C GLY F 64 48.34 -34.77 -25.88
N SER F 65 47.88 -34.72 -27.12
CA SER F 65 47.75 -35.92 -27.93
C SER F 65 47.78 -35.52 -29.40
N GLY F 66 47.94 -36.51 -30.27
CA GLY F 66 47.89 -36.24 -31.69
C GLY F 66 48.90 -36.99 -32.55
N SER F 67 48.70 -36.89 -33.86
CA SER F 67 49.56 -37.54 -34.84
C SER F 67 49.32 -36.87 -36.19
N GLY F 68 50.30 -37.01 -37.07
CA GLY F 68 50.14 -36.56 -38.44
C GLY F 68 49.79 -35.10 -38.57
N THR F 69 48.50 -34.83 -38.80
CA THR F 69 47.99 -33.48 -38.96
C THR F 69 47.02 -33.06 -37.86
N ASP F 70 46.57 -33.98 -37.02
CA ASP F 70 45.55 -33.71 -36.01
C ASP F 70 46.17 -33.77 -34.63
N TYR F 71 45.99 -32.71 -33.83
CA TYR F 71 46.56 -32.63 -32.50
C TYR F 71 45.54 -32.02 -31.55
N SER F 72 45.69 -32.32 -30.27
CA SER F 72 44.67 -31.95 -29.28
C SER F 72 45.32 -31.65 -27.94
N LEU F 73 44.80 -30.60 -27.29
CA LEU F 73 45.18 -30.23 -25.93
C LEU F 73 43.96 -30.35 -25.04
N THR F 74 44.11 -31.04 -23.91
CA THR F 74 43.00 -31.31 -23.00
C THR F 74 43.32 -30.75 -21.62
N ILE F 75 42.36 -30.05 -21.04
CA ILE F 75 42.46 -29.52 -19.68
C ILE F 75 41.44 -30.25 -18.82
N ASN F 76 41.94 -31.00 -17.84
CA ASN F 76 41.14 -31.74 -16.87
C ASN F 76 40.98 -30.92 -15.60
N ASN F 77 39.82 -31.10 -14.94
CA ASN F 77 39.49 -30.40 -13.71
C ASN F 77 39.78 -28.90 -13.84
N LEU F 78 38.96 -28.27 -14.68
CA LEU F 78 39.15 -26.87 -15.03
C LEU F 78 39.18 -26.00 -13.77
N GLU F 79 40.20 -25.15 -13.67
CA GLU F 79 40.34 -24.22 -12.55
C GLU F 79 40.23 -22.80 -13.07
N GLN F 80 40.00 -21.87 -12.14
CA GLN F 80 39.76 -20.47 -12.53
C GLN F 80 40.99 -19.81 -13.13
N GLU F 81 42.18 -20.30 -12.83
CA GLU F 81 43.40 -19.71 -13.39
C GLU F 81 43.62 -20.10 -14.85
N ASP F 82 42.80 -20.97 -15.42
CA ASP F 82 42.96 -21.43 -16.79
C ASP F 82 42.22 -20.55 -17.79
N ILE F 83 41.55 -19.49 -17.34
CA ILE F 83 40.93 -18.52 -18.24
C ILE F 83 42.03 -17.84 -19.03
N ALA F 84 42.10 -18.13 -20.33
CA ALA F 84 43.16 -17.62 -21.19
C ALA F 84 42.85 -18.03 -22.63
N THR F 85 43.69 -17.61 -23.55
CA THR F 85 43.64 -18.06 -24.93
C THR F 85 44.72 -19.10 -25.16
N TYR F 86 44.42 -20.11 -25.97
CA TYR F 86 45.33 -21.23 -26.19
C TYR F 86 45.64 -21.35 -27.68
N PHE F 87 46.93 -21.42 -28.00
CA PHE F 87 47.41 -21.47 -29.38
C PHE F 87 48.20 -22.74 -29.63
N CYS F 88 48.03 -23.31 -30.82
CA CYS F 88 48.90 -24.36 -31.32
C CYS F 88 49.96 -23.75 -32.24
N GLN F 89 51.10 -24.43 -32.34
CA GLN F 89 52.20 -23.95 -33.17
C GLN F 89 53.02 -25.12 -33.68
N GLN F 90 53.22 -25.18 -35.00
CA GLN F 90 54.05 -26.22 -35.60
C GLN F 90 55.49 -25.76 -35.74
N GLY F 91 56.41 -26.71 -35.63
CA GLY F 91 57.82 -26.44 -35.83
C GLY F 91 58.48 -27.41 -36.78
N ASN F 92 57.69 -28.13 -37.58
CA ASN F 92 58.26 -29.14 -38.46
C ASN F 92 59.05 -28.51 -39.59
N THR F 93 58.49 -27.49 -40.23
CA THR F 93 59.17 -26.76 -41.29
C THR F 93 59.06 -25.26 -41.03
N LEU F 94 59.91 -24.50 -41.71
CA LEU F 94 59.88 -23.05 -41.65
C LEU F 94 59.02 -22.51 -42.79
N PRO F 95 58.19 -21.47 -42.54
CA PRO F 95 58.12 -20.73 -41.28
C PRO F 95 57.29 -21.43 -40.21
N PHE F 96 57.62 -21.17 -38.94
CA PHE F 96 56.73 -21.57 -37.86
C PHE F 96 55.39 -20.91 -38.04
N THR F 97 54.30 -21.64 -37.80
CA THR F 97 52.97 -21.09 -37.91
C THR F 97 52.16 -21.42 -36.66
N PHE F 98 51.17 -20.58 -36.38
CA PHE F 98 50.33 -20.71 -35.21
C PHE F 98 48.88 -20.91 -35.63
N GLY F 99 48.06 -21.35 -34.66
CA GLY F 99 46.63 -21.43 -34.86
C GLY F 99 45.95 -20.10 -34.57
N SER F 100 44.65 -20.05 -34.91
CA SER F 100 43.88 -18.84 -34.68
C SER F 100 43.72 -18.54 -33.19
N GLY F 101 43.73 -19.57 -32.36
CA GLY F 101 43.58 -19.39 -30.92
C GLY F 101 42.19 -19.75 -30.45
N THR F 102 42.10 -20.26 -29.23
CA THR F 102 40.83 -20.60 -28.61
C THR F 102 40.75 -19.95 -27.23
N LYS F 103 39.76 -19.09 -27.03
CA LYS F 103 39.54 -18.45 -25.74
C LYS F 103 38.72 -19.36 -24.84
N LEU F 104 39.17 -19.55 -23.61
CA LEU F 104 38.48 -20.40 -22.64
C LEU F 104 37.78 -19.52 -21.62
N GLU F 105 36.46 -19.64 -21.54
CA GLU F 105 35.65 -18.89 -20.60
C GLU F 105 35.07 -19.85 -19.56
N ILE F 106 35.02 -19.41 -18.32
CA ILE F 106 34.50 -20.22 -17.22
C ILE F 106 33.00 -20.02 -17.09
N LYS F 107 32.27 -21.12 -17.05
CA LYS F 107 30.82 -21.09 -16.86
C LYS F 107 30.52 -21.12 -15.37
N ARG F 108 29.63 -20.25 -14.91
CA ARG F 108 29.30 -20.13 -13.51
C ARG F 108 27.82 -19.85 -13.34
N THR F 109 27.39 -19.70 -12.08
CA THR F 109 26.00 -19.41 -11.81
C THR F 109 25.66 -17.99 -12.27
N VAL F 110 24.36 -17.77 -12.50
CA VAL F 110 23.91 -16.47 -12.98
C VAL F 110 24.05 -15.45 -11.87
N ALA F 111 24.64 -14.30 -12.19
CA ALA F 111 24.84 -13.21 -11.25
C ALA F 111 24.21 -11.95 -11.80
N ALA F 112 23.37 -11.31 -11.00
CA ALA F 112 22.73 -10.07 -11.43
C ALA F 112 23.71 -8.91 -11.33
N PRO F 113 23.71 -7.99 -12.29
CA PRO F 113 24.67 -6.89 -12.26
C PRO F 113 24.31 -5.86 -11.19
N SER F 114 25.33 -5.26 -10.61
CA SER F 114 25.15 -4.12 -9.73
C SER F 114 25.16 -2.85 -10.59
N VAL F 115 24.05 -2.12 -10.58
CA VAL F 115 23.86 -1.00 -11.49
C VAL F 115 24.16 0.30 -10.76
N PHE F 116 25.04 1.11 -11.34
CA PHE F 116 25.39 2.43 -10.81
C PHE F 116 25.28 3.45 -11.92
N ILE F 117 25.02 4.70 -11.55
CA ILE F 117 24.95 5.81 -12.50
C ILE F 117 25.87 6.92 -12.01
N PHE F 118 26.49 7.61 -12.94
CA PHE F 118 27.45 8.68 -12.65
C PHE F 118 27.08 9.89 -13.51
N PRO F 119 26.68 11.01 -12.91
CA PRO F 119 26.42 12.21 -13.69
C PRO F 119 27.72 12.87 -14.14
N PRO F 120 27.67 13.73 -15.14
CA PRO F 120 28.90 14.37 -15.63
C PRO F 120 29.50 15.28 -14.58
N SER F 121 30.83 15.37 -14.60
CA SER F 121 31.55 16.25 -13.70
C SER F 121 31.43 17.70 -14.14
N ASP F 122 31.41 18.60 -13.16
CA ASP F 122 31.42 20.03 -13.49
C ASP F 122 32.70 20.44 -14.18
N GLU F 123 33.82 19.78 -13.84
CA GLU F 123 35.08 20.09 -14.52
C GLU F 123 35.04 19.68 -15.99
N GLN F 124 34.24 18.67 -16.33
CA GLN F 124 34.06 18.32 -17.73
C GLN F 124 33.01 19.20 -18.38
N LEU F 125 31.98 19.59 -17.62
CA LEU F 125 30.99 20.51 -18.13
C LEU F 125 31.59 21.89 -18.41
N LYS F 126 32.71 22.23 -17.77
CA LYS F 126 33.38 23.48 -18.12
C LYS F 126 34.13 23.39 -19.44
N SER F 127 33.78 22.43 -20.32
CA SER F 127 34.47 22.23 -21.59
C SER F 127 33.54 22.08 -22.79
N GLY F 128 32.23 22.00 -22.59
CA GLY F 128 31.29 21.85 -23.68
C GLY F 128 30.82 20.43 -23.95
N THR F 129 31.10 19.49 -23.05
CA THR F 129 30.70 18.10 -23.22
C THR F 129 30.25 17.54 -21.88
N ALA F 130 29.30 16.62 -21.93
CA ALA F 130 28.80 15.94 -20.74
C ALA F 130 28.77 14.44 -21.02
N SER F 131 29.45 13.67 -20.18
CA SER F 131 29.48 12.22 -20.28
C SER F 131 28.78 11.64 -19.06
N VAL F 132 27.66 10.96 -19.29
CA VAL F 132 26.92 10.26 -18.24
C VAL F 132 27.26 8.78 -18.34
N VAL F 133 27.61 8.17 -17.22
CA VAL F 133 28.13 6.81 -17.23
C VAL F 133 27.18 5.89 -16.49
N CYS F 134 26.94 4.71 -17.07
CA CYS F 134 26.16 3.65 -16.44
C CYS F 134 27.07 2.44 -16.29
N LEU F 135 27.24 1.99 -15.05
CA LEU F 135 28.15 0.90 -14.72
C LEU F 135 27.36 -0.34 -14.32
N LEU F 136 27.76 -1.48 -14.87
CA LEU F 136 27.23 -2.80 -14.52
C LEU F 136 28.39 -3.59 -13.92
N ASN F 137 28.35 -3.76 -12.60
CA ASN F 137 29.44 -4.39 -11.86
C ASN F 137 29.15 -5.87 -11.68
N ASN F 138 30.07 -6.71 -12.16
CA ASN F 138 30.14 -8.13 -11.86
C ASN F 138 28.83 -8.87 -12.15
N PHE F 139 28.65 -9.30 -13.39
CA PHE F 139 27.47 -10.05 -13.80
C PHE F 139 27.88 -11.19 -14.73
N TYR F 140 26.97 -12.16 -14.88
CA TYR F 140 27.15 -13.30 -15.76
C TYR F 140 25.77 -13.77 -16.18
N PRO F 141 25.55 -14.04 -17.48
CA PRO F 141 26.52 -13.96 -18.57
C PRO F 141 26.71 -12.57 -19.14
N ARG F 142 27.52 -12.49 -20.21
CA ARG F 142 27.94 -11.20 -20.76
C ARG F 142 26.79 -10.48 -21.46
N GLU F 143 25.80 -11.23 -21.97
CA GLU F 143 24.68 -10.63 -22.68
C GLU F 143 23.91 -9.69 -21.76
N ALA F 144 23.89 -8.40 -22.10
CA ALA F 144 23.16 -7.40 -21.34
C ALA F 144 22.81 -6.25 -22.26
N LYS F 145 21.62 -5.68 -22.06
CA LYS F 145 21.20 -4.52 -22.84
C LYS F 145 21.05 -3.32 -21.92
N VAL F 146 21.73 -2.22 -22.27
CA VAL F 146 21.65 -0.97 -21.54
C VAL F 146 21.08 0.08 -22.48
N GLN F 147 19.94 0.67 -22.10
CA GLN F 147 19.26 1.68 -22.91
C GLN F 147 19.22 3.00 -22.15
N TRP F 148 19.69 4.06 -22.80
CA TRP F 148 19.73 5.39 -22.20
C TRP F 148 18.42 6.13 -22.47
N LYS F 149 17.95 6.86 -21.46
CA LYS F 149 16.67 7.57 -21.54
C LYS F 149 16.80 8.96 -20.94
N VAL F 150 16.55 9.97 -21.77
CA VAL F 150 16.54 11.37 -21.34
C VAL F 150 15.12 11.89 -21.41
N ASP F 151 14.55 12.23 -20.26
CA ASP F 151 13.13 12.61 -20.18
C ASP F 151 12.26 11.55 -20.83
N ASN F 152 12.68 10.29 -20.65
CA ASN F 152 12.06 9.08 -21.19
C ASN F 152 12.20 8.95 -22.70
N ALA F 153 13.13 9.68 -23.31
CA ALA F 153 13.40 9.52 -24.74
C ALA F 153 14.51 8.48 -24.91
N LEU F 154 14.19 7.38 -25.59
CA LEU F 154 15.19 6.36 -25.87
C LEU F 154 16.26 6.94 -26.80
N GLN F 155 17.50 6.91 -26.34
CA GLN F 155 18.61 7.47 -27.10
C GLN F 155 19.35 6.37 -27.86
N SER F 156 19.86 6.75 -29.03
CA SER F 156 20.62 5.84 -29.89
C SER F 156 21.52 6.67 -30.80
N GLY F 157 22.73 6.17 -31.02
CA GLY F 157 23.74 6.89 -31.75
C GLY F 157 24.52 7.89 -30.92
N ASN F 158 24.54 7.71 -29.59
CA ASN F 158 25.29 8.59 -28.72
C ASN F 158 25.86 7.84 -27.51
N SER F 159 25.85 6.51 -27.51
CA SER F 159 26.37 5.72 -26.41
C SER F 159 27.50 4.82 -26.91
N GLN F 160 28.48 4.60 -26.03
CA GLN F 160 29.58 3.69 -26.31
C GLN F 160 29.70 2.72 -25.15
N GLU F 161 29.72 1.42 -25.46
CA GLU F 161 29.79 0.37 -24.45
C GLU F 161 31.18 -0.25 -24.44
N SER F 162 31.67 -0.55 -23.24
CA SER F 162 32.94 -1.24 -23.07
C SER F 162 32.75 -2.36 -22.06
N VAL F 163 33.25 -3.55 -22.39
CA VAL F 163 33.10 -4.72 -21.54
C VAL F 163 34.48 -5.21 -21.11
N THR F 164 34.60 -5.58 -19.85
CA THR F 164 35.85 -6.12 -19.32
C THR F 164 35.97 -7.61 -19.67
N GLU F 165 37.18 -8.12 -19.52
CA GLU F 165 37.41 -9.55 -19.63
C GLU F 165 36.92 -10.26 -18.37
N GLN F 166 36.79 -11.58 -18.46
CA GLN F 166 36.28 -12.34 -17.33
C GLN F 166 37.24 -12.25 -16.15
N ASP F 167 36.68 -11.96 -14.98
CA ASP F 167 37.50 -11.86 -13.77
C ASP F 167 38.08 -13.22 -13.41
N SER F 168 39.34 -13.23 -13.00
CA SER F 168 40.04 -14.45 -12.62
C SER F 168 39.80 -14.83 -11.16
N LYS F 169 38.76 -14.28 -10.54
CA LYS F 169 38.42 -14.58 -9.16
C LYS F 169 36.95 -14.87 -8.92
N ASP F 170 36.05 -14.36 -9.77
CA ASP F 170 34.64 -14.68 -9.66
C ASP F 170 33.97 -14.90 -11.00
N SER F 171 34.72 -14.88 -12.11
CA SER F 171 34.21 -15.26 -13.43
C SER F 171 33.04 -14.38 -13.86
N THR F 172 33.10 -13.11 -13.49
CA THR F 172 32.04 -12.17 -13.82
C THR F 172 32.54 -11.16 -14.84
N TYR F 173 31.60 -10.41 -15.41
CA TYR F 173 31.89 -9.37 -16.38
C TYR F 173 31.42 -8.03 -15.83
N SER F 174 31.98 -6.96 -16.36
CA SER F 174 31.60 -5.60 -16.01
C SER F 174 31.44 -4.78 -17.28
N LEU F 175 30.46 -3.90 -17.29
CA LEU F 175 30.13 -3.12 -18.47
C LEU F 175 30.10 -1.64 -18.10
N SER F 176 30.56 -0.79 -19.02
CA SER F 176 30.52 0.66 -18.85
C SER F 176 29.91 1.26 -20.10
N SER F 177 28.76 1.89 -19.96
CA SER F 177 28.10 2.58 -21.06
C SER F 177 28.26 4.09 -20.83
N THR F 178 28.84 4.78 -21.80
CA THR F 178 29.06 6.21 -21.72
C THR F 178 28.19 6.90 -22.76
N LEU F 179 27.30 7.77 -22.29
CA LEU F 179 26.47 8.60 -23.15
C LEU F 179 27.07 9.99 -23.18
N THR F 180 27.48 10.44 -24.37
CA THR F 180 28.18 11.70 -24.53
C THR F 180 27.28 12.67 -25.30
N LEU F 181 27.05 13.83 -24.71
CA LEU F 181 26.21 14.85 -25.32
C LEU F 181 26.89 16.21 -25.16
N SER F 182 26.42 17.19 -25.91
CA SER F 182 26.91 18.54 -25.72
C SER F 182 26.44 19.11 -24.39
N LYS F 183 27.16 20.14 -23.93
CA LYS F 183 26.79 20.80 -22.68
C LYS F 183 25.38 21.38 -22.75
N ALA F 184 25.02 21.95 -23.89
CA ALA F 184 23.69 22.50 -24.04
C ALA F 184 22.63 21.41 -24.02
N ASP F 185 22.90 20.29 -24.71
CA ASP F 185 21.99 19.16 -24.65
C ASP F 185 21.85 18.63 -23.24
N TYR F 186 22.92 18.70 -22.44
CA TYR F 186 22.83 18.28 -21.05
C TYR F 186 21.98 19.23 -20.23
N GLU F 187 22.21 20.53 -20.37
CA GLU F 187 21.46 21.53 -19.61
C GLU F 187 20.02 21.67 -20.08
N LYS F 188 19.67 21.14 -21.25
CA LYS F 188 18.31 21.28 -21.76
C LYS F 188 17.34 20.30 -21.12
N HIS F 189 17.81 19.14 -20.69
CA HIS F 189 16.95 18.09 -20.16
C HIS F 189 17.13 17.95 -18.66
N LYS F 190 16.24 17.15 -18.05
CA LYS F 190 16.19 17.00 -16.60
C LYS F 190 16.62 15.61 -16.16
N VAL F 191 15.73 14.63 -16.34
CA VAL F 191 15.96 13.27 -15.84
C VAL F 191 16.92 12.55 -16.78
N TYR F 192 17.89 11.84 -16.19
CA TYR F 192 18.85 11.04 -16.93
C TYR F 192 18.82 9.63 -16.37
N ALA F 193 18.52 8.65 -17.20
CA ALA F 193 18.34 7.29 -16.72
C ALA F 193 19.01 6.30 -17.65
N CYS F 194 19.47 5.19 -17.08
CA CYS F 194 19.89 4.03 -17.84
C CYS F 194 19.10 2.82 -17.34
N GLU F 195 18.44 2.14 -18.26
CA GLU F 195 17.66 0.94 -17.96
C GLU F 195 18.45 -0.27 -18.42
N VAL F 196 18.62 -1.24 -17.53
CA VAL F 196 19.43 -2.43 -17.77
C VAL F 196 18.52 -3.65 -17.76
N THR F 197 18.62 -4.45 -18.81
CA THR F 197 17.92 -5.72 -18.92
C THR F 197 18.95 -6.84 -19.05
N HIS F 198 18.86 -7.82 -18.15
CA HIS F 198 19.80 -8.92 -18.02
C HIS F 198 19.05 -10.15 -17.50
N GLN F 199 19.51 -11.32 -17.91
CA GLN F 199 18.84 -12.57 -17.54
C GLN F 199 18.84 -12.81 -16.03
N GLY F 200 19.76 -12.18 -15.29
CA GLY F 200 19.79 -12.34 -13.84
C GLY F 200 18.84 -11.45 -13.08
N LEU F 201 18.16 -10.54 -13.75
CA LEU F 201 17.19 -9.64 -13.12
C LEU F 201 15.81 -9.93 -13.67
N SER F 202 14.86 -10.19 -12.76
CA SER F 202 13.48 -10.44 -13.20
C SER F 202 12.86 -9.20 -13.81
N SER F 203 13.13 -8.02 -13.23
CA SER F 203 12.62 -6.78 -13.74
C SER F 203 13.75 -5.91 -14.27
N PRO F 204 13.54 -5.23 -15.40
CA PRO F 204 14.57 -4.28 -15.89
C PRO F 204 14.84 -3.22 -14.84
N VAL F 205 16.12 -3.04 -14.50
CA VAL F 205 16.53 -2.15 -13.42
C VAL F 205 16.95 -0.82 -14.02
N THR F 206 16.24 0.24 -13.67
CA THR F 206 16.53 1.58 -14.19
C THR F 206 17.11 2.43 -13.08
N LYS F 207 18.28 3.03 -13.35
CA LYS F 207 18.93 3.94 -12.41
C LYS F 207 18.99 5.32 -13.04
N SER F 208 18.51 6.33 -12.30
CA SER F 208 18.33 7.66 -12.84
C SER F 208 18.84 8.70 -11.85
N PHE F 209 18.92 9.93 -12.35
CA PHE F 209 19.23 11.09 -11.52
C PHE F 209 18.62 12.33 -12.15
N ASN F 210 18.50 13.38 -11.34
CA ASN F 210 17.98 14.66 -11.78
C ASN F 210 19.11 15.67 -11.80
N ARG F 211 19.26 16.37 -12.93
CA ARG F 211 20.34 17.33 -13.10
C ARG F 211 20.11 18.58 -12.24
N GLU G 1 64.66 -15.55 -12.32
CA GLU G 1 66.00 -15.25 -12.82
C GLU G 1 65.91 -14.71 -14.24
N VAL G 2 65.51 -15.59 -15.15
CA VAL G 2 65.40 -15.25 -16.57
C VAL G 2 64.29 -14.21 -16.74
N GLN G 3 64.64 -12.97 -17.07
CA GLN G 3 63.61 -12.15 -17.69
C GLN G 3 64.06 -11.70 -19.06
N LEU G 4 63.04 -11.43 -19.89
CA LEU G 4 63.15 -10.96 -21.25
C LEU G 4 62.36 -9.66 -21.28
N GLN G 5 63.04 -8.55 -21.05
CA GLN G 5 62.38 -7.26 -20.95
C GLN G 5 62.36 -6.62 -22.33
N GLN G 6 61.17 -6.36 -22.84
CA GLN G 6 61.02 -5.77 -24.17
C GLN G 6 60.88 -4.25 -24.06
N SER G 7 61.11 -3.58 -25.17
CA SER G 7 61.03 -2.14 -25.18
C SER G 7 59.59 -1.68 -24.99
N GLY G 8 59.42 -0.40 -24.63
CA GLY G 8 58.13 0.13 -24.32
C GLY G 8 57.28 0.34 -25.56
N PRO G 9 56.05 0.79 -25.35
CA PRO G 9 55.13 1.04 -26.47
C PRO G 9 55.70 2.09 -27.41
N GLU G 10 55.42 1.92 -28.70
CA GLU G 10 55.97 2.79 -29.73
C GLU G 10 54.85 3.31 -30.62
N LEU G 11 54.95 4.59 -30.97
CA LEU G 11 54.07 5.24 -31.94
C LEU G 11 54.93 5.68 -33.11
N VAL G 12 54.61 5.19 -34.30
CA VAL G 12 55.43 5.40 -35.49
C VAL G 12 54.57 6.01 -36.58
N LYS G 13 55.14 6.94 -37.33
CA LYS G 13 54.45 7.53 -38.45
C LYS G 13 54.35 6.52 -39.60
N PRO G 14 53.29 6.58 -40.40
CA PRO G 14 53.18 5.66 -41.53
C PRO G 14 54.36 5.81 -42.48
N GLY G 15 54.93 4.68 -42.88
CA GLY G 15 56.08 4.67 -43.76
C GLY G 15 57.42 4.80 -43.07
N ALA G 16 57.45 5.11 -41.78
CA ALA G 16 58.70 5.29 -41.06
C ALA G 16 59.19 3.93 -40.57
N SER G 17 60.18 3.94 -39.67
CA SER G 17 60.77 2.72 -39.13
C SER G 17 60.71 2.76 -37.61
N VAL G 18 60.94 1.60 -37.00
CA VAL G 18 60.96 1.47 -35.55
C VAL G 18 61.90 0.33 -35.19
N LYS G 19 62.58 0.47 -34.06
CA LYS G 19 63.52 -0.53 -33.57
C LYS G 19 63.01 -1.06 -32.23
N ILE G 20 62.51 -2.28 -32.24
CA ILE G 20 62.07 -2.94 -31.01
C ILE G 20 63.27 -3.59 -30.36
N SER G 21 63.38 -3.43 -29.05
CA SER G 21 64.46 -4.00 -28.26
C SER G 21 63.93 -5.13 -27.40
N CYS G 22 64.80 -6.11 -27.15
CA CYS G 22 64.47 -7.23 -26.27
C CYS G 22 65.75 -7.59 -25.53
N LYS G 23 65.85 -7.17 -24.26
CA LYS G 23 67.04 -7.41 -23.46
C LYS G 23 66.82 -8.64 -22.59
N ALA G 24 67.79 -9.54 -22.59
CA ALA G 24 67.67 -10.75 -21.80
C ALA G 24 68.55 -10.66 -20.56
N SER G 25 68.24 -11.49 -19.57
CA SER G 25 69.02 -11.47 -18.34
C SER G 25 68.73 -12.72 -17.53
N GLY G 26 69.76 -13.22 -16.86
CA GLY G 26 69.68 -14.39 -16.03
C GLY G 26 69.99 -15.71 -16.70
N TYR G 27 70.50 -15.70 -17.93
CA TYR G 27 70.83 -16.93 -18.62
C TYR G 27 71.91 -16.63 -19.66
N THR G 28 72.66 -17.67 -20.02
CA THR G 28 73.68 -17.54 -21.05
C THR G 28 73.05 -17.09 -22.36
N PHE G 29 73.30 -15.84 -22.74
CA PHE G 29 72.59 -15.24 -23.87
C PHE G 29 72.88 -15.99 -25.16
N THR G 30 74.15 -16.33 -25.40
CA THR G 30 74.60 -16.86 -26.68
C THR G 30 74.43 -18.37 -26.78
N ASP G 31 73.55 -18.96 -25.96
CA ASP G 31 73.27 -20.39 -26.03
C ASP G 31 71.90 -20.67 -26.62
N TYR G 32 71.14 -19.63 -27.00
CA TYR G 32 69.77 -19.77 -27.44
C TYR G 32 69.59 -19.05 -28.77
N ASN G 33 68.40 -19.18 -29.34
CA ASN G 33 67.97 -18.42 -30.50
C ASN G 33 66.84 -17.49 -30.09
N MET G 34 66.76 -16.34 -30.75
CA MET G 34 65.73 -15.35 -30.46
C MET G 34 64.74 -15.32 -31.61
N HIS G 35 63.47 -15.56 -31.30
CA HIS G 35 62.40 -15.53 -32.28
C HIS G 35 61.54 -14.28 -32.09
N TRP G 36 60.97 -13.81 -33.19
CA TRP G 36 60.09 -12.66 -33.19
C TRP G 36 58.77 -13.05 -33.86
N VAL G 37 57.67 -12.75 -33.16
CA VAL G 37 56.31 -13.09 -33.59
C VAL G 37 55.44 -11.84 -33.53
N LYS G 38 54.47 -11.76 -34.44
CA LYS G 38 53.56 -10.62 -34.53
C LYS G 38 52.14 -11.07 -34.17
N GLN G 39 51.48 -10.32 -33.30
CA GLN G 39 50.09 -10.56 -32.91
C GLN G 39 49.25 -9.36 -33.31
N SER G 40 48.43 -9.53 -34.35
CA SER G 40 47.50 -8.52 -34.81
C SER G 40 46.08 -8.92 -34.44
N HIS G 41 45.17 -7.93 -34.50
CA HIS G 41 43.77 -8.07 -34.14
C HIS G 41 43.54 -8.55 -32.70
N GLY G 42 44.59 -8.91 -31.99
CA GLY G 42 44.47 -9.38 -30.63
C GLY G 42 44.58 -10.87 -30.43
N LYS G 43 44.72 -11.65 -31.52
CA LYS G 43 44.76 -13.10 -31.41
C LYS G 43 45.74 -13.70 -32.40
N ASN G 44 45.51 -13.47 -33.68
CA ASN G 44 46.29 -14.09 -34.75
C ASN G 44 47.79 -13.87 -34.56
N LEU G 45 48.53 -14.96 -34.45
CA LEU G 45 49.98 -14.91 -34.31
C LEU G 45 50.66 -15.18 -35.64
N GLU G 46 51.76 -14.49 -35.89
CA GLU G 46 52.52 -14.64 -37.13
C GLU G 46 54.00 -14.64 -36.79
N TRP G 47 54.68 -15.75 -37.08
CA TRP G 47 56.11 -15.87 -36.82
C TRP G 47 56.87 -14.98 -37.77
N ILE G 48 57.50 -13.93 -37.24
CA ILE G 48 58.27 -13.02 -38.08
C ILE G 48 59.60 -13.65 -38.48
N GLY G 49 60.35 -14.13 -37.50
CA GLY G 49 61.63 -14.72 -37.85
C GLY G 49 62.41 -15.13 -36.62
N PHE G 50 63.69 -15.46 -36.86
CA PHE G 50 64.57 -15.91 -35.79
C PHE G 50 65.99 -15.46 -36.09
N ILE G 51 66.81 -15.42 -35.05
CA ILE G 51 68.21 -15.04 -35.14
C ILE G 51 69.03 -15.90 -34.19
N TYR G 52 70.19 -16.37 -34.66
CA TYR G 52 71.15 -17.05 -33.80
C TYR G 52 71.83 -16.00 -32.94
N LEU G 53 71.61 -16.05 -31.61
CA LEU G 53 72.20 -15.07 -30.73
C LEU G 53 73.71 -15.22 -30.61
N TYR G 54 74.28 -16.34 -31.06
CA TYR G 54 75.71 -16.56 -31.00
C TYR G 54 76.43 -15.98 -32.21
N ASN G 55 76.12 -16.48 -33.40
CA ASN G 55 76.81 -16.11 -34.63
C ASN G 55 76.12 -14.98 -35.39
N GLY G 56 74.88 -14.66 -35.06
CA GLY G 56 74.15 -13.62 -35.74
C GLY G 56 73.42 -14.05 -37.00
N GLY G 57 73.43 -15.33 -37.32
CA GLY G 57 72.67 -15.80 -38.47
C GLY G 57 71.18 -15.60 -38.28
N THR G 58 70.49 -15.27 -39.37
CA THR G 58 69.08 -14.92 -39.30
C THR G 58 68.28 -15.79 -40.26
N GLY G 59 66.99 -15.87 -39.98
CA GLY G 59 66.04 -16.51 -40.86
C GLY G 59 64.72 -15.78 -40.78
N TYR G 60 64.04 -15.59 -41.90
CA TYR G 60 62.87 -14.73 -41.95
C TYR G 60 61.70 -15.45 -42.59
N ASN G 61 60.50 -15.07 -42.17
CA ASN G 61 59.30 -15.39 -42.94
C ASN G 61 59.29 -14.54 -44.20
N GLN G 62 58.94 -15.15 -45.33
CA GLN G 62 59.01 -14.44 -46.60
C GLN G 62 57.98 -13.31 -46.69
N ASN G 63 56.98 -13.29 -45.83
CA ASN G 63 56.07 -12.16 -45.76
C ASN G 63 56.61 -11.05 -44.86
N PHE G 64 57.83 -11.22 -44.37
CA PHE G 64 58.46 -10.22 -43.51
C PHE G 64 59.90 -9.93 -43.89
N LYS G 65 60.44 -10.54 -44.95
CA LYS G 65 61.86 -10.39 -45.22
C LYS G 65 62.17 -8.95 -45.58
N SER G 66 61.39 -8.41 -46.50
CA SER G 66 61.54 -7.01 -46.84
C SER G 66 60.52 -6.18 -46.11
N LYS G 67 60.42 -6.40 -44.79
CA LYS G 67 59.81 -5.53 -43.79
C LYS G 67 60.62 -5.59 -42.50
N ALA G 68 61.13 -6.76 -42.09
CA ALA G 68 61.82 -6.92 -40.81
C ALA G 68 63.32 -7.15 -40.96
N THR G 69 64.09 -6.65 -39.97
CA THR G 69 65.54 -6.88 -39.91
C THR G 69 65.95 -7.21 -38.48
N LEU G 70 66.60 -8.36 -38.29
CA LEU G 70 66.99 -8.83 -36.95
C LEU G 70 68.48 -8.59 -36.71
N THR G 71 68.80 -8.05 -35.52
CA THR G 71 70.18 -7.83 -35.12
C THR G 71 70.37 -8.26 -33.67
N VAL G 72 71.62 -8.44 -33.27
CA VAL G 72 71.97 -8.87 -31.92
C VAL G 72 73.17 -8.09 -31.42
N ASP G 73 73.09 -7.62 -30.17
CA ASP G 73 74.21 -6.99 -29.47
C ASP G 73 74.68 -7.94 -28.37
N ASN G 74 75.89 -8.47 -28.55
CA ASN G 74 76.46 -9.42 -27.61
C ASN G 74 76.84 -8.75 -26.29
N SER G 75 77.36 -7.52 -26.36
CA SER G 75 77.83 -6.85 -25.15
C SER G 75 76.66 -6.39 -24.29
N SER G 76 75.52 -6.12 -24.92
CA SER G 76 74.32 -5.71 -24.20
C SER G 76 73.37 -6.86 -23.90
N SER G 77 73.64 -8.04 -24.45
CA SER G 77 72.72 -9.17 -24.36
C SER G 77 71.33 -8.75 -24.83
N THR G 78 71.28 -8.20 -26.04
CA THR G 78 70.04 -7.63 -26.56
C THR G 78 69.79 -8.12 -27.98
N ALA G 79 68.51 -8.28 -28.32
CA ALA G 79 68.07 -8.59 -29.67
C ALA G 79 67.16 -7.47 -30.17
N TYR G 80 67.46 -6.96 -31.37
CA TYR G 80 66.70 -5.87 -31.96
C TYR G 80 65.98 -6.34 -33.20
N MET G 81 64.78 -5.79 -33.42
CA MET G 81 64.01 -6.00 -34.65
C MET G 81 63.64 -4.65 -35.22
N GLU G 82 64.10 -4.37 -36.43
CA GLU G 82 63.80 -3.11 -37.12
C GLU G 82 62.71 -3.35 -38.15
N LEU G 83 61.59 -2.64 -38.00
CA LEU G 83 60.50 -2.67 -38.96
C LEU G 83 60.52 -1.37 -39.76
N ARG G 84 60.40 -1.48 -41.08
CA ARG G 84 60.47 -0.33 -41.97
C ARG G 84 59.26 -0.30 -42.88
N SER G 85 58.95 0.90 -43.37
CA SER G 85 57.81 1.14 -44.28
C SER G 85 56.50 0.67 -43.65
N LEU G 86 56.26 1.14 -42.42
CA LEU G 86 55.12 0.66 -41.65
C LEU G 86 53.80 1.17 -42.23
N THR G 87 52.88 0.26 -42.47
CA THR G 87 51.51 0.57 -42.88
C THR G 87 50.57 0.30 -41.71
N SER G 88 49.31 0.73 -41.88
CA SER G 88 48.33 0.61 -40.82
C SER G 88 48.01 -0.84 -40.45
N GLU G 89 48.51 -1.82 -41.21
CA GLU G 89 48.35 -3.22 -40.85
C GLU G 89 49.42 -3.71 -39.89
N ASP G 90 50.50 -2.96 -39.72
CA ASP G 90 51.58 -3.33 -38.81
C ASP G 90 51.36 -2.84 -37.39
N SER G 91 50.24 -2.18 -37.11
CA SER G 91 49.88 -1.80 -35.75
C SER G 91 49.51 -3.05 -34.98
N ALA G 92 50.43 -3.55 -34.16
CA ALA G 92 50.24 -4.86 -33.56
C ALA G 92 51.17 -4.99 -32.35
N VAL G 93 51.08 -6.12 -31.67
CA VAL G 93 51.96 -6.41 -30.53
C VAL G 93 53.03 -7.38 -30.99
N PHE G 94 54.29 -6.98 -30.87
CA PHE G 94 55.42 -7.80 -31.29
C PHE G 94 56.07 -8.44 -30.08
N TYR G 95 56.24 -9.76 -30.13
CA TYR G 95 56.83 -10.54 -29.06
C TYR G 95 58.20 -11.04 -29.48
N CYS G 96 59.14 -10.98 -28.55
CA CYS G 96 60.39 -11.73 -28.66
C CYS G 96 60.29 -12.95 -27.76
N ALA G 97 60.94 -14.02 -28.17
CA ALA G 97 60.81 -15.29 -27.48
C ALA G 97 62.12 -16.06 -27.51
N ARG G 98 62.58 -16.48 -26.35
CA ARG G 98 63.70 -17.41 -26.24
C ARG G 98 63.18 -18.82 -26.42
N ASP G 99 63.81 -19.56 -27.33
CA ASP G 99 63.39 -20.92 -27.67
C ASP G 99 63.79 -21.90 -26.58
N TYR G 100 63.18 -23.08 -26.64
CA TYR G 100 63.47 -24.13 -25.66
C TYR G 100 64.83 -24.75 -25.95
N TYR G 101 65.69 -24.75 -24.93
CA TYR G 101 67.00 -25.37 -25.06
C TYR G 101 66.87 -26.87 -25.28
N GLY G 102 67.48 -27.37 -26.33
CA GLY G 102 67.34 -28.76 -26.71
C GLY G 102 66.05 -29.09 -27.44
N ASN G 103 65.16 -28.12 -27.61
CA ASN G 103 63.93 -28.30 -28.39
C ASN G 103 63.65 -27.01 -29.15
N PRO G 104 64.46 -26.70 -30.16
CA PRO G 104 64.34 -25.40 -30.85
C PRO G 104 63.05 -25.24 -31.64
N TYR G 105 62.25 -26.28 -31.78
CA TYR G 105 60.94 -26.13 -32.43
C TYR G 105 59.94 -25.41 -31.56
N ALA G 106 60.25 -25.22 -30.28
CA ALA G 106 59.37 -24.54 -29.33
C ALA G 106 60.07 -23.32 -28.75
N MET G 107 59.28 -22.35 -28.32
CA MET G 107 59.79 -21.13 -27.69
C MET G 107 59.31 -21.14 -26.25
N ASP G 108 60.24 -21.34 -25.32
CA ASP G 108 59.86 -21.62 -23.94
C ASP G 108 59.73 -20.38 -23.07
N TYR G 109 60.31 -19.24 -23.44
CA TYR G 109 60.12 -18.03 -22.66
C TYR G 109 59.74 -16.89 -23.60
N TRP G 110 58.79 -16.06 -23.17
CA TRP G 110 58.26 -14.99 -24.00
C TRP G 110 58.43 -13.65 -23.31
N GLY G 111 58.58 -12.61 -24.12
CA GLY G 111 58.56 -11.25 -23.61
C GLY G 111 57.16 -10.81 -23.27
N GLN G 112 57.07 -9.66 -22.61
CA GLN G 112 55.76 -9.12 -22.25
C GLN G 112 55.01 -8.58 -23.46
N GLY G 113 55.70 -8.35 -24.57
CA GLY G 113 55.08 -7.80 -25.76
C GLY G 113 55.30 -6.30 -25.88
N THR G 114 55.53 -5.83 -27.10
CA THR G 114 55.70 -4.40 -27.37
C THR G 114 54.61 -3.97 -28.35
N SER G 115 53.79 -3.02 -27.92
CA SER G 115 52.70 -2.53 -28.75
C SER G 115 53.22 -1.43 -29.68
N VAL G 116 52.98 -1.59 -30.97
CA VAL G 116 53.40 -0.63 -31.98
C VAL G 116 52.15 -0.11 -32.67
N THR G 117 51.88 1.17 -32.49
CA THR G 117 50.78 1.86 -33.16
C THR G 117 51.36 2.73 -34.27
N VAL G 118 50.78 2.61 -35.47
CA VAL G 118 51.22 3.38 -36.61
C VAL G 118 50.07 4.27 -37.06
N SER G 119 50.26 5.58 -36.96
CA SER G 119 49.24 6.54 -37.34
C SER G 119 49.87 7.91 -37.51
N SER G 120 49.24 8.72 -38.35
CA SER G 120 49.68 10.10 -38.53
C SER G 120 49.17 11.03 -37.44
N ALA G 121 48.23 10.57 -36.62
CA ALA G 121 47.66 11.40 -35.56
C ALA G 121 48.74 11.79 -34.54
N SER G 122 48.52 12.91 -33.88
CA SER G 122 49.47 13.44 -32.92
C SER G 122 49.20 12.88 -31.53
N THR G 123 50.28 12.72 -30.76
CA THR G 123 50.16 12.33 -29.37
C THR G 123 49.39 13.40 -28.59
N LYS G 124 48.44 12.97 -27.79
CA LYS G 124 47.63 13.89 -27.00
C LYS G 124 47.42 13.31 -25.61
N GLY G 125 47.68 14.13 -24.60
CA GLY G 125 47.49 13.72 -23.22
C GLY G 125 46.04 13.66 -22.85
N PRO G 126 45.71 12.86 -21.84
CA PRO G 126 44.32 12.66 -21.46
C PRO G 126 43.81 13.70 -20.46
N SER G 127 42.49 13.81 -20.40
CA SER G 127 41.79 14.55 -19.37
C SER G 127 41.17 13.56 -18.39
N VAL G 128 41.36 13.80 -17.10
CA VAL G 128 40.88 12.91 -16.04
C VAL G 128 39.70 13.58 -15.35
N PHE G 129 38.51 12.99 -15.51
CA PHE G 129 37.30 13.49 -14.87
C PHE G 129 36.83 12.54 -13.77
N PRO G 130 36.46 13.04 -12.60
CA PRO G 130 35.97 12.13 -11.55
C PRO G 130 34.58 11.61 -11.90
N LEU G 131 34.33 10.34 -11.54
CA LEU G 131 33.02 9.70 -11.67
C LEU G 131 32.51 9.39 -10.26
N ALA G 132 31.51 10.14 -9.82
CA ALA G 132 30.96 9.93 -8.50
C ALA G 132 29.48 10.24 -8.51
N PRO G 133 28.66 9.44 -7.84
CA PRO G 133 27.27 9.82 -7.63
C PRO G 133 27.25 11.06 -6.76
N SER G 134 26.09 11.66 -6.56
CA SER G 134 25.99 12.50 -5.38
C SER G 134 24.85 12.05 -4.48
N SER G 135 24.87 12.68 -3.33
CA SER G 135 24.25 12.26 -2.09
C SER G 135 22.73 12.23 -2.10
N LYS G 136 22.02 12.62 -3.17
CA LYS G 136 20.57 12.48 -3.10
C LYS G 136 20.14 11.02 -3.06
N SER G 137 20.81 10.15 -3.83
CA SER G 137 20.49 8.71 -3.88
C SER G 137 21.63 7.83 -3.37
N THR G 138 21.81 7.75 -2.06
CA THR G 138 22.77 6.79 -1.50
C THR G 138 22.04 5.48 -1.24
N SER G 139 22.17 4.52 -2.15
CA SER G 139 21.52 3.22 -2.05
C SER G 139 22.50 2.11 -1.68
N GLY G 140 22.29 1.51 -0.51
CA GLY G 140 22.99 0.28 -0.16
C GLY G 140 24.44 0.44 0.29
N GLY G 141 25.00 -0.72 0.68
CA GLY G 141 26.33 -0.75 1.26
C GLY G 141 27.43 -0.30 0.31
N THR G 142 27.48 -0.92 -0.87
CA THR G 142 28.57 -0.69 -1.81
C THR G 142 28.25 0.50 -2.71
N ALA G 143 29.22 1.42 -2.81
CA ALA G 143 29.15 2.59 -3.67
C ALA G 143 30.33 2.56 -4.63
N ALA G 144 30.09 2.95 -5.87
CA ALA G 144 31.11 2.92 -6.91
C ALA G 144 31.59 4.33 -7.22
N LEU G 145 32.89 4.45 -7.48
CA LEU G 145 33.48 5.69 -7.95
C LEU G 145 34.49 5.34 -9.04
N GLY G 146 35.02 6.35 -9.71
CA GLY G 146 35.98 6.06 -10.75
C GLY G 146 36.56 7.31 -11.40
N CYS G 147 37.23 7.07 -12.52
CA CYS G 147 37.92 8.12 -13.28
C CYS G 147 37.73 7.88 -14.76
N LEU G 148 37.35 8.94 -15.48
CA LEU G 148 37.21 8.91 -16.93
C LEU G 148 38.47 9.50 -17.53
N VAL G 149 39.18 8.69 -18.31
CA VAL G 149 40.39 9.11 -19.01
C VAL G 149 39.95 9.35 -20.45
N LYS G 150 39.78 10.61 -20.82
CA LYS G 150 39.12 10.99 -22.06
C LYS G 150 40.06 11.79 -22.95
N ASP G 151 39.92 11.59 -24.27
CA ASP G 151 40.65 12.38 -25.27
C ASP G 151 42.16 12.20 -25.10
N TYR G 152 42.63 11.03 -25.51
CA TYR G 152 44.06 10.76 -25.52
C TYR G 152 44.42 9.89 -26.72
N PHE G 153 45.67 10.01 -27.14
CA PHE G 153 46.24 9.22 -28.21
C PHE G 153 47.76 9.25 -28.05
N PRO G 154 48.45 8.11 -28.22
CA PRO G 154 47.81 6.83 -28.52
C PRO G 154 47.59 6.00 -27.27
N GLU G 155 47.34 4.71 -27.46
CA GLU G 155 47.29 3.79 -26.34
C GLU G 155 48.72 3.42 -25.94
N PRO G 156 48.95 3.02 -24.68
CA PRO G 156 48.01 2.75 -23.60
C PRO G 156 47.91 3.83 -22.53
N VAL G 157 47.10 3.57 -21.51
CA VAL G 157 46.98 4.40 -20.33
C VAL G 157 47.00 3.51 -19.10
N THR G 158 47.89 3.81 -18.16
CA THR G 158 48.04 3.02 -16.94
C THR G 158 47.23 3.70 -15.83
N VAL G 159 46.27 2.97 -15.26
CA VAL G 159 45.45 3.49 -14.18
C VAL G 159 45.66 2.64 -12.94
N SER G 160 46.04 3.28 -11.84
CA SER G 160 46.10 2.65 -10.53
C SER G 160 45.18 3.39 -9.57
N TRP G 161 44.99 2.81 -8.39
CA TRP G 161 44.14 3.41 -7.36
C TRP G 161 44.91 3.48 -6.06
N ASN G 162 45.04 4.69 -5.51
CA ASN G 162 45.87 4.95 -4.32
C ASN G 162 47.30 4.47 -4.54
N SER G 163 47.77 4.58 -5.78
CA SER G 163 49.14 4.22 -6.17
C SER G 163 49.46 2.76 -5.79
N GLY G 164 48.53 1.87 -6.12
CA GLY G 164 48.74 0.45 -5.98
C GLY G 164 48.21 -0.17 -4.70
N ALA G 165 47.74 0.63 -3.75
CA ALA G 165 47.26 0.07 -2.49
C ALA G 165 45.83 -0.44 -2.58
N LEU G 166 45.11 -0.09 -3.64
CA LEU G 166 43.73 -0.52 -3.84
C LEU G 166 43.70 -1.32 -5.15
N THR G 167 43.65 -2.65 -5.03
CA THR G 167 43.62 -3.51 -6.19
C THR G 167 42.43 -4.45 -6.22
N SER G 168 41.61 -4.48 -5.17
CA SER G 168 40.42 -5.32 -5.10
C SER G 168 39.20 -4.49 -5.48
N GLY G 169 38.40 -5.03 -6.40
CA GLY G 169 37.23 -4.33 -6.92
C GLY G 169 37.51 -3.33 -8.01
N VAL G 170 38.77 -3.11 -8.37
CA VAL G 170 39.14 -2.17 -9.42
C VAL G 170 38.82 -2.79 -10.77
N HIS G 171 37.99 -2.11 -11.56
CA HIS G 171 37.66 -2.52 -12.93
C HIS G 171 38.10 -1.41 -13.88
N THR G 172 39.13 -1.68 -14.66
CA THR G 172 39.62 -0.76 -15.69
C THR G 172 39.18 -1.30 -17.05
N PHE G 173 38.31 -0.56 -17.72
CA PHE G 173 37.68 -1.04 -18.95
C PHE G 173 38.58 -0.77 -20.16
N PRO G 174 38.44 -1.57 -21.21
CA PRO G 174 39.20 -1.31 -22.44
C PRO G 174 38.83 0.04 -23.05
N ALA G 175 39.81 0.64 -23.72
CA ALA G 175 39.60 1.94 -24.35
C ALA G 175 38.66 1.83 -25.55
N VAL G 176 37.93 2.90 -25.81
CA VAL G 176 37.02 2.99 -26.95
C VAL G 176 37.38 4.24 -27.75
N LEU G 177 37.34 4.12 -29.07
CA LEU G 177 37.66 5.22 -29.96
C LEU G 177 36.37 6.00 -30.25
N GLN G 178 36.36 7.27 -29.86
CA GLN G 178 35.18 8.11 -30.07
C GLN G 178 35.24 8.76 -31.44
N SER G 179 34.22 9.58 -31.74
CA SER G 179 34.17 10.29 -33.01
C SER G 179 35.21 11.40 -33.09
N SER G 180 35.77 11.83 -31.96
CA SER G 180 36.82 12.84 -31.98
C SER G 180 38.12 12.32 -32.58
N GLY G 181 38.28 11.01 -32.67
CA GLY G 181 39.52 10.42 -33.14
C GLY G 181 40.51 10.07 -32.05
N LEU G 182 40.13 10.21 -30.78
CA LEU G 182 41.00 9.92 -29.66
C LEU G 182 40.35 8.85 -28.79
N TYR G 183 41.12 8.35 -27.83
CA TYR G 183 40.69 7.24 -26.99
C TYR G 183 40.08 7.74 -25.68
N SER G 184 39.27 6.87 -25.08
CA SER G 184 38.66 7.16 -23.80
C SER G 184 38.35 5.84 -23.11
N LEU G 185 38.66 5.80 -21.81
CA LEU G 185 38.34 4.65 -20.99
C LEU G 185 37.82 5.13 -19.64
N SER G 186 37.35 4.19 -18.84
CA SER G 186 36.89 4.47 -17.49
C SER G 186 37.47 3.42 -16.57
N SER G 187 38.05 3.86 -15.46
CA SER G 187 38.56 2.97 -14.43
C SER G 187 37.69 3.14 -13.20
N VAL G 188 36.98 2.09 -12.82
CA VAL G 188 36.00 2.16 -11.75
C VAL G 188 36.43 1.23 -10.61
N VAL G 189 36.11 1.64 -9.39
CA VAL G 189 36.29 0.80 -8.21
C VAL G 189 35.03 0.91 -7.35
N THR G 190 34.52 -0.23 -6.90
CA THR G 190 33.43 -0.27 -5.94
C THR G 190 34.00 -0.51 -4.55
N VAL G 191 33.52 0.26 -3.58
CA VAL G 191 34.05 0.25 -2.22
C VAL G 191 32.86 0.32 -1.26
N PRO G 192 33.08 -0.01 0.02
CA PRO G 192 32.03 0.26 1.01
C PRO G 192 31.76 1.76 1.17
N SER G 193 30.48 2.13 1.10
CA SER G 193 30.07 3.54 1.21
C SER G 193 30.51 4.15 2.54
N SER G 194 30.48 3.35 3.59
CA SER G 194 30.91 3.82 4.94
C SER G 194 32.26 4.53 4.89
N SER G 195 33.16 4.13 3.99
CA SER G 195 34.54 4.69 3.96
C SER G 195 34.67 5.96 3.10
N LEU G 196 33.57 6.42 2.50
CA LEU G 196 33.61 7.67 1.71
C LEU G 196 34.00 8.86 2.62
N GLY G 197 35.09 9.54 2.29
CA GLY G 197 35.50 10.72 3.07
C GLY G 197 36.46 10.36 4.19
N THR G 198 36.12 9.33 4.96
CA THR G 198 37.02 8.89 6.02
C THR G 198 38.33 8.40 5.44
N GLN G 199 38.29 7.90 4.20
CA GLN G 199 39.47 7.42 3.51
C GLN G 199 39.50 8.05 2.12
N THR G 200 40.72 8.30 1.64
CA THR G 200 40.94 8.95 0.36
C THR G 200 41.23 7.93 -0.74
N TYR G 201 40.44 8.00 -1.83
CA TYR G 201 40.57 7.14 -3.01
C TYR G 201 41.01 8.00 -4.18
N ILE G 202 42.28 7.94 -4.53
CA ILE G 202 42.86 8.73 -5.61
C ILE G 202 43.25 7.81 -6.76
N CYS G 203 42.81 8.16 -7.97
CA CYS G 203 43.19 7.42 -9.16
C CYS G 203 44.41 8.08 -9.81
N ASN G 204 45.36 7.24 -10.22
CA ASN G 204 46.61 7.68 -10.82
C ASN G 204 46.61 7.26 -12.27
N VAL G 205 46.66 8.24 -13.16
CA VAL G 205 46.63 8.04 -14.60
C VAL G 205 48.01 8.37 -15.16
N ASN G 206 48.54 7.45 -15.98
CA ASN G 206 49.85 7.58 -16.58
C ASN G 206 49.71 7.40 -18.09
N HIS G 207 50.06 8.43 -18.83
CA HIS G 207 50.16 8.37 -20.29
C HIS G 207 51.59 8.74 -20.63
N LYS G 208 52.42 7.72 -20.85
CA LYS G 208 53.84 7.90 -21.11
C LYS G 208 54.12 8.61 -22.44
N PRO G 209 53.44 8.28 -23.54
CA PRO G 209 53.67 9.02 -24.80
C PRO G 209 53.47 10.52 -24.67
N SER G 210 52.72 10.98 -23.66
CA SER G 210 52.41 12.39 -23.50
C SER G 210 53.05 13.00 -22.24
N ASN G 211 53.86 12.23 -21.51
CA ASN G 211 54.44 12.67 -20.24
C ASN G 211 53.35 13.17 -19.29
N THR G 212 52.34 12.32 -19.06
CA THR G 212 51.20 12.70 -18.25
C THR G 212 51.13 11.79 -17.03
N LYS G 213 51.18 12.41 -15.84
CA LYS G 213 50.98 11.72 -14.57
C LYS G 213 49.99 12.55 -13.77
N VAL G 214 48.78 12.04 -13.58
CA VAL G 214 47.70 12.76 -12.92
C VAL G 214 47.22 11.96 -11.73
N ASP G 215 47.29 12.55 -10.55
CA ASP G 215 46.73 11.96 -9.32
C ASP G 215 45.47 12.75 -9.00
N LYS G 216 44.31 12.15 -9.26
CA LYS G 216 43.03 12.84 -9.10
C LYS G 216 42.23 12.19 -7.98
N LYS G 217 41.70 13.03 -7.09
CA LYS G 217 40.87 12.55 -5.98
C LYS G 217 39.41 12.51 -6.38
N VAL G 218 38.78 11.35 -6.17
CA VAL G 218 37.38 11.15 -6.49
C VAL G 218 36.56 11.27 -5.20
N GLU G 219 35.69 12.26 -5.15
CA GLU G 219 34.82 12.49 -3.99
C GLU G 219 33.44 12.88 -4.47
N PRO G 220 32.38 12.46 -3.76
CA PRO G 220 31.01 12.81 -4.12
C PRO G 220 30.77 14.31 -4.17
N GLU H 1 -30.62 10.27 7.26
CA GLU H 1 -29.27 9.74 7.45
C GLU H 1 -29.02 9.35 8.90
N VAL H 2 -28.88 10.35 9.78
CA VAL H 2 -28.59 10.10 11.19
C VAL H 2 -29.79 9.37 11.80
N GLN H 3 -29.62 8.10 12.12
CA GLN H 3 -30.63 7.28 12.78
C GLN H 3 -30.13 6.83 14.14
N LEU H 4 -31.05 6.82 15.12
CA LEU H 4 -30.78 6.33 16.47
C LEU H 4 -31.86 5.31 16.80
N GLN H 5 -31.58 4.04 16.51
CA GLN H 5 -32.55 2.96 16.70
C GLN H 5 -32.34 2.29 18.06
N GLN H 6 -33.36 2.32 18.90
CA GLN H 6 -33.29 1.69 20.21
C GLN H 6 -33.91 0.30 20.16
N SER H 7 -33.58 -0.50 21.17
CA SER H 7 -34.09 -1.87 21.22
C SER H 7 -35.59 -1.85 21.49
N GLY H 8 -36.23 -3.00 21.24
CA GLY H 8 -37.66 -3.10 21.38
C GLY H 8 -38.10 -3.13 22.83
N PRO H 9 -39.41 -3.17 23.02
CA PRO H 9 -39.94 -3.19 24.40
C PRO H 9 -39.48 -4.43 25.14
N GLU H 10 -39.26 -4.25 26.45
CA GLU H 10 -38.75 -5.33 27.29
C GLU H 10 -39.64 -5.50 28.51
N LEU H 11 -39.89 -6.77 28.85
CA LEU H 11 -40.59 -7.14 30.07
C LEU H 11 -39.62 -7.89 30.97
N VAL H 12 -39.42 -7.38 32.18
CA VAL H 12 -38.41 -7.89 33.09
C VAL H 12 -39.09 -8.26 34.41
N LYS H 13 -38.65 -9.35 35.01
CA LYS H 13 -39.17 -9.73 36.32
C LYS H 13 -38.61 -8.78 37.38
N PRO H 14 -39.37 -8.52 38.45
CA PRO H 14 -38.90 -7.63 39.50
C PRO H 14 -37.59 -8.13 40.11
N GLY H 15 -36.63 -7.21 40.23
CA GLY H 15 -35.33 -7.54 40.77
C GLY H 15 -34.31 -8.03 39.75
N ALA H 16 -34.73 -8.31 38.52
CA ALA H 16 -33.81 -8.79 37.50
C ALA H 16 -33.13 -7.59 36.84
N SER H 17 -32.46 -7.83 35.71
CA SER H 17 -31.76 -6.80 34.98
C SER H 17 -32.22 -6.79 33.52
N VAL H 18 -31.87 -5.72 32.82
CA VAL H 18 -32.19 -5.58 31.40
C VAL H 18 -31.11 -4.73 30.76
N LYS H 19 -30.79 -5.04 29.51
CA LYS H 19 -29.76 -4.32 28.74
C LYS H 19 -30.45 -3.67 27.55
N ILE H 20 -30.61 -2.36 27.61
CA ILE H 20 -31.19 -1.58 26.53
C ILE H 20 -30.09 -1.22 25.55
N SER H 21 -30.39 -1.33 24.26
CA SER H 21 -29.47 -1.03 23.19
C SER H 21 -29.86 0.25 22.47
N CYS H 22 -28.86 0.96 21.95
CA CYS H 22 -29.10 2.17 21.16
C CYS H 22 -28.03 2.21 20.08
N LYS H 23 -28.42 1.85 18.85
CA LYS H 23 -27.49 1.81 17.72
C LYS H 23 -27.62 3.09 16.91
N ALA H 24 -26.48 3.70 16.59
CA ALA H 24 -26.45 4.93 15.82
C ALA H 24 -25.99 4.66 14.39
N SER H 25 -26.26 5.62 13.52
CA SER H 25 -25.93 5.45 12.11
C SER H 25 -26.00 6.81 11.42
N GLY H 26 -25.13 7.01 10.43
CA GLY H 26 -25.13 8.21 9.63
C GLY H 26 -24.30 9.36 10.14
N TYR H 27 -23.47 9.14 11.17
CA TYR H 27 -22.61 10.20 11.68
C TYR H 27 -21.42 9.55 12.38
N THR H 28 -20.32 10.32 12.47
CA THR H 28 -19.13 9.85 13.17
C THR H 28 -19.46 9.53 14.62
N PHE H 29 -19.45 8.25 14.96
CA PHE H 29 -19.96 7.80 16.26
C PHE H 29 -19.13 8.38 17.40
N THR H 30 -17.81 8.33 17.28
CA THR H 30 -16.91 8.62 18.38
C THR H 30 -16.58 10.12 18.51
N ASP H 31 -17.44 10.98 17.96
CA ASP H 31 -17.27 12.43 18.08
C ASP H 31 -18.29 13.05 19.02
N TYR H 32 -19.17 12.26 19.62
CA TYR H 32 -20.29 12.76 20.39
C TYR H 32 -20.30 12.10 21.77
N ASN H 33 -21.24 12.54 22.60
CA ASN H 33 -21.54 11.92 23.88
C ASN H 33 -22.95 11.34 23.82
N MET H 34 -23.16 10.25 24.55
CA MET H 34 -24.47 9.61 24.59
C MET H 34 -25.09 9.81 25.96
N HIS H 35 -26.28 10.40 26.00
CA HIS H 35 -27.00 10.61 27.24
C HIS H 35 -28.19 9.66 27.31
N TRP H 36 -28.54 9.28 28.53
CA TRP H 36 -29.67 8.40 28.80
C TRP H 36 -30.58 9.08 29.81
N VAL H 37 -31.87 9.15 29.48
CA VAL H 37 -32.89 9.78 30.31
C VAL H 37 -34.06 8.82 30.49
N LYS H 38 -34.73 8.94 31.63
CA LYS H 38 -35.87 8.08 31.98
C LYS H 38 -37.14 8.91 32.04
N GLN H 39 -38.20 8.44 31.38
CA GLN H 39 -39.51 9.07 31.41
C GLN H 39 -40.50 8.12 32.05
N SER H 40 -40.87 8.42 33.30
CA SER H 40 -41.88 7.65 34.03
C SER H 40 -43.16 8.47 34.15
N HIS H 41 -44.25 7.79 34.49
CA HIS H 41 -45.59 8.36 34.62
C HIS H 41 -46.07 9.07 33.36
N GLY H 42 -45.39 8.88 32.23
CA GLY H 42 -45.79 9.47 30.97
C GLY H 42 -45.29 10.88 30.73
N LYS H 43 -44.61 11.51 31.69
CA LYS H 43 -44.18 12.89 31.49
C LYS H 43 -42.81 13.17 32.11
N ASN H 44 -42.70 12.99 33.42
CA ASN H 44 -41.51 13.37 34.17
C ASN H 44 -40.25 12.74 33.57
N LEU H 45 -39.31 13.59 33.17
CA LEU H 45 -38.04 13.15 32.63
C LEU H 45 -36.96 13.21 33.70
N GLU H 46 -36.06 12.23 33.68
CA GLU H 46 -34.97 12.15 34.64
C GLU H 46 -33.71 11.76 33.89
N TRP H 47 -32.71 12.65 33.89
CA TRP H 47 -31.44 12.37 33.24
C TRP H 47 -30.71 11.27 33.99
N ILE H 48 -30.58 10.10 33.37
CA ILE H 48 -29.89 8.99 34.03
C ILE H 48 -28.39 9.22 34.02
N GLY H 49 -27.82 9.50 32.86
CA GLY H 49 -26.38 9.69 32.81
C GLY H 49 -25.88 9.93 31.40
N PHE H 50 -24.56 9.89 31.27
CA PHE H 50 -23.93 10.13 29.98
C PHE H 50 -22.65 9.29 29.89
N ILE H 51 -22.20 9.09 28.66
CA ILE H 51 -20.98 8.34 28.38
C ILE H 51 -20.26 9.01 27.23
N TYR H 52 -18.93 9.10 27.36
CA TYR H 52 -18.07 9.55 26.27
C TYR H 52 -17.94 8.42 25.26
N LEU H 53 -18.46 8.63 24.05
CA LEU H 53 -18.40 7.59 23.03
C LEU H 53 -16.99 7.32 22.53
N TYR H 54 -16.02 8.17 22.88
CA TYR H 54 -14.64 7.98 22.42
C TYR H 54 -13.87 7.03 23.33
N ASN H 55 -13.64 7.44 24.57
CA ASN H 55 -12.83 6.65 25.50
C ASN H 55 -13.65 5.77 26.43
N GLY H 56 -14.96 5.97 26.49
CA GLY H 56 -15.81 5.20 27.39
C GLY H 56 -15.99 5.80 28.76
N GLY H 57 -15.49 7.01 29.00
CA GLY H 57 -15.71 7.64 30.29
C GLY H 57 -17.19 7.91 30.52
N THR H 58 -17.61 7.78 31.77
CA THR H 58 -19.02 7.85 32.12
C THR H 58 -19.26 8.89 33.21
N GLY H 59 -20.52 9.32 33.31
CA GLY H 59 -20.98 10.16 34.38
C GLY H 59 -22.41 9.80 34.71
N TYR H 60 -22.77 9.76 35.99
CA TYR H 60 -24.07 9.25 36.40
C TYR H 60 -24.77 10.24 37.31
N ASN H 61 -26.10 10.24 37.24
CA ASN H 61 -26.90 10.85 38.28
C ASN H 61 -26.83 10.00 39.54
N GLN H 62 -26.69 10.65 40.70
CA GLN H 62 -26.49 9.91 41.94
C GLN H 62 -27.72 9.11 42.35
N ASN H 63 -28.89 9.41 41.78
CA ASN H 63 -30.09 8.62 41.99
C ASN H 63 -30.17 7.43 41.03
N PHE H 64 -29.12 7.20 40.23
CA PHE H 64 -29.09 6.12 39.27
C PHE H 64 -27.79 5.33 39.30
N LYS H 65 -26.87 5.65 40.20
CA LYS H 65 -25.56 5.01 40.19
C LYS H 65 -25.67 3.53 40.49
N SER H 66 -26.46 3.16 41.49
CA SER H 66 -26.67 1.76 41.85
C SER H 66 -27.79 1.11 41.06
N LYS H 67 -28.04 1.56 39.83
CA LYS H 67 -28.99 0.88 38.97
C LYS H 67 -28.53 0.86 37.51
N ALA H 68 -27.91 1.94 37.05
CA ALA H 68 -27.55 2.07 35.65
C ALA H 68 -26.05 1.88 35.45
N THR H 69 -25.70 1.24 34.32
CA THR H 69 -24.32 1.08 33.90
C THR H 69 -24.26 1.34 32.41
N LEU H 70 -23.44 2.32 32.01
CA LEU H 70 -23.34 2.73 30.61
C LEU H 70 -22.09 2.14 29.99
N THR H 71 -22.24 1.56 28.79
CA THR H 71 -21.12 1.00 28.04
C THR H 71 -21.27 1.40 26.58
N VAL H 72 -20.16 1.28 25.84
CA VAL H 72 -20.14 1.64 24.43
C VAL H 72 -19.32 0.61 23.66
N ASP H 73 -19.84 0.20 22.51
CA ASP H 73 -19.12 -0.65 21.56
C ASP H 73 -18.80 0.19 20.34
N ASN H 74 -17.51 0.48 20.15
CA ASN H 74 -17.07 1.30 19.01
C ASN H 74 -17.20 0.53 17.70
N SER H 75 -16.91 -0.77 17.72
CA SER H 75 -16.91 -1.55 16.49
C SER H 75 -18.32 -1.77 15.96
N SER H 76 -19.31 -1.82 16.85
CA SER H 76 -20.70 -1.94 16.45
C SER H 76 -21.43 -0.60 16.40
N SER H 77 -20.77 0.48 16.83
CA SER H 77 -21.38 1.80 16.93
C SER H 77 -22.66 1.73 17.76
N THR H 78 -22.53 1.20 18.98
CA THR H 78 -23.68 0.96 19.83
C THR H 78 -23.41 1.50 21.24
N ALA H 79 -24.47 1.97 21.89
CA ALA H 79 -24.43 2.36 23.29
C ALA H 79 -25.39 1.47 24.07
N TYR H 80 -24.91 0.89 25.16
CA TYR H 80 -25.70 0.00 25.99
C TYR H 80 -25.93 0.61 27.36
N MET H 81 -27.12 0.37 27.90
CA MET H 81 -27.45 0.76 29.27
C MET H 81 -27.98 -0.47 29.98
N GLU H 82 -27.29 -0.89 31.03
CA GLU H 82 -27.70 -2.04 31.83
C GLU H 82 -28.33 -1.54 33.11
N LEU H 83 -29.60 -1.87 33.31
CA LEU H 83 -30.30 -1.57 34.55
C LEU H 83 -30.43 -2.85 35.34
N ARG H 84 -30.07 -2.80 36.63
CA ARG H 84 -30.02 -3.98 37.47
C ARG H 84 -30.84 -3.75 38.73
N SER H 85 -31.24 -4.86 39.36
CA SER H 85 -32.05 -4.81 40.57
C SER H 85 -33.31 -3.99 40.31
N LEU H 86 -34.00 -4.35 39.24
CA LEU H 86 -35.09 -3.52 38.77
C LEU H 86 -36.20 -3.50 39.80
N THR H 87 -36.60 -2.30 40.18
CA THR H 87 -37.72 -2.18 41.08
C THR H 87 -38.95 -1.85 40.26
N SER H 88 -40.08 -2.02 40.92
CA SER H 88 -41.32 -2.08 40.15
C SER H 88 -41.74 -0.69 39.67
N GLU H 89 -41.00 0.38 40.07
CA GLU H 89 -41.07 1.78 39.66
C GLU H 89 -40.29 2.07 38.39
N ASP H 90 -39.50 1.13 37.88
CA ASP H 90 -38.71 1.32 36.66
C ASP H 90 -39.50 1.04 35.39
N SER H 91 -40.80 0.77 35.50
CA SER H 91 -41.65 0.65 34.33
C SER H 91 -41.76 2.03 33.70
N ALA H 92 -40.98 2.26 32.65
CA ALA H 92 -40.86 3.60 32.09
C ALA H 92 -40.28 3.49 30.69
N VAL H 93 -40.18 4.64 30.02
CA VAL H 93 -39.58 4.70 28.69
C VAL H 93 -38.18 5.32 28.83
N PHE H 94 -37.17 4.59 28.38
CA PHE H 94 -35.80 5.04 28.45
C PHE H 94 -35.35 5.54 27.09
N TYR H 95 -34.80 6.75 27.05
CA TYR H 95 -34.34 7.38 25.82
C TYR H 95 -32.82 7.49 25.83
N CYS H 96 -32.22 7.20 24.67
CA CYS H 96 -30.85 7.58 24.39
C CYS H 96 -30.86 8.82 23.50
N ALA H 97 -29.83 9.66 23.67
CA ALA H 97 -29.79 10.93 22.98
C ALA H 97 -28.35 11.31 22.64
N ARG H 98 -28.11 11.63 21.39
CA ARG H 98 -26.85 12.22 20.98
C ARG H 98 -26.88 13.71 21.22
N ASP H 99 -25.87 14.21 21.92
CA ASP H 99 -25.79 15.61 22.30
C ASP H 99 -25.46 16.49 21.11
N TYR H 100 -25.69 17.79 21.28
CA TYR H 100 -25.41 18.75 20.22
C TYR H 100 -23.91 18.96 20.11
N TYR H 101 -23.37 18.76 18.90
CA TYR H 101 -21.95 18.98 18.67
C TYR H 101 -21.63 20.46 18.87
N GLY H 102 -20.66 20.73 19.73
CA GLY H 102 -20.32 22.10 20.08
C GLY H 102 -21.23 22.74 21.12
N ASN H 103 -22.28 22.06 21.56
CA ASN H 103 -23.14 22.54 22.64
C ASN H 103 -23.55 21.32 23.46
N PRO H 104 -22.62 20.73 24.21
CA PRO H 104 -22.91 19.45 24.88
C PRO H 104 -23.92 19.56 26.02
N TYR H 105 -24.34 20.76 26.40
CA TYR H 105 -25.40 20.90 27.40
C TYR H 105 -26.77 20.55 26.82
N ALA H 106 -26.87 20.38 25.51
CA ALA H 106 -28.12 20.05 24.85
C ALA H 106 -27.99 18.72 24.13
N MET H 107 -29.11 18.05 23.92
CA MET H 107 -29.17 16.77 23.22
C MET H 107 -29.96 16.99 21.94
N ASP H 108 -29.26 16.94 20.81
CA ASP H 108 -29.86 17.36 19.55
C ASP H 108 -30.54 16.24 18.79
N TYR H 109 -30.22 14.97 19.09
CA TYR H 109 -30.93 13.87 18.45
C TYR H 109 -31.35 12.86 19.51
N TRP H 110 -32.57 12.34 19.38
CA TRP H 110 -33.13 11.44 20.37
C TRP H 110 -33.51 10.10 19.73
N GLY H 111 -33.45 9.05 20.54
CA GLY H 111 -33.98 7.76 20.13
C GLY H 111 -35.49 7.73 20.21
N GLN H 112 -36.06 6.66 19.65
CA GLN H 112 -37.52 6.52 19.67
C GLN H 112 -38.04 6.16 21.06
N GLY H 113 -37.17 5.69 21.96
CA GLY H 113 -37.59 5.29 23.28
C GLY H 113 -37.77 3.80 23.40
N THR H 114 -37.36 3.22 24.54
CA THR H 114 -37.53 1.80 24.81
C THR H 114 -38.41 1.65 26.04
N SER H 115 -39.55 0.98 25.88
CA SER H 115 -40.47 0.78 26.99
C SER H 115 -40.05 -0.43 27.81
N VAL H 116 -39.92 -0.24 29.12
CA VAL H 116 -39.53 -1.30 30.04
C VAL H 116 -40.67 -1.49 31.03
N THR H 117 -41.29 -2.67 30.98
CA THR H 117 -42.30 -3.08 31.93
C THR H 117 -41.67 -4.07 32.89
N VAL H 118 -41.84 -3.85 34.18
CA VAL H 118 -41.30 -4.73 35.20
C VAL H 118 -42.46 -5.31 36.01
N SER H 119 -42.66 -6.62 35.90
CA SER H 119 -43.75 -7.29 36.58
C SER H 119 -43.46 -8.79 36.59
N SER H 120 -44.01 -9.47 37.60
CA SER H 120 -43.90 -10.92 37.67
C SER H 120 -44.94 -11.63 36.83
N ALA H 121 -45.93 -10.91 36.30
CA ALA H 121 -46.98 -11.53 35.51
C ALA H 121 -46.41 -12.13 34.23
N SER H 122 -47.10 -13.14 33.72
CA SER H 122 -46.65 -13.86 32.54
C SER H 122 -47.18 -13.22 31.26
N THR H 123 -46.37 -13.30 30.21
CA THR H 123 -46.80 -12.85 28.89
C THR H 123 -48.00 -13.68 28.43
N LYS H 124 -49.02 -13.00 27.92
CA LYS H 124 -50.23 -13.66 27.44
C LYS H 124 -50.68 -12.99 26.16
N GLY H 125 -50.94 -13.80 25.13
CA GLY H 125 -51.41 -13.29 23.86
C GLY H 125 -52.84 -12.83 23.92
N PRO H 126 -53.19 -11.90 23.04
CA PRO H 126 -54.54 -11.32 23.05
C PRO H 126 -55.53 -12.13 22.25
N SER H 127 -56.80 -11.90 22.54
CA SER H 127 -57.92 -12.37 21.73
C SER H 127 -58.47 -11.19 20.95
N VAL H 128 -58.67 -11.39 19.65
CA VAL H 128 -59.14 -10.33 18.76
C VAL H 128 -60.59 -10.63 18.41
N PHE H 129 -61.49 -9.76 18.87
CA PHE H 129 -62.90 -9.88 18.57
C PHE H 129 -63.32 -8.76 17.62
N PRO H 130 -64.11 -9.03 16.56
CA PRO H 130 -64.59 -7.98 15.69
C PRO H 130 -65.69 -7.11 16.28
N LEU H 131 -65.62 -5.81 15.99
CA LEU H 131 -66.70 -4.88 16.42
C LEU H 131 -67.38 -4.44 15.14
N ALA H 132 -68.53 -5.06 14.84
CA ALA H 132 -69.27 -4.74 13.60
C ALA H 132 -70.63 -4.15 13.95
N PRO H 133 -71.19 -3.23 13.14
CA PRO H 133 -72.53 -2.72 13.42
C PRO H 133 -73.57 -3.80 13.19
N SER H 134 -74.74 -3.63 13.80
CA SER H 134 -75.83 -4.57 13.57
C SER H 134 -76.63 -4.12 12.36
N SER H 135 -76.89 -5.07 11.45
CA SER H 135 -77.50 -4.75 10.16
C SER H 135 -78.98 -4.47 10.26
N LYS H 136 -79.59 -4.62 11.44
CA LYS H 136 -81.00 -4.29 11.59
C LYS H 136 -81.27 -2.79 11.50
N SER H 137 -80.39 -1.97 12.08
CA SER H 137 -80.60 -0.52 12.11
C SER H 137 -79.38 0.25 11.59
N THR H 138 -79.21 0.30 10.27
CA THR H 138 -78.15 1.09 9.64
C THR H 138 -78.69 2.48 9.31
N SER H 139 -78.34 3.47 10.14
CA SER H 139 -78.76 4.86 9.95
C SER H 139 -77.63 5.70 9.36
N GLY H 140 -77.85 6.26 8.17
CA GLY H 140 -76.94 7.22 7.59
C GLY H 140 -75.70 6.62 6.95
N GLY H 141 -74.89 7.53 6.37
CA GLY H 141 -73.75 7.14 5.56
C GLY H 141 -72.51 6.71 6.31
N THR H 142 -72.38 7.11 7.58
CA THR H 142 -71.18 6.76 8.34
C THR H 142 -71.40 5.47 9.11
N ALA H 143 -70.50 4.50 8.92
CA ALA H 143 -70.53 3.26 9.67
C ALA H 143 -69.18 3.05 10.35
N ALA H 144 -69.21 2.59 11.58
CA ALA H 144 -68.00 2.34 12.36
C ALA H 144 -67.79 0.84 12.49
N LEU H 145 -66.54 0.42 12.42
CA LEU H 145 -66.17 -0.96 12.70
C LEU H 145 -64.85 -0.94 13.47
N GLY H 146 -64.42 -2.11 13.95
CA GLY H 146 -63.17 -2.12 14.70
C GLY H 146 -62.77 -3.51 15.13
N CYS H 147 -61.80 -3.54 16.05
CA CYS H 147 -61.24 -4.76 16.60
C CYS H 147 -60.97 -4.56 18.08
N LEU H 148 -61.45 -5.49 18.91
CA LEU H 148 -61.19 -5.49 20.34
C LEU H 148 -60.04 -6.46 20.62
N VAL H 149 -58.94 -5.90 21.14
CA VAL H 149 -57.77 -6.68 21.50
C VAL H 149 -57.83 -6.82 23.01
N LYS H 150 -58.25 -8.00 23.48
CA LYS H 150 -58.61 -8.20 24.88
C LYS H 150 -57.74 -9.27 25.53
N ASP H 151 -57.45 -9.09 26.81
CA ASP H 151 -56.75 -10.08 27.63
C ASP H 151 -55.37 -10.39 27.04
N TYR H 152 -54.47 -9.43 27.24
CA TYR H 152 -53.07 -9.60 26.85
C TYR H 152 -52.17 -8.89 27.85
N PHE H 153 -50.92 -9.35 27.92
CA PHE H 153 -49.90 -8.76 28.76
C PHE H 153 -48.55 -9.16 28.20
N PRO H 154 -47.58 -8.24 28.14
CA PRO H 154 -47.73 -6.84 28.54
C PRO H 154 -48.03 -5.93 27.36
N GLU H 155 -47.82 -4.63 27.56
CA GLU H 155 -47.91 -3.66 26.49
C GLU H 155 -46.60 -3.66 25.68
N PRO H 156 -46.66 -3.26 24.40
CA PRO H 156 -47.79 -2.72 23.65
C PRO H 156 -48.42 -3.69 22.67
N VAL H 157 -49.41 -3.23 21.92
CA VAL H 157 -50.02 -3.98 20.83
C VAL H 157 -50.15 -3.07 19.63
N THR H 158 -49.63 -3.51 18.49
CA THR H 158 -49.65 -2.73 17.26
C THR H 158 -50.86 -3.15 16.42
N VAL H 159 -51.75 -2.21 16.12
CA VAL H 159 -52.93 -2.50 15.32
C VAL H 159 -52.85 -1.69 14.03
N SER H 160 -52.95 -2.39 12.91
CA SER H 160 -53.05 -1.77 11.59
C SER H 160 -54.34 -2.23 10.92
N TRP H 161 -54.67 -1.60 9.80
CA TRP H 161 -55.87 -1.93 9.04
C TRP H 161 -55.49 -2.16 7.58
N ASN H 162 -55.79 -3.36 7.08
CA ASN H 162 -55.42 -3.78 5.72
C ASN H 162 -53.92 -3.62 5.48
N SER H 163 -53.12 -3.85 6.52
CA SER H 163 -51.66 -3.78 6.46
C SER H 163 -51.17 -2.42 5.96
N GLY H 164 -51.72 -1.37 6.53
CA GLY H 164 -51.24 -0.02 6.30
C GLY H 164 -51.98 0.77 5.24
N ALA H 165 -52.92 0.16 4.52
CA ALA H 165 -53.61 0.86 3.45
C ALA H 165 -54.76 1.72 3.96
N LEU H 166 -55.17 1.57 5.21
CA LEU H 166 -56.27 2.34 5.80
C LEU H 166 -55.71 3.16 6.95
N THR H 167 -55.56 4.46 6.72
CA THR H 167 -55.04 5.37 7.74
C THR H 167 -55.95 6.54 8.05
N SER H 168 -57.04 6.73 7.30
CA SER H 168 -57.99 7.80 7.56
C SER H 168 -59.17 7.26 8.37
N GLY H 169 -59.49 7.95 9.46
CA GLY H 169 -60.54 7.53 10.35
C GLY H 169 -60.18 6.45 11.34
N VAL H 170 -58.97 5.92 11.28
CA VAL H 170 -58.55 4.86 12.21
C VAL H 170 -58.24 5.50 13.56
N HIS H 171 -58.95 5.04 14.60
CA HIS H 171 -58.71 5.47 15.98
C HIS H 171 -58.37 4.25 16.81
N THR H 172 -57.12 4.16 17.25
CA THR H 172 -56.67 3.09 18.13
C THR H 172 -56.54 3.66 19.55
N PHE H 173 -57.38 3.18 20.45
CA PHE H 173 -57.49 3.76 21.79
C PHE H 173 -56.40 3.20 22.71
N PRO H 174 -56.02 3.96 23.73
CA PRO H 174 -55.04 3.45 24.70
C PRO H 174 -55.57 2.23 25.45
N ALA H 175 -54.65 1.36 25.84
CA ALA H 175 -55.02 0.15 26.56
C ALA H 175 -55.52 0.48 27.96
N VAL H 176 -56.42 -0.37 28.46
CA VAL H 176 -56.97 -0.24 29.80
C VAL H 176 -56.77 -1.57 30.53
N LEU H 177 -56.42 -1.48 31.82
CA LEU H 177 -56.22 -2.66 32.64
C LEU H 177 -57.56 -3.07 33.26
N GLN H 178 -58.03 -4.27 32.93
CA GLN H 178 -59.29 -4.77 33.44
C GLN H 178 -59.07 -5.52 34.75
N SER H 179 -60.15 -6.06 35.30
CA SER H 179 -60.07 -6.80 36.56
C SER H 179 -59.36 -8.15 36.42
N SER H 180 -59.23 -8.68 35.20
CA SER H 180 -58.49 -9.92 35.02
C SER H 180 -57.00 -9.76 35.26
N GLY H 181 -56.49 -8.53 35.26
CA GLY H 181 -55.07 -8.28 35.37
C GLY H 181 -54.34 -8.13 34.04
N LEU H 182 -55.07 -8.11 32.94
CA LEU H 182 -54.49 -7.99 31.61
C LEU H 182 -55.06 -6.74 30.93
N TYR H 183 -54.49 -6.42 29.77
CA TYR H 183 -54.86 -5.21 29.06
C TYR H 183 -55.92 -5.49 27.99
N SER H 184 -56.61 -4.43 27.61
CA SER H 184 -57.63 -4.51 26.57
C SER H 184 -57.77 -3.15 25.92
N LEU H 185 -57.82 -3.14 24.59
CA LEU H 185 -58.04 -1.91 23.84
C LEU H 185 -58.99 -2.19 22.69
N SER H 186 -59.40 -1.13 22.01
CA SER H 186 -60.24 -1.21 20.82
C SER H 186 -59.68 -0.28 19.77
N SER H 187 -59.54 -0.79 18.55
CA SER H 187 -59.11 0.01 17.41
C SER H 187 -60.27 0.13 16.44
N VAL H 188 -60.76 1.35 16.22
CA VAL H 188 -61.95 1.58 15.41
C VAL H 188 -61.58 2.39 14.19
N VAL H 189 -62.34 2.16 13.11
CA VAL H 189 -62.26 2.92 11.87
C VAL H 189 -63.67 3.26 11.43
N THR H 190 -63.88 4.52 11.05
CA THR H 190 -65.13 4.96 10.46
C THR H 190 -64.99 5.02 8.94
N VAL H 191 -66.01 4.52 8.25
CA VAL H 191 -65.99 4.37 6.80
C VAL H 191 -67.38 4.72 6.26
N PRO H 192 -67.54 4.90 4.94
CA PRO H 192 -68.89 5.03 4.40
C PRO H 192 -69.70 3.75 4.59
N SER H 193 -70.93 3.90 5.10
CA SER H 193 -71.80 2.75 5.32
C SER H 193 -72.13 2.01 4.03
N SER H 194 -71.89 2.64 2.87
CA SER H 194 -72.14 2.00 1.59
C SER H 194 -71.27 0.78 1.36
N SER H 195 -70.12 0.70 2.01
CA SER H 195 -69.17 -0.39 1.81
C SER H 195 -69.33 -1.43 2.92
N LEU H 196 -70.09 -2.49 2.62
CA LEU H 196 -70.21 -3.63 3.50
C LEU H 196 -69.66 -4.91 2.89
N GLY H 197 -69.39 -4.90 1.59
CA GLY H 197 -68.98 -6.08 0.85
C GLY H 197 -68.11 -5.71 -0.34
N THR H 198 -68.13 -4.43 -0.71
CA THR H 198 -67.30 -3.96 -1.82
C THR H 198 -65.86 -3.75 -1.40
N GLN H 199 -65.59 -3.48 -0.14
CA GLN H 199 -64.23 -3.32 0.35
C GLN H 199 -64.03 -4.21 1.57
N THR H 200 -62.81 -4.74 1.69
CA THR H 200 -62.47 -5.65 2.77
C THR H 200 -61.73 -4.88 3.87
N TYR H 201 -62.18 -5.07 5.11
CA TYR H 201 -61.57 -4.41 6.26
C TYR H 201 -60.96 -5.50 7.14
N ILE H 202 -59.65 -5.64 7.05
CA ILE H 202 -58.90 -6.62 7.84
C ILE H 202 -58.09 -5.86 8.87
N CYS H 203 -58.26 -6.20 10.13
CA CYS H 203 -57.47 -5.62 11.20
C CYS H 203 -56.33 -6.58 11.53
N ASN H 204 -55.13 -6.02 11.64
CA ASN H 204 -53.92 -6.79 11.91
C ASN H 204 -53.41 -6.41 13.29
N VAL H 205 -53.38 -7.39 14.18
CA VAL H 205 -52.94 -7.20 15.56
C VAL H 205 -51.59 -7.88 15.70
N ASN H 206 -50.62 -7.15 16.26
CA ASN H 206 -49.24 -7.61 16.42
C ASN H 206 -48.83 -7.44 17.87
N HIS H 207 -48.46 -8.55 18.52
CA HIS H 207 -47.92 -8.57 19.88
C HIS H 207 -46.57 -9.29 19.81
N LYS H 208 -45.47 -8.51 19.77
CA LYS H 208 -44.22 -9.27 19.74
C LYS H 208 -43.86 -10.06 21.01
N PRO H 209 -44.06 -9.51 22.21
CA PRO H 209 -43.79 -10.31 23.43
C PRO H 209 -44.51 -11.65 23.37
N SER H 210 -45.49 -11.79 22.47
CA SER H 210 -46.32 -12.97 22.35
C SER H 210 -46.11 -13.75 21.05
N ASN H 211 -45.27 -13.29 20.13
CA ASN H 211 -45.18 -13.89 18.80
C ASN H 211 -46.58 -14.08 18.23
N THR H 212 -47.37 -13.00 18.28
CA THR H 212 -48.77 -13.06 17.88
C THR H 212 -49.01 -12.14 16.70
N LYS H 213 -49.47 -12.70 15.59
CA LYS H 213 -49.85 -11.97 14.39
C LYS H 213 -51.25 -12.45 14.00
N VAL H 214 -52.25 -11.60 14.14
CA VAL H 214 -53.63 -11.98 13.88
C VAL H 214 -54.22 -11.06 12.82
N ASP H 215 -54.67 -11.64 11.71
CA ASP H 215 -55.37 -10.91 10.67
C ASP H 215 -56.84 -11.33 10.70
N LYS H 216 -57.69 -10.46 11.23
CA LYS H 216 -59.11 -10.77 11.41
C LYS H 216 -59.95 -9.87 10.52
N LYS H 217 -60.90 -10.48 9.82
CA LYS H 217 -61.81 -9.73 8.95
C LYS H 217 -63.04 -9.30 9.74
N VAL H 218 -63.34 -8.01 9.68
CA VAL H 218 -64.50 -7.43 10.36
C VAL H 218 -65.63 -7.28 9.35
N GLU H 219 -66.75 -7.97 9.59
CA GLU H 219 -67.89 -7.92 8.71
C GLU H 219 -69.15 -7.78 9.56
N PRO H 220 -70.17 -7.04 9.07
CA PRO H 220 -71.45 -6.84 9.75
C PRO H 220 -72.18 -8.15 10.05
N LEU I 1 -111.59 33.21 -9.62
CA LEU I 1 -112.04 32.21 -8.66
C LEU I 1 -110.88 31.40 -8.11
N HIS I 2 -109.65 31.87 -8.34
CA HIS I 2 -108.47 31.11 -7.95
C HIS I 2 -107.28 32.00 -7.62
N THR I 3 -106.82 32.79 -8.59
CA THR I 3 -105.57 33.52 -8.46
C THR I 3 -105.80 35.01 -8.71
N PHE I 4 -105.08 35.84 -7.95
CA PHE I 4 -105.10 37.29 -8.12
C PHE I 4 -103.67 37.81 -8.13
N GLN I 5 -103.39 38.72 -9.06
CA GLN I 5 -102.06 39.28 -9.25
C GLN I 5 -102.04 40.72 -8.80
N VAL I 6 -101.00 41.09 -8.06
CA VAL I 6 -100.82 42.44 -7.54
C VAL I 6 -99.49 42.98 -8.05
N PRO I 7 -99.52 43.79 -9.11
CA PRO I 7 -98.27 44.43 -9.56
C PRO I 7 -97.82 45.51 -8.59
N GLN I 8 -96.85 45.18 -7.73
CA GLN I 8 -96.35 46.09 -6.72
C GLN I 8 -95.06 46.75 -7.21
N ASN I 9 -94.98 48.06 -7.02
CA ASN I 9 -93.78 48.82 -7.35
C ASN I 9 -93.15 49.35 -6.06
N TYR I 10 -91.81 49.32 -6.01
CA TYR I 10 -91.07 49.70 -4.82
C TYR I 10 -90.01 50.73 -5.17
N THR I 11 -89.82 51.70 -4.28
CA THR I 11 -88.82 52.74 -4.42
C THR I 11 -88.19 53.00 -3.06
N LYS I 12 -87.06 53.72 -3.08
CA LYS I 12 -86.46 54.16 -1.83
C LYS I 12 -87.31 55.23 -1.17
N ALA I 13 -87.29 55.25 0.17
CA ALA I 13 -88.13 56.16 0.93
C ALA I 13 -87.57 57.59 0.91
N ASN I 14 -88.49 58.56 0.96
CA ASN I 14 -88.13 59.97 0.99
C ASN I 14 -88.03 60.53 2.40
N CYS I 15 -88.56 59.85 3.39
CA CYS I 15 -88.60 60.34 4.76
C CYS I 15 -87.45 59.78 5.57
N THR I 16 -87.32 60.28 6.80
CA THR I 16 -86.20 59.95 7.68
C THR I 16 -86.70 59.18 8.89
N TYR I 17 -86.02 58.10 9.23
CA TYR I 17 -86.37 57.30 10.40
C TYR I 17 -85.19 56.47 10.83
N CYS I 18 -85.13 56.18 12.14
CA CYS I 18 -84.12 55.29 12.69
C CYS I 18 -84.59 54.82 14.05
N ASN I 19 -84.83 53.53 14.21
CA ASN I 19 -85.15 52.95 15.51
C ASN I 19 -83.84 52.73 16.25
N THR I 20 -83.53 53.62 17.20
CA THR I 20 -82.27 53.56 17.92
C THR I 20 -82.21 52.39 18.90
N ARG I 21 -83.33 51.73 19.17
CA ARG I 21 -83.39 50.66 20.15
C ARG I 21 -83.34 49.27 19.53
N GLU I 22 -83.68 49.13 18.24
CA GLU I 22 -83.78 47.82 17.63
C GLU I 22 -83.02 47.68 16.31
N TYR I 23 -82.18 48.65 15.95
CA TYR I 23 -81.42 48.51 14.72
C TYR I 23 -80.37 47.42 14.86
N THR I 24 -80.02 46.81 13.72
CA THR I 24 -78.96 45.81 13.73
C THR I 24 -77.59 46.49 13.82
N PHE I 25 -77.33 47.46 12.94
CA PHE I 25 -76.13 48.28 13.07
C PHE I 25 -76.40 49.62 12.42
N SER I 26 -75.41 50.51 12.50
CA SER I 26 -75.56 51.86 11.96
C SER I 26 -74.21 52.32 11.40
N TYR I 27 -74.27 53.04 10.28
CA TYR I 27 -73.08 53.54 9.61
C TYR I 27 -73.42 54.86 8.99
N LYS I 28 -72.56 55.86 9.19
CA LYS I 28 -72.78 57.21 8.69
C LYS I 28 -74.13 57.72 9.20
N GLY I 29 -75.08 57.91 8.30
CA GLY I 29 -76.40 58.36 8.67
C GLY I 29 -77.48 57.32 8.48
N CYS I 30 -77.09 56.12 8.06
CA CYS I 30 -78.04 55.05 7.74
C CYS I 30 -78.03 53.99 8.83
N CYS I 31 -79.23 53.60 9.25
CA CYS I 31 -79.44 52.52 10.22
C CYS I 31 -79.93 51.29 9.46
N PHE I 32 -79.22 50.18 9.62
CA PHE I 32 -79.47 48.94 8.89
C PHE I 32 -80.05 47.89 9.84
N TYR I 33 -81.10 47.23 9.38
CA TYR I 33 -81.81 46.20 10.12
C TYR I 33 -81.77 44.88 9.35
N PHE I 34 -81.60 43.78 10.10
CA PHE I 34 -81.72 42.43 9.57
C PHE I 34 -83.07 41.88 10.01
N THR I 35 -83.93 41.54 9.05
CA THR I 35 -85.24 40.99 9.37
C THR I 35 -85.09 39.67 10.11
N LYS I 36 -85.79 39.56 11.25
CA LYS I 36 -85.74 38.32 12.02
C LYS I 36 -86.47 37.17 11.32
N LYS I 37 -87.46 37.49 10.49
CA LYS I 37 -88.18 36.48 9.73
C LYS I 37 -87.58 36.35 8.33
N LYS I 38 -87.26 35.11 7.95
CA LYS I 38 -86.68 34.87 6.64
C LYS I 38 -87.75 35.06 5.56
N HIS I 39 -87.29 35.39 4.34
CA HIS I 39 -88.20 35.65 3.24
C HIS I 39 -87.50 35.31 1.92
N THR I 40 -88.27 35.35 0.85
CA THR I 40 -87.73 35.25 -0.50
C THR I 40 -87.13 36.59 -0.91
N TRP I 41 -86.42 36.57 -2.05
CA TRP I 41 -85.78 37.80 -2.51
C TRP I 41 -86.81 38.81 -3.00
N ASN I 42 -87.88 38.34 -3.64
CA ASN I 42 -88.91 39.24 -4.14
C ASN I 42 -89.73 39.82 -2.99
N GLY I 43 -90.03 38.99 -1.98
CA GLY I 43 -90.79 39.45 -0.84
C GLY I 43 -90.03 40.39 0.07
N CYS I 44 -88.71 40.44 -0.05
CA CYS I 44 -87.91 41.30 0.82
C CYS I 44 -88.24 42.77 0.63
N PHE I 45 -88.63 43.19 -0.57
CA PHE I 45 -89.02 44.57 -0.79
C PHE I 45 -90.18 44.96 0.12
N GLN I 46 -91.26 44.16 0.11
CA GLN I 46 -92.39 44.44 0.97
C GLN I 46 -92.02 44.26 2.45
N ALA I 47 -91.21 43.24 2.75
CA ALA I 47 -90.87 42.97 4.14
C ALA I 47 -90.09 44.14 4.75
N CYS I 48 -89.18 44.74 3.98
CA CYS I 48 -88.45 45.91 4.45
C CYS I 48 -89.32 47.16 4.43
N ALA I 49 -90.25 47.26 3.48
CA ALA I 49 -91.14 48.43 3.42
C ALA I 49 -92.07 48.46 4.63
N GLU I 50 -92.12 47.39 5.42
CA GLU I 50 -93.11 47.32 6.52
C GLU I 50 -92.48 46.91 7.85
N LEU I 51 -91.15 46.81 7.92
CA LEU I 51 -90.52 46.50 9.23
C LEU I 51 -90.63 47.76 10.05
N TYR I 52 -90.11 48.87 9.51
CA TYR I 52 -90.17 50.16 10.16
C TYR I 52 -90.54 51.21 9.14
N PRO I 53 -91.05 52.37 9.57
CA PRO I 53 -91.37 53.42 8.61
C PRO I 53 -90.12 53.93 7.91
N CYS I 54 -90.30 54.36 6.66
CA CYS I 54 -89.21 54.92 5.84
C CYS I 54 -88.07 53.92 5.67
N THR I 55 -88.41 52.66 5.46
CA THR I 55 -87.44 51.58 5.35
C THR I 55 -87.67 50.82 4.04
N TYR I 56 -86.59 50.41 3.40
CA TYR I 56 -86.69 49.75 2.10
C TYR I 56 -85.54 48.76 1.93
N PHE I 57 -85.62 47.98 0.85
CA PHE I 57 -84.62 46.98 0.53
C PHE I 57 -83.34 47.64 0.02
N TYR I 58 -82.24 47.43 0.73
CA TYR I 58 -80.99 48.14 0.47
C TYR I 58 -79.98 47.22 -0.21
N GLY I 59 -79.22 47.78 -1.15
CA GLY I 59 -78.13 47.09 -1.78
C GLY I 59 -76.79 47.64 -1.31
N PRO I 60 -75.93 46.76 -0.77
CA PRO I 60 -74.68 47.23 -0.16
C PRO I 60 -73.64 47.59 -1.21
N THR I 61 -73.10 48.80 -1.11
CA THR I 61 -71.97 49.23 -1.92
C THR I 61 -70.69 48.65 -1.33
N PRO I 62 -69.61 48.57 -2.12
CA PRO I 62 -68.36 48.00 -1.60
C PRO I 62 -67.91 48.53 -0.24
N ASP I 63 -68.31 49.74 0.13
CA ASP I 63 -67.88 50.30 1.42
C ASP I 63 -68.76 49.91 2.59
N ILE I 64 -70.01 49.49 2.34
CA ILE I 64 -70.91 49.10 3.43
C ILE I 64 -70.87 47.60 3.64
N LEU I 65 -70.57 46.86 2.58
CA LEU I 65 -70.58 45.40 2.64
C LEU I 65 -69.73 44.81 3.76
N PRO I 66 -68.50 45.29 4.04
CA PRO I 66 -67.76 44.70 5.17
C PRO I 66 -68.49 44.83 6.50
N VAL I 67 -69.14 45.95 6.75
CA VAL I 67 -69.88 46.13 8.01
C VAL I 67 -71.05 45.16 8.08
N VAL I 68 -71.81 45.04 6.98
CA VAL I 68 -72.91 44.09 6.91
C VAL I 68 -72.42 42.68 7.22
N THR I 69 -71.29 42.29 6.62
CA THR I 69 -70.76 40.95 6.84
C THR I 69 -70.27 40.78 8.27
N ARG I 70 -69.70 41.83 8.87
CA ARG I 70 -69.26 41.74 10.25
C ARG I 70 -70.43 41.58 11.20
N ASN I 71 -71.55 42.21 10.90
CA ASN I 71 -72.77 42.04 11.70
C ASN I 71 -73.50 40.74 11.38
N LEU I 72 -72.94 39.89 10.53
CA LEU I 72 -73.53 38.61 10.14
C LEU I 72 -72.87 37.48 10.91
N ASN I 73 -73.50 36.31 10.87
CA ASN I 73 -72.98 35.12 11.52
C ASN I 73 -72.45 34.14 10.48
N ALA I 74 -71.77 33.10 10.97
CA ALA I 74 -71.08 32.17 10.08
C ALA I 74 -72.05 31.48 9.13
N ILE I 75 -73.16 30.96 9.66
CA ILE I 75 -74.09 30.17 8.85
C ILE I 75 -75.27 31.01 8.36
N GLU I 76 -75.19 32.32 8.51
CA GLU I 76 -76.29 33.21 8.18
C GLU I 76 -76.06 33.85 6.81
N SER I 77 -77.11 33.88 6.00
CA SER I 77 -77.08 34.50 4.68
C SER I 77 -78.15 35.60 4.64
N LEU I 78 -77.96 36.56 3.74
CA LEU I 78 -78.79 37.76 3.74
C LEU I 78 -79.09 38.17 2.31
N TRP I 79 -80.38 38.26 1.98
CA TRP I 79 -80.78 38.84 0.70
C TRP I 79 -80.41 40.32 0.68
N VAL I 80 -79.94 40.79 -0.48
CA VAL I 80 -79.53 42.18 -0.64
C VAL I 80 -80.25 42.77 -1.84
N GLY I 81 -80.50 44.07 -1.76
CA GLY I 81 -81.30 44.76 -2.76
C GLY I 81 -80.54 45.21 -3.98
N VAL I 82 -79.94 44.26 -4.69
CA VAL I 82 -79.23 44.52 -5.94
C VAL I 82 -79.96 43.76 -7.05
N TYR I 83 -80.50 44.49 -8.02
CA TYR I 83 -81.28 43.90 -9.10
C TYR I 83 -80.71 44.29 -10.45
N ARG I 84 -81.07 43.52 -11.47
CA ARG I 84 -80.58 43.69 -12.83
C ARG I 84 -81.64 44.34 -13.69
N VAL I 85 -81.20 45.24 -14.58
CA VAL I 85 -82.10 45.90 -15.52
C VAL I 85 -81.54 45.79 -16.93
N GLY I 86 -80.95 44.64 -17.25
CA GLY I 86 -80.37 44.44 -18.56
C GLY I 86 -78.96 44.99 -18.68
N GLU I 87 -78.78 45.99 -19.54
CA GLU I 87 -77.49 46.64 -19.66
C GLU I 87 -77.24 47.53 -18.45
N GLY I 88 -76.04 48.13 -18.40
CA GLY I 88 -75.67 48.94 -17.26
C GLY I 88 -75.49 48.14 -15.98
N ASN I 89 -75.34 46.83 -16.08
CA ASN I 89 -75.10 45.94 -14.95
C ASN I 89 -76.16 46.03 -13.87
N TRP I 90 -75.78 45.62 -12.66
CA TRP I 90 -76.66 45.59 -11.49
C TRP I 90 -76.72 46.95 -10.80
N THR I 91 -77.89 47.24 -10.22
CA THR I 91 -78.11 48.49 -9.52
C THR I 91 -79.03 48.25 -8.33
N SER I 92 -79.22 49.30 -7.53
CA SER I 92 -80.07 49.26 -6.35
C SER I 92 -81.14 50.34 -6.44
N LEU I 93 -81.95 50.42 -5.38
CA LEU I 93 -82.94 51.50 -5.29
C LEU I 93 -82.29 52.87 -5.06
N ASP I 94 -81.01 52.90 -4.66
CA ASP I 94 -80.28 54.15 -4.52
C ASP I 94 -79.49 54.51 -5.76
N GLY I 95 -79.56 53.70 -6.82
CA GLY I 95 -78.78 53.94 -8.01
C GLY I 95 -77.35 53.44 -7.86
N GLY I 96 -76.61 53.55 -8.96
CA GLY I 96 -75.22 53.16 -8.99
C GLY I 96 -75.02 51.78 -9.61
N THR I 97 -73.78 51.49 -9.96
CA THR I 97 -73.40 50.22 -10.56
C THR I 97 -72.64 49.39 -9.53
N PHE I 98 -73.11 48.16 -9.33
CA PHE I 98 -72.57 47.25 -8.33
C PHE I 98 -71.81 46.12 -9.00
N LYS I 99 -70.74 45.68 -8.34
CA LYS I 99 -70.00 44.50 -8.77
C LYS I 99 -70.68 43.27 -8.18
N VAL I 100 -71.30 42.47 -9.05
CA VAL I 100 -72.08 41.31 -8.62
C VAL I 100 -71.57 40.09 -9.37
N TYR I 101 -71.27 39.02 -8.61
CA TYR I 101 -70.90 37.74 -9.21
C TYR I 101 -72.17 37.13 -9.81
N GLN I 102 -72.30 37.23 -11.13
CA GLN I 102 -73.53 36.84 -11.83
C GLN I 102 -73.34 35.58 -12.68
N ILE I 103 -72.42 34.71 -12.27
CA ILE I 103 -72.13 33.53 -13.09
C ILE I 103 -73.18 32.45 -12.89
N PHE I 104 -73.59 32.20 -11.65
CA PHE I 104 -74.52 31.11 -11.37
C PHE I 104 -75.95 31.58 -11.13
N GLY I 105 -76.25 32.85 -11.44
CA GLY I 105 -77.61 33.35 -11.34
C GLY I 105 -77.76 34.62 -12.14
N SER I 106 -79.01 35.07 -12.23
CA SER I 106 -79.30 36.39 -12.78
C SER I 106 -80.68 36.84 -12.33
N HIS I 107 -80.82 37.26 -11.08
CA HIS I 107 -82.11 37.70 -10.54
C HIS I 107 -82.01 38.11 -9.07
N CYS I 108 -81.71 37.16 -8.20
CA CYS I 108 -81.64 37.41 -6.78
C CYS I 108 -80.19 37.44 -6.32
N THR I 109 -79.91 38.31 -5.35
CA THR I 109 -78.56 38.49 -4.84
C THR I 109 -78.55 38.41 -3.32
N TYR I 110 -77.52 37.75 -2.79
CA TYR I 110 -77.35 37.55 -1.36
C TYR I 110 -75.89 37.72 -1.00
N VAL I 111 -75.64 37.82 0.30
CA VAL I 111 -74.29 37.92 0.86
C VAL I 111 -74.21 37.04 2.10
N SER I 112 -73.00 36.55 2.36
CA SER I 112 -72.66 35.79 3.57
C SER I 112 -71.60 36.56 4.35
N LYS I 113 -71.16 35.98 5.47
CA LYS I 113 -70.14 36.64 6.28
C LYS I 113 -68.83 36.82 5.52
N PHE I 114 -68.48 35.86 4.66
CA PHE I 114 -67.21 35.91 3.94
C PHE I 114 -67.38 36.34 2.49
N SER I 115 -68.55 36.78 2.09
CA SER I 115 -68.75 37.28 0.73
C SER I 115 -67.95 38.55 0.51
N THR I 116 -67.21 38.61 -0.60
CA THR I 116 -66.50 39.82 -0.96
C THR I 116 -67.33 40.71 -1.87
N VAL I 117 -68.23 40.13 -2.65
CA VAL I 117 -69.17 40.86 -3.49
C VAL I 117 -70.55 40.22 -3.36
N PRO I 118 -71.60 40.98 -3.66
CA PRO I 118 -72.94 40.37 -3.72
C PRO I 118 -72.96 39.26 -4.77
N VAL I 119 -73.56 38.13 -4.41
CA VAL I 119 -73.57 36.95 -5.26
C VAL I 119 -75.00 36.65 -5.68
N SER I 120 -75.21 36.45 -6.97
CA SER I 120 -76.53 36.09 -7.47
C SER I 120 -76.75 34.58 -7.35
N HIS I 121 -77.91 34.21 -6.84
CA HIS I 121 -78.28 32.82 -6.64
C HIS I 121 -79.14 32.32 -7.80
N HIS I 122 -79.07 31.02 -8.07
CA HIS I 122 -79.86 30.43 -9.14
C HIS I 122 -81.32 30.26 -8.78
N GLU I 123 -81.66 30.24 -7.49
CA GLU I 123 -83.04 30.09 -7.03
C GLU I 123 -83.36 31.20 -6.04
N CYS I 124 -84.48 31.87 -6.25
CA CYS I 124 -84.88 33.02 -5.47
C CYS I 124 -85.92 32.69 -4.39
N SER I 125 -86.36 31.44 -4.31
CA SER I 125 -87.37 31.04 -3.35
C SER I 125 -86.78 30.68 -1.99
N PHE I 126 -85.46 30.77 -1.83
CA PHE I 126 -84.84 30.46 -0.55
C PHE I 126 -85.27 31.49 0.51
N LEU I 127 -85.36 31.01 1.75
CA LEU I 127 -85.80 31.84 2.87
C LEU I 127 -84.55 32.35 3.59
N LYS I 128 -84.23 33.62 3.37
CA LYS I 128 -83.13 34.29 4.06
C LYS I 128 -83.64 35.63 4.59
N PRO I 129 -83.02 36.13 5.67
CA PRO I 129 -83.40 37.46 6.15
C PRO I 129 -83.10 38.54 5.12
N CYS I 130 -83.74 39.69 5.30
CA CYS I 130 -83.58 40.83 4.41
C CYS I 130 -82.71 41.90 5.05
N LEU I 131 -82.03 42.67 4.21
CA LEU I 131 -81.23 43.82 4.65
C LEU I 131 -82.02 45.09 4.34
N CYS I 132 -82.52 45.73 5.39
CA CYS I 132 -83.30 46.95 5.24
C CYS I 132 -82.52 48.14 5.79
N VAL I 133 -82.82 49.33 5.27
CA VAL I 133 -82.09 50.53 5.65
C VAL I 133 -83.08 51.67 5.87
N SER I 134 -82.68 52.62 6.71
CA SER I 134 -83.44 53.85 6.91
C SER I 134 -82.46 54.96 7.26
N GLN I 135 -82.58 56.11 6.58
CA GLN I 135 -81.67 57.21 6.83
C GLN I 135 -82.07 57.94 8.11
N ARG I 136 -81.07 58.54 8.77
CA ARG I 136 -81.32 59.31 9.97
C ARG I 136 -81.06 60.79 9.74
N LEU J 1 -11.61 -16.09 27.45
CA LEU J 1 -11.98 -14.96 26.62
C LEU J 1 -10.81 -14.47 25.77
N HIS J 2 -9.75 -15.28 25.70
CA HIS J 2 -8.53 -14.85 25.03
C HIS J 2 -7.78 -16.03 24.41
N THR J 3 -7.32 -16.97 25.24
CA THR J 3 -6.43 -18.02 24.80
C THR J 3 -6.99 -19.39 25.15
N PHE J 4 -6.72 -20.36 24.29
CA PHE J 4 -7.09 -21.75 24.51
C PHE J 4 -5.89 -22.65 24.23
N GLN J 5 -5.64 -23.61 25.12
CA GLN J 5 -4.50 -24.50 25.01
C GLN J 5 -4.97 -25.90 24.62
N VAL J 6 -4.32 -26.50 23.64
CA VAL J 6 -4.65 -27.84 23.18
C VAL J 6 -3.40 -28.72 23.28
N PRO J 7 -3.26 -29.49 24.35
CA PRO J 7 -2.17 -30.48 24.39
C PRO J 7 -2.43 -31.60 23.40
N GLN J 8 -1.77 -31.53 22.24
CA GLN J 8 -1.94 -32.50 21.17
C GLN J 8 -0.82 -33.53 21.21
N ASN J 9 -1.19 -34.80 21.06
CA ASN J 9 -0.24 -35.90 21.00
C ASN J 9 -0.19 -36.47 19.59
N TYR J 10 1.01 -36.84 19.14
CA TYR J 10 1.21 -37.33 17.79
C TYR J 10 1.95 -38.66 17.85
N THR J 11 1.56 -39.57 16.96
CA THR J 11 2.17 -40.90 16.88
C THR J 11 2.33 -41.30 15.43
N LYS J 12 3.11 -42.36 15.21
CA LYS J 12 3.24 -42.93 13.88
C LYS J 12 1.93 -43.61 13.47
N ALA J 13 1.66 -43.58 12.17
CA ALA J 13 0.42 -44.13 11.63
C ALA J 13 0.46 -45.66 11.58
N ASN J 14 -0.72 -46.27 11.73
CA ASN J 14 -0.84 -47.72 11.69
C ASN J 14 -1.14 -48.25 10.29
N CYS J 15 -1.61 -47.40 9.38
CA CYS J 15 -2.02 -47.82 8.06
C CYS J 15 -0.92 -47.56 7.03
N THR J 16 -1.15 -48.06 5.81
CA THR J 16 -0.21 -47.95 4.71
C THR J 16 -0.85 -47.11 3.62
N TYR J 17 -0.09 -46.15 3.08
CA TYR J 17 -0.59 -45.29 2.03
C TYR J 17 0.58 -44.69 1.27
N CYS J 18 0.33 -44.35 0.02
CA CYS J 18 1.33 -43.68 -0.81
C CYS J 18 0.62 -43.00 -1.97
N ASN J 19 0.71 -41.68 -2.03
CA ASN J 19 0.18 -40.92 -3.16
C ASN J 19 1.20 -41.02 -4.29
N THR J 20 0.93 -41.89 -5.27
CA THR J 20 1.87 -42.13 -6.35
C THR J 20 1.97 -40.96 -7.32
N ARG J 21 1.06 -40.00 -7.24
CA ARG J 21 1.05 -38.88 -8.19
C ARG J 21 1.68 -37.61 -7.63
N GLU J 22 1.79 -37.48 -6.31
CA GLU J 22 2.26 -36.24 -5.71
C GLU J 22 3.38 -36.44 -4.69
N TYR J 23 3.95 -37.65 -4.60
CA TYR J 23 5.04 -37.85 -3.67
C TYR J 23 6.30 -37.11 -4.13
N THR J 24 7.12 -36.70 -3.16
CA THR J 24 8.37 -36.04 -3.49
C THR J 24 9.43 -37.05 -3.92
N PHE J 25 9.65 -38.09 -3.11
CA PHE J 25 10.51 -39.19 -3.52
C PHE J 25 10.08 -40.45 -2.77
N SER J 26 10.76 -41.56 -3.05
CA SER J 26 10.41 -42.84 -2.46
C SER J 26 11.67 -43.64 -2.19
N TYR J 27 11.68 -44.36 -1.07
CA TYR J 27 12.82 -45.18 -0.67
C TYR J 27 12.26 -46.38 0.06
N LYS J 28 12.74 -47.57 -0.30
CA LYS J 28 12.27 -48.82 0.29
C LYS J 28 10.75 -48.91 0.15
N GLY J 29 10.04 -48.86 1.27
CA GLY J 29 8.60 -48.91 1.26
C GLY J 29 7.95 -47.60 1.66
N CYS J 30 8.75 -46.57 1.92
CA CYS J 30 8.27 -45.30 2.43
C CYS J 30 8.29 -44.24 1.33
N CYS J 31 7.19 -43.51 1.21
CA CYS J 31 7.06 -42.39 0.30
C CYS J 31 7.16 -41.10 1.09
N PHE J 32 8.09 -40.23 0.68
CA PHE J 32 8.41 -39.00 1.39
C PHE J 32 7.89 -37.81 0.61
N TYR J 33 7.24 -36.88 1.32
CA TYR J 33 6.67 -35.68 0.76
C TYR J 33 7.29 -34.44 1.42
N PHE J 34 7.55 -33.42 0.61
CA PHE J 34 7.95 -32.10 1.10
C PHE J 34 6.74 -31.19 1.04
N THR J 35 6.31 -30.68 2.19
CA THR J 35 5.16 -29.79 2.23
C THR J 35 5.42 -28.53 1.43
N LYS J 36 4.49 -28.20 0.53
CA LYS J 36 4.60 -26.97 -0.25
C LYS J 36 4.41 -25.73 0.61
N LYS J 37 3.67 -25.85 1.71
CA LYS J 37 3.46 -24.75 2.63
C LYS J 37 4.49 -24.81 3.76
N LYS J 38 5.20 -23.71 3.96
CA LYS J 38 6.20 -23.65 5.00
C LYS J 38 5.53 -23.58 6.37
N HIS J 39 6.24 -24.05 7.40
CA HIS J 39 5.67 -24.12 8.74
C HIS J 39 6.75 -23.99 9.78
N THR J 40 6.31 -23.87 11.03
CA THR J 40 7.20 -23.96 12.18
C THR J 40 7.52 -25.43 12.46
N TRP J 41 8.46 -25.65 13.37
CA TRP J 41 8.84 -27.02 13.69
C TRP J 41 7.73 -27.75 14.44
N ASN J 42 7.02 -27.03 15.31
CA ASN J 42 5.95 -27.67 16.08
C ASN J 42 4.73 -27.95 15.21
N GLY J 43 4.39 -27.03 14.31
CA GLY J 43 3.24 -27.22 13.45
C GLY J 43 3.41 -28.31 12.41
N CYS J 44 4.66 -28.72 12.15
CA CYS J 44 4.91 -29.74 11.13
C CYS J 44 4.26 -31.06 11.48
N PHE J 45 4.13 -31.38 12.78
CA PHE J 45 3.46 -32.62 13.18
C PHE J 45 2.03 -32.66 12.65
N GLN J 46 1.26 -31.61 12.91
CA GLN J 46 -0.10 -31.55 12.39
C GLN J 46 -0.11 -31.43 10.87
N ALA J 47 0.84 -30.68 10.31
CA ALA J 47 0.86 -30.48 8.86
C ALA J 47 1.09 -31.79 8.13
N CYS J 48 1.94 -32.65 8.68
CA CYS J 48 2.24 -33.95 8.03
C CYS J 48 1.05 -34.89 8.27
N ALA J 49 0.44 -34.83 9.45
CA ALA J 49 -0.74 -35.68 9.77
C ALA J 49 -1.96 -35.29 8.95
N GLU J 50 -1.87 -34.26 8.12
CA GLU J 50 -3.07 -33.76 7.40
C GLU J 50 -2.78 -33.54 5.92
N LEU J 51 -1.53 -33.71 5.49
CA LEU J 51 -1.23 -33.60 4.05
C LEU J 51 -1.91 -34.77 3.36
N TYR J 52 -1.53 -35.99 3.75
CA TYR J 52 -2.12 -37.19 3.18
C TYR J 52 -2.43 -38.16 4.32
N PRO J 53 -3.31 -39.14 4.08
CA PRO J 53 -3.60 -40.14 5.11
C PRO J 53 -2.39 -40.99 5.44
N CYS J 54 -2.32 -41.44 6.70
CA CYS J 54 -1.25 -42.31 7.18
C CYS J 54 0.11 -41.64 7.00
N THR J 55 0.18 -40.35 7.29
CA THR J 55 1.39 -39.56 7.11
C THR J 55 1.72 -38.85 8.41
N TYR J 56 3.03 -38.74 8.70
CA TYR J 56 3.47 -38.14 9.95
C TYR J 56 4.83 -37.46 9.74
N PHE J 57 5.25 -36.70 10.75
CA PHE J 57 6.50 -35.97 10.71
C PHE J 57 7.67 -36.94 10.92
N TYR J 58 8.55 -37.03 9.93
CA TYR J 58 9.60 -38.04 9.92
C TYR J 58 10.96 -37.44 10.21
N GLY J 59 11.78 -38.20 10.94
CA GLY J 59 13.16 -37.85 11.18
C GLY J 59 14.09 -38.72 10.36
N PRO J 60 14.98 -38.09 9.57
CA PRO J 60 15.78 -38.86 8.62
C PRO J 60 16.93 -39.59 9.30
N THR J 61 17.03 -40.89 9.02
CA THR J 61 18.15 -41.70 9.48
C THR J 61 19.37 -41.44 8.61
N PRO J 62 20.58 -41.77 9.10
CA PRO J 62 21.80 -41.51 8.31
C PRO J 62 21.78 -42.03 6.88
N ASP J 63 21.02 -43.10 6.60
CA ASP J 63 20.99 -43.66 5.24
C ASP J 63 19.94 -42.99 4.37
N ILE J 64 18.91 -42.37 4.98
CA ILE J 64 17.91 -41.72 4.10
C ILE J 64 18.18 -40.23 3.94
N LEU J 65 18.87 -39.67 4.91
CA LEU J 65 19.23 -38.25 4.86
C LEU J 65 19.94 -37.83 3.57
N PRO J 66 20.90 -38.58 3.01
CA PRO J 66 21.47 -38.15 1.73
C PRO J 66 20.44 -38.06 0.63
N VAL J 67 19.49 -38.99 0.60
CA VAL J 67 18.41 -38.95 -0.39
C VAL J 67 17.54 -37.73 -0.19
N VAL J 68 17.17 -37.45 1.07
CA VAL J 68 16.38 -36.25 1.36
C VAL J 68 17.09 -35.01 0.87
N THR J 69 18.40 -34.90 1.15
CA THR J 69 19.15 -33.72 0.72
C THR J 69 19.31 -33.65 -0.79
N ARG J 70 19.42 -34.81 -1.46
CA ARG J 70 19.52 -34.81 -2.91
C ARG J 70 18.22 -34.34 -3.55
N ASN J 71 17.08 -34.65 -2.93
CA ASN J 71 15.81 -34.13 -3.43
C ASN J 71 15.56 -32.68 -3.01
N LEU J 72 16.51 -32.05 -2.34
CA LEU J 72 16.41 -30.67 -1.90
C LEU J 72 17.18 -29.75 -2.85
N ASN J 73 16.91 -28.45 -2.72
CA ASN J 73 17.58 -27.44 -3.52
C ASN J 73 18.59 -26.68 -2.67
N ALA J 74 19.39 -25.86 -3.35
CA ALA J 74 20.51 -25.20 -2.69
C ALA J 74 20.05 -24.32 -1.53
N ILE J 75 19.05 -23.48 -1.76
CA ILE J 75 18.64 -22.49 -0.77
C ILE J 75 17.45 -22.97 0.07
N GLU J 76 17.11 -24.25 0.00
CA GLU J 76 15.94 -24.78 0.68
C GLU J 76 16.36 -25.48 1.97
N SER J 77 15.58 -25.27 3.01
CA SER J 77 15.77 -25.90 4.31
C SER J 77 14.50 -26.67 4.66
N LEU J 78 14.64 -27.67 5.53
CA LEU J 78 13.55 -28.60 5.79
C LEU J 78 13.52 -28.96 7.27
N TRP J 79 12.39 -28.71 7.91
CA TRP J 79 12.19 -29.20 9.27
C TRP J 79 12.12 -30.71 9.25
N VAL J 80 12.73 -31.35 10.24
CA VAL J 80 12.77 -32.80 10.31
C VAL J 80 12.28 -33.25 11.68
N GLY J 81 11.68 -34.44 11.72
CA GLY J 81 11.04 -34.94 12.92
C GLY J 81 11.99 -35.63 13.89
N VAL J 82 13.00 -34.90 14.37
CA VAL J 82 13.91 -35.39 15.39
C VAL J 82 13.78 -34.49 16.61
N TYR J 83 13.33 -35.06 17.71
CA TYR J 83 13.09 -34.32 18.95
C TYR J 83 13.88 -34.94 20.10
N ARG J 84 14.06 -34.14 21.14
CA ARG J 84 14.86 -34.51 22.30
C ARG J 84 13.95 -34.89 23.46
N VAL J 85 14.34 -35.95 24.18
CA VAL J 85 13.61 -36.37 25.37
C VAL J 85 14.51 -36.55 26.59
N GLY J 86 15.81 -36.75 26.42
CA GLY J 86 16.73 -36.92 27.53
C GLY J 86 18.10 -36.37 27.21
N GLU J 87 19.08 -36.64 28.07
CA GLU J 87 20.43 -36.12 27.92
C GLU J 87 21.01 -36.44 26.54
N GLY J 88 20.78 -35.54 25.58
CA GLY J 88 21.23 -35.77 24.22
C GLY J 88 20.65 -37.02 23.59
N ASN J 89 19.45 -37.42 24.02
CA ASN J 89 18.78 -38.58 23.46
C ASN J 89 17.79 -38.11 22.40
N TRP J 90 18.30 -37.87 21.19
CA TRP J 90 17.45 -37.47 20.09
C TRP J 90 16.79 -38.69 19.48
N THR J 91 15.51 -38.56 19.14
CA THR J 91 14.75 -39.67 18.60
C THR J 91 13.68 -39.13 17.66
N SER J 92 12.97 -40.04 17.01
CA SER J 92 11.86 -39.69 16.14
C SER J 92 10.61 -40.43 16.59
N LEU J 93 9.51 -40.20 15.88
CA LEU J 93 8.32 -41.00 16.10
C LEU J 93 8.50 -42.43 15.62
N ASP J 94 9.56 -42.68 14.85
CA ASP J 94 9.92 -44.00 14.37
C ASP J 94 10.92 -44.70 15.29
N GLY J 95 11.32 -44.07 16.38
CA GLY J 95 12.30 -44.63 17.28
C GLY J 95 13.73 -44.47 16.79
N GLY J 96 14.66 -44.86 17.64
CA GLY J 96 16.07 -44.81 17.32
C GLY J 96 16.76 -43.60 17.92
N THR J 97 18.09 -43.66 17.94
CA THR J 97 18.93 -42.58 18.43
C THR J 97 19.59 -41.90 17.24
N PHE J 98 19.44 -40.58 17.15
CA PHE J 98 19.93 -39.81 16.01
C PHE J 98 21.13 -38.97 16.41
N LYS J 99 22.07 -38.83 15.47
CA LYS J 99 23.20 -37.91 15.63
C LYS J 99 22.75 -36.53 15.18
N VAL J 100 22.64 -35.60 16.13
CA VAL J 100 22.14 -34.26 15.86
C VAL J 100 23.17 -33.25 16.35
N TYR J 101 23.54 -32.31 15.49
CA TYR J 101 24.40 -31.20 15.90
C TYR J 101 23.59 -30.28 16.80
N GLN J 102 23.79 -30.40 18.11
CA GLN J 102 22.97 -29.72 19.10
C GLN J 102 23.74 -28.62 19.83
N ILE J 103 24.74 -28.03 19.17
CA ILE J 103 25.59 -27.05 19.84
C ILE J 103 24.93 -25.68 19.89
N PHE J 104 24.37 -25.22 18.75
CA PHE J 104 23.80 -23.89 18.68
C PHE J 104 22.30 -23.90 18.80
N GLY J 105 21.74 -25.04 19.17
CA GLY J 105 20.30 -25.06 19.36
C GLY J 105 19.86 -26.41 19.89
N SER J 106 18.58 -26.44 20.26
CA SER J 106 17.89 -27.67 20.73
C SER J 106 16.41 -27.52 20.35
N HIS J 107 15.55 -28.48 20.68
CA HIS J 107 14.08 -28.45 20.39
C HIS J 107 13.77 -28.66 18.89
N CYS J 108 14.11 -27.71 18.02
CA CYS J 108 13.81 -27.81 16.57
C CYS J 108 14.99 -28.40 15.81
N THR J 109 14.73 -29.17 14.75
CA THR J 109 15.80 -29.75 13.90
C THR J 109 15.49 -29.52 12.43
N TYR J 110 16.50 -29.18 11.64
CA TYR J 110 16.34 -28.90 10.22
C TYR J 110 17.54 -29.47 9.46
N VAL J 111 17.39 -29.55 8.14
CA VAL J 111 18.44 -30.01 7.24
C VAL J 111 18.45 -29.12 6.01
N SER J 112 19.63 -29.00 5.40
CA SER J 112 19.84 -28.30 4.14
C SER J 112 20.37 -29.29 3.11
N LYS J 113 20.64 -28.80 1.90
CA LYS J 113 21.18 -29.67 0.85
C LYS J 113 22.53 -30.23 1.26
N PHE J 114 23.38 -29.42 1.88
CA PHE J 114 24.72 -29.86 2.21
C PHE J 114 24.85 -30.28 3.68
N SER J 115 23.74 -30.34 4.40
CA SER J 115 23.76 -30.80 5.77
C SER J 115 24.13 -32.28 5.82
N THR J 116 25.09 -32.63 6.66
CA THR J 116 25.48 -34.02 6.84
C THR J 116 24.73 -34.70 7.97
N VAL J 117 24.30 -33.93 8.96
CA VAL J 117 23.49 -34.44 10.07
C VAL J 117 22.36 -33.45 10.34
N PRO J 118 21.28 -33.90 10.98
CA PRO J 118 20.25 -32.95 11.40
C PRO J 118 20.83 -31.90 12.35
N VAL J 119 20.46 -30.65 12.13
CA VAL J 119 21.02 -29.52 12.86
C VAL J 119 19.92 -28.89 13.69
N SER J 120 20.19 -28.67 14.97
CA SER J 120 19.24 -28.01 15.84
C SER J 120 19.33 -26.51 15.69
N HIS J 121 18.18 -25.86 15.58
CA HIS J 121 18.10 -24.42 15.38
C HIS J 121 17.86 -23.70 16.70
N HIS J 122 18.33 -22.45 16.77
CA HIS J 122 18.14 -21.65 17.97
C HIS J 122 16.72 -21.10 18.08
N GLU J 123 15.99 -21.00 16.97
CA GLU J 123 14.62 -20.51 16.95
C GLU J 123 13.77 -21.49 16.17
N CYS J 124 12.63 -21.86 16.74
CA CYS J 124 11.75 -22.86 16.15
C CYS J 124 10.57 -22.25 15.41
N SER J 125 10.44 -20.93 15.40
CA SER J 125 9.34 -20.25 14.73
C SER J 125 9.62 -19.98 13.26
N PHE J 126 10.79 -20.38 12.75
CA PHE J 126 11.10 -20.17 11.34
C PHE J 126 10.16 -21.00 10.46
N LEU J 127 9.84 -20.46 9.29
CA LEU J 127 8.91 -21.10 8.36
C LEU J 127 9.73 -21.87 7.33
N LYS J 128 9.75 -23.20 7.48
CA LYS J 128 10.40 -24.11 6.55
C LYS J 128 9.43 -25.23 6.20
N PRO J 129 9.57 -25.84 5.02
CA PRO J 129 8.74 -26.99 4.70
C PRO J 129 9.00 -28.15 5.65
N CYS J 130 8.05 -29.08 5.68
CA CYS J 130 8.14 -30.25 6.54
C CYS J 130 8.49 -31.48 5.71
N LEU J 131 9.12 -32.44 6.36
CA LEU J 131 9.43 -33.73 5.77
C LEU J 131 8.44 -34.75 6.31
N CYS J 132 7.50 -35.18 5.47
CA CYS J 132 6.49 -36.14 5.88
C CYS J 132 6.74 -37.46 5.19
N VAL J 133 6.29 -38.55 5.83
CA VAL J 133 6.52 -39.88 5.31
C VAL J 133 5.24 -40.70 5.44
N SER J 134 5.10 -41.70 4.57
CA SER J 134 4.02 -42.67 4.68
C SER J 134 4.49 -44.00 4.14
N GLN J 135 4.30 -45.06 4.93
CA GLN J 135 4.74 -46.38 4.50
C GLN J 135 3.75 -46.98 3.52
N ARG J 136 4.26 -47.87 2.66
CA ARG J 136 3.42 -48.56 1.69
C ARG J 136 3.29 -50.04 2.05
N LEU K 1 104.78 -27.00 -43.57
CA LEU K 1 105.22 -26.00 -42.60
C LEU K 1 104.05 -25.40 -41.84
N HIS K 2 102.87 -26.02 -41.94
CA HIS K 2 101.69 -25.44 -41.34
C HIS K 2 100.68 -26.48 -40.87
N THR K 3 100.12 -27.25 -41.81
CA THR K 3 99.00 -28.13 -41.50
C THR K 3 99.29 -29.56 -41.96
N PHE K 4 98.74 -30.52 -41.21
CA PHE K 4 98.80 -31.92 -41.55
C PHE K 4 97.42 -32.53 -41.43
N GLN K 5 97.05 -33.37 -42.40
CA GLN K 5 95.72 -33.97 -42.47
C GLN K 5 95.81 -35.44 -42.09
N VAL K 6 94.90 -35.87 -41.21
CA VAL K 6 94.84 -37.25 -40.74
C VAL K 6 93.44 -37.80 -41.04
N PRO K 7 93.30 -38.57 -42.12
CA PRO K 7 92.01 -39.20 -42.42
C PRO K 7 91.66 -40.31 -41.45
N GLN K 8 90.82 -40.02 -40.46
CA GLN K 8 90.43 -40.99 -39.45
C GLN K 8 89.08 -41.62 -39.80
N ASN K 9 89.01 -42.94 -39.72
CA ASN K 9 87.78 -43.69 -39.94
C ASN K 9 87.33 -44.33 -38.63
N TYR K 10 86.02 -44.36 -38.40
CA TYR K 10 85.46 -44.83 -37.15
C TYR K 10 84.41 -45.90 -37.37
N THR K 11 84.40 -46.88 -36.47
CA THR K 11 83.39 -47.91 -36.41
C THR K 11 83.05 -48.15 -34.96
N LYS K 12 81.92 -48.80 -34.71
CA LYS K 12 81.60 -49.19 -33.35
C LYS K 12 82.52 -50.34 -32.92
N ALA K 13 82.75 -50.43 -31.61
CA ALA K 13 83.66 -51.44 -31.10
C ALA K 13 83.01 -52.83 -31.15
N ASN K 14 83.85 -53.85 -31.35
CA ASN K 14 83.39 -55.22 -31.42
C ASN K 14 83.45 -55.95 -30.08
N CYS K 15 84.20 -55.44 -29.12
CA CYS K 15 84.40 -56.10 -27.84
C CYS K 15 83.46 -55.54 -26.77
N THR K 16 83.46 -56.19 -25.62
CA THR K 16 82.58 -55.86 -24.50
C THR K 16 83.41 -55.42 -23.31
N TYR K 17 82.98 -54.33 -22.68
CA TYR K 17 83.66 -53.78 -21.51
C TYR K 17 82.66 -52.93 -20.73
N CYS K 18 82.87 -52.81 -19.42
CA CYS K 18 82.03 -51.94 -18.60
C CYS K 18 82.75 -51.59 -17.32
N ASN K 19 83.06 -50.30 -17.13
CA ASN K 19 83.63 -49.80 -15.88
C ASN K 19 82.47 -49.55 -14.92
N THR K 20 82.28 -50.45 -13.96
CA THR K 20 81.16 -50.32 -13.02
C THR K 20 81.39 -49.21 -11.99
N ARG K 21 82.60 -48.65 -11.90
CA ARG K 21 82.90 -47.67 -10.87
C ARG K 21 82.86 -46.23 -11.37
N GLU K 22 82.98 -46.00 -12.68
CA GLU K 22 83.03 -44.65 -13.20
C GLU K 22 82.04 -44.43 -14.35
N TYR K 23 81.14 -45.38 -14.59
CA TYR K 23 80.13 -45.22 -15.62
C TYR K 23 79.09 -44.19 -15.19
N THR K 24 78.47 -43.55 -16.18
CA THR K 24 77.41 -42.59 -15.84
C THR K 24 76.11 -43.31 -15.50
N PHE K 25 75.62 -44.18 -16.39
CA PHE K 25 74.48 -45.03 -16.05
C PHE K 25 74.50 -46.26 -16.92
N SER K 26 73.59 -47.19 -16.65
CA SER K 26 73.54 -48.45 -17.42
C SER K 26 72.09 -48.82 -17.75
N TYR K 27 71.84 -49.22 -18.99
CA TYR K 27 70.45 -49.53 -19.38
C TYR K 27 70.43 -50.46 -20.59
N LYS K 28 69.60 -51.52 -20.51
CA LYS K 28 69.42 -52.44 -21.67
C LYS K 28 70.77 -52.96 -22.18
N GLY K 29 71.54 -53.60 -21.30
CA GLY K 29 72.82 -54.21 -21.71
C GLY K 29 73.91 -53.23 -22.09
N CYS K 30 73.64 -51.94 -21.94
CA CYS K 30 74.62 -50.94 -22.38
C CYS K 30 75.07 -50.07 -21.21
N CYS K 31 76.37 -49.84 -21.11
CA CYS K 31 76.95 -48.93 -20.09
C CYS K 31 77.29 -47.61 -20.76
N PHE K 32 76.76 -46.52 -20.22
CA PHE K 32 76.88 -45.18 -20.79
C PHE K 32 77.78 -44.32 -19.92
N TYR K 33 78.72 -43.63 -20.57
CA TYR K 33 79.69 -42.74 -19.96
C TYR K 33 79.51 -41.34 -20.50
N PHE K 34 79.59 -40.36 -19.60
CA PHE K 34 79.64 -38.94 -19.96
C PHE K 34 81.08 -38.48 -19.82
N THR K 35 81.67 -38.03 -20.92
CA THR K 35 83.03 -37.51 -20.86
C THR K 35 83.07 -36.30 -19.93
N LYS K 36 83.98 -36.34 -18.96
CA LYS K 36 84.11 -35.21 -18.04
C LYS K 36 84.70 -34.01 -18.75
N LYS K 37 85.47 -34.26 -19.80
CA LYS K 37 86.04 -33.17 -20.60
C LYS K 37 85.14 -32.88 -21.79
N LYS K 38 84.73 -31.61 -21.91
CA LYS K 38 83.81 -31.20 -22.96
C LYS K 38 84.52 -31.19 -24.31
N HIS K 39 83.73 -31.31 -25.39
CA HIS K 39 84.35 -31.36 -26.70
C HIS K 39 83.45 -30.88 -27.81
N THR K 40 84.08 -30.77 -29.00
CA THR K 40 83.35 -30.55 -30.22
C THR K 40 82.70 -31.85 -30.67
N TRP K 41 81.81 -31.73 -31.65
CA TRP K 41 81.12 -32.90 -32.14
C TRP K 41 82.06 -33.84 -32.88
N ASN K 42 83.01 -33.27 -33.62
CA ASN K 42 83.94 -34.08 -34.41
C ASN K 42 84.94 -34.82 -33.51
N GLY K 43 85.47 -34.15 -32.48
CA GLY K 43 86.43 -34.81 -31.63
C GLY K 43 85.85 -35.87 -30.73
N CYS K 44 84.53 -35.84 -30.49
CA CYS K 44 83.92 -36.80 -29.59
C CYS K 44 84.13 -38.22 -30.09
N PHE K 45 84.19 -38.40 -31.41
CA PHE K 45 84.45 -39.71 -31.98
C PHE K 45 85.74 -40.29 -31.41
N GLN K 46 86.82 -39.51 -31.45
CA GLN K 46 88.06 -39.96 -30.82
C GLN K 46 87.91 -40.01 -29.31
N ALA K 47 87.21 -39.03 -28.73
CA ALA K 47 87.13 -38.93 -27.27
C ALA K 47 86.49 -40.17 -26.66
N CYS K 48 85.45 -40.69 -27.29
CA CYS K 48 84.86 -41.93 -26.82
C CYS K 48 85.69 -43.15 -27.20
N ALA K 49 86.37 -43.10 -28.35
CA ALA K 49 87.24 -44.21 -28.74
C ALA K 49 88.47 -44.32 -27.86
N GLU K 50 88.77 -43.31 -27.05
CA GLU K 50 89.96 -43.31 -26.21
C GLU K 50 89.64 -43.18 -24.73
N LEU K 51 88.37 -42.99 -24.36
CA LEU K 51 88.00 -42.91 -22.95
C LEU K 51 88.24 -44.24 -22.24
N TYR K 52 87.64 -45.30 -22.75
CA TYR K 52 87.74 -46.64 -22.19
C TYR K 52 87.80 -47.63 -23.36
N PRO K 53 88.31 -48.83 -23.12
CA PRO K 53 88.31 -49.84 -24.19
C PRO K 53 86.89 -50.23 -24.59
N CYS K 54 86.72 -50.55 -25.86
CA CYS K 54 85.40 -51.04 -26.37
C CYS K 54 84.33 -49.94 -26.19
N THR K 55 84.73 -48.67 -26.34
CA THR K 55 83.81 -47.52 -26.16
C THR K 55 83.77 -46.70 -27.46
N TYR K 56 82.59 -46.22 -27.86
CA TYR K 56 82.42 -45.43 -29.11
C TYR K 56 81.37 -44.34 -28.96
N PHE K 57 81.34 -43.40 -29.90
CA PHE K 57 80.34 -42.29 -29.90
C PHE K 57 78.96 -42.85 -30.24
N TYR K 58 78.05 -42.84 -29.27
CA TYR K 58 76.73 -43.49 -29.44
C TYR K 58 75.60 -42.54 -29.85
N GLY K 59 74.72 -43.01 -30.71
CA GLY K 59 73.52 -42.24 -31.08
C GLY K 59 72.31 -42.74 -30.32
N PRO K 60 71.72 -41.93 -29.42
CA PRO K 60 70.62 -42.40 -28.57
C PRO K 60 69.37 -42.85 -29.32
N THR K 61 68.99 -44.10 -29.11
CA THR K 61 67.76 -44.62 -29.75
C THR K 61 66.55 -43.99 -29.06
N PRO K 62 65.38 -43.89 -29.72
CA PRO K 62 64.19 -43.34 -29.09
C PRO K 62 63.86 -43.91 -27.71
N ASP K 63 64.37 -45.10 -27.39
CA ASP K 63 64.06 -45.78 -26.10
C ASP K 63 65.15 -45.49 -25.08
N ILE K 64 66.33 -45.09 -25.55
CA ILE K 64 67.46 -44.81 -24.64
C ILE K 64 67.44 -43.33 -24.29
N LEU K 65 67.04 -42.48 -25.26
CA LEU K 65 67.02 -41.00 -25.04
C LEU K 65 66.35 -40.63 -23.71
N PRO K 66 65.15 -41.09 -23.32
CA PRO K 66 64.56 -40.65 -22.04
C PRO K 66 65.48 -40.81 -20.82
N VAL K 67 66.33 -41.84 -20.78
CA VAL K 67 67.20 -42.12 -19.60
C VAL K 67 68.43 -41.22 -19.70
N VAL K 68 69.01 -41.10 -20.90
CA VAL K 68 70.15 -40.17 -21.10
C VAL K 68 69.72 -38.78 -20.62
N THR K 69 68.56 -38.31 -21.08
CA THR K 69 68.10 -36.94 -20.75
C THR K 69 67.89 -36.79 -19.24
N ARG K 70 67.42 -37.83 -18.57
CA ARG K 70 67.13 -37.72 -17.13
C ARG K 70 68.44 -37.63 -16.34
N ASN K 71 69.52 -38.22 -16.85
CA ASN K 71 70.83 -38.20 -16.17
C ASN K 71 71.56 -36.89 -16.49
N LEU K 72 70.93 -36.03 -17.30
CA LEU K 72 71.50 -34.70 -17.60
C LEU K 72 70.83 -33.69 -16.67
N ASN K 73 71.48 -32.55 -16.46
CA ASN K 73 70.84 -31.46 -15.67
C ASN K 73 70.35 -30.38 -16.65
N ALA K 74 69.63 -29.37 -16.17
CA ALA K 74 69.01 -28.38 -17.08
C ALA K 74 70.04 -27.60 -17.92
N ILE K 75 71.13 -27.12 -17.33
CA ILE K 75 72.12 -26.27 -18.08
C ILE K 75 73.11 -27.11 -18.86
N GLU K 76 72.86 -28.41 -19.00
CA GLU K 76 73.85 -29.31 -19.65
C GLU K 76 73.41 -29.74 -21.04
N SER K 77 74.38 -29.86 -21.96
CA SER K 77 74.10 -30.35 -23.33
C SER K 77 75.02 -31.55 -23.58
N LEU K 78 74.80 -32.27 -24.66
CA LEU K 78 75.58 -33.50 -24.90
C LEU K 78 75.64 -33.82 -26.38
N TRP K 79 76.83 -33.82 -26.96
CA TRP K 79 76.99 -34.25 -28.37
C TRP K 79 76.66 -35.73 -28.49
N VAL K 80 76.06 -36.13 -29.59
CA VAL K 80 75.60 -37.55 -29.74
C VAL K 80 76.01 -38.10 -31.11
N GLY K 81 76.25 -39.41 -31.19
CA GLY K 81 76.78 -40.03 -32.42
C GLY K 81 75.76 -40.27 -33.51
N VAL K 82 75.08 -39.23 -33.96
CA VAL K 82 74.14 -39.32 -35.06
C VAL K 82 74.64 -38.39 -36.16
N TYR K 83 74.97 -38.95 -37.31
CA TYR K 83 75.49 -38.21 -38.44
C TYR K 83 74.62 -38.47 -39.67
N ARG K 84 74.79 -37.65 -40.71
CA ARG K 84 73.87 -37.80 -41.86
C ARG K 84 74.60 -38.19 -43.14
N VAL K 85 73.86 -38.79 -44.07
CA VAL K 85 74.44 -39.23 -45.37
C VAL K 85 73.47 -38.94 -46.52
N GLY K 86 72.34 -39.63 -46.60
CA GLY K 86 71.42 -39.51 -47.76
C GLY K 86 70.30 -40.53 -47.70
N GLU K 87 69.19 -40.36 -48.45
CA GLU K 87 67.97 -41.25 -48.36
C GLU K 87 67.49 -41.17 -46.90
N GLY K 88 67.51 -42.27 -46.16
CA GLY K 88 67.28 -42.17 -44.70
C GLY K 88 68.62 -41.73 -44.14
N ASN K 89 68.91 -40.45 -44.17
CA ASN K 89 70.27 -39.94 -43.84
C ASN K 89 70.68 -40.17 -42.41
N TRP K 90 69.96 -39.64 -41.46
CA TRP K 90 70.45 -39.71 -40.06
C TRP K 90 70.67 -41.15 -39.60
N THR K 91 71.91 -41.47 -39.24
CA THR K 91 72.24 -42.80 -38.77
C THR K 91 73.30 -42.69 -37.68
N SER K 92 73.61 -43.83 -37.08
CA SER K 92 74.64 -43.94 -36.06
C SER K 92 75.65 -45.02 -36.46
N LEU K 93 76.64 -45.23 -35.60
CA LEU K 93 77.58 -46.34 -35.82
C LEU K 93 76.93 -47.70 -35.63
N ASP K 94 75.74 -47.76 -35.04
CA ASP K 94 74.98 -49.00 -34.89
C ASP K 94 73.99 -49.22 -36.02
N GLY K 95 73.93 -48.31 -37.00
CA GLY K 95 72.97 -48.41 -38.07
C GLY K 95 71.60 -47.91 -37.67
N GLY K 96 70.70 -47.87 -38.65
CA GLY K 96 69.34 -47.44 -38.43
C GLY K 96 69.10 -46.01 -38.85
N THR K 97 67.83 -45.65 -38.98
CA THR K 97 67.42 -44.31 -39.36
C THR K 97 66.85 -43.59 -38.15
N PHE K 98 67.37 -42.40 -37.87
CA PHE K 98 66.99 -41.63 -36.69
C PHE K 98 66.17 -40.41 -37.10
N LYS K 99 65.20 -40.06 -36.27
CA LYS K 99 64.43 -38.83 -36.43
C LYS K 99 65.20 -37.71 -35.73
N VAL K 100 65.71 -36.75 -36.52
CA VAL K 100 66.53 -35.67 -36.00
C VAL K 100 65.93 -34.35 -36.46
N TYR K 101 65.73 -33.43 -35.52
CA TYR K 101 65.29 -32.08 -35.84
C TYR K 101 66.44 -31.34 -36.51
N GLN K 102 66.40 -31.24 -37.84
CA GLN K 102 67.52 -30.73 -38.62
C GLN K 102 67.20 -29.38 -39.29
N ILE K 103 66.36 -28.56 -38.65
CA ILE K 103 65.98 -27.30 -39.28
C ILE K 103 67.08 -26.26 -39.11
N PHE K 104 67.64 -26.16 -37.91
CA PHE K 104 68.68 -25.20 -37.57
C PHE K 104 70.07 -25.85 -37.48
N GLY K 105 70.22 -27.06 -38.05
CA GLY K 105 71.42 -27.84 -37.91
C GLY K 105 72.25 -28.00 -39.17
N SER K 106 73.31 -28.81 -39.03
CA SER K 106 74.15 -29.20 -40.16
C SER K 106 74.84 -30.54 -39.90
N HIS K 107 76.05 -30.50 -39.37
CA HIS K 107 76.76 -31.72 -39.05
C HIS K 107 77.03 -32.00 -37.58
N CYS K 108 76.45 -31.26 -36.67
CA CYS K 108 76.52 -31.63 -35.26
C CYS K 108 75.13 -32.01 -34.76
N THR K 109 75.05 -33.01 -33.86
CA THR K 109 73.79 -33.39 -33.23
C THR K 109 74.01 -33.44 -31.73
N TYR K 110 73.06 -32.90 -30.98
CA TYR K 110 73.15 -32.81 -29.53
C TYR K 110 71.79 -33.06 -28.91
N VAL K 111 71.81 -33.30 -27.60
CA VAL K 111 70.61 -33.49 -26.80
C VAL K 111 70.74 -32.72 -25.49
N SER K 112 69.61 -32.31 -24.94
CA SER K 112 69.52 -31.63 -23.65
C SER K 112 68.70 -32.48 -22.68
N LYS K 113 68.51 -31.94 -21.47
CA LYS K 113 67.72 -32.63 -20.46
C LYS K 113 66.28 -32.83 -20.92
N PHE K 114 65.74 -31.88 -21.67
CA PHE K 114 64.36 -31.94 -22.14
C PHE K 114 64.24 -32.30 -23.61
N SER K 115 65.33 -32.70 -24.24
CA SER K 115 65.29 -33.07 -25.66
C SER K 115 64.43 -34.31 -25.86
N THR K 116 63.49 -34.22 -26.81
CA THR K 116 62.68 -35.36 -27.19
C THR K 116 63.26 -36.11 -28.37
N VAL K 117 64.00 -35.42 -29.23
CA VAL K 117 64.71 -36.04 -30.36
C VAL K 117 66.11 -35.43 -30.44
N PRO K 118 67.04 -36.13 -31.07
CA PRO K 118 68.34 -35.51 -31.35
C PRO K 118 68.16 -34.27 -32.20
N VAL K 119 68.86 -33.20 -31.84
CA VAL K 119 68.71 -31.91 -32.48
C VAL K 119 70.01 -31.55 -33.19
N SER K 120 69.91 -31.14 -34.44
CA SER K 120 71.08 -30.71 -35.18
C SER K 120 71.41 -29.26 -34.86
N HIS K 121 72.69 -29.00 -34.59
CA HIS K 121 73.17 -27.68 -34.21
C HIS K 121 73.74 -26.94 -35.41
N HIS K 122 73.65 -25.61 -35.37
CA HIS K 122 74.16 -24.79 -36.46
C HIS K 122 75.68 -24.66 -36.43
N GLU K 123 76.31 -24.86 -35.28
CA GLU K 123 77.75 -24.77 -35.13
C GLU K 123 78.26 -26.02 -34.41
N CYS K 124 79.29 -26.66 -34.98
CA CYS K 124 79.78 -27.94 -34.47
C CYS K 124 81.03 -27.84 -33.61
N SER K 125 81.62 -26.66 -33.48
CA SER K 125 82.84 -26.49 -32.70
C SER K 125 82.57 -26.20 -31.23
N PHE K 126 81.30 -26.17 -30.82
CA PHE K 126 80.97 -25.93 -29.42
C PHE K 126 81.49 -27.07 -28.55
N LEU K 127 81.86 -26.73 -27.31
CA LEU K 127 82.46 -27.68 -26.38
C LEU K 127 81.35 -28.26 -25.49
N LYS K 128 80.96 -29.49 -25.77
CA LYS K 128 79.98 -30.22 -24.98
C LYS K 128 80.54 -31.60 -24.66
N PRO K 129 80.13 -32.20 -23.54
CA PRO K 129 80.54 -33.58 -23.25
C PRO K 129 79.99 -34.55 -24.29
N CYS K 130 80.60 -35.72 -24.36
CA CYS K 130 80.22 -36.76 -25.30
C CYS K 130 79.47 -37.87 -24.58
N LEU K 131 78.60 -38.54 -25.35
CA LEU K 131 77.86 -39.71 -24.87
C LEU K 131 78.51 -40.96 -25.45
N CYS K 132 79.20 -41.72 -24.61
CA CYS K 132 79.87 -42.93 -25.04
C CYS K 132 79.17 -44.15 -24.45
N VAL K 133 79.26 -45.29 -25.14
CA VAL K 133 78.59 -46.50 -24.72
C VAL K 133 79.51 -47.70 -24.90
N SER K 134 79.25 -48.75 -24.12
CA SER K 134 79.95 -50.02 -24.24
C SER K 134 79.01 -51.16 -23.89
N GLN K 135 79.01 -52.19 -24.73
CA GLN K 135 78.13 -53.34 -24.56
C GLN K 135 78.68 -54.29 -23.49
N ARG K 136 77.77 -55.06 -22.90
CA ARG K 136 78.15 -56.07 -21.91
C ARG K 136 77.97 -57.47 -22.47
N LEU L 1 18.50 9.96 25.82
CA LEU L 1 18.46 8.89 24.82
C LEU L 1 17.02 8.59 24.38
N HIS L 2 16.09 9.47 24.74
CA HIS L 2 14.68 9.19 24.46
C HIS L 2 13.86 10.45 24.22
N THR L 3 13.75 11.31 25.24
CA THR L 3 12.83 12.43 25.22
C THR L 3 13.57 13.73 25.53
N PHE L 4 13.12 14.81 24.90
CA PHE L 4 13.64 16.14 25.15
C PHE L 4 12.49 17.10 25.38
N GLN L 5 12.63 17.97 26.39
CA GLN L 5 11.60 18.91 26.78
C GLN L 5 12.01 20.31 26.34
N VAL L 6 11.07 21.04 25.74
CA VAL L 6 11.29 22.39 25.26
C VAL L 6 10.27 23.30 25.94
N PRO L 7 10.60 24.02 27.05
CA PRO L 7 9.58 24.82 27.72
C PRO L 7 9.30 26.06 26.86
N GLN L 8 8.18 26.04 26.14
CA GLN L 8 7.88 27.15 25.21
C GLN L 8 6.90 28.11 25.87
N ASN L 9 7.15 29.40 25.74
CA ASN L 9 6.22 30.42 26.29
C ASN L 9 5.63 31.16 25.10
N TYR L 10 4.34 31.49 25.18
CA TYR L 10 3.67 32.14 24.03
C TYR L 10 2.98 33.41 24.50
N THR L 11 3.01 34.44 23.66
CA THR L 11 2.29 35.69 23.97
C THR L 11 1.64 36.21 22.70
N LYS L 12 0.85 37.27 22.83
CA LYS L 12 0.27 37.89 21.65
C LYS L 12 1.31 38.70 20.90
N ALA L 13 1.14 38.79 19.58
CA ALA L 13 2.14 39.45 18.74
C ALA L 13 2.10 40.97 18.93
N ASN L 14 3.26 41.59 18.81
CA ASN L 14 3.39 43.03 18.97
C ASN L 14 3.27 43.80 17.67
N CYS L 15 3.47 43.15 16.53
CA CYS L 15 3.46 43.82 15.24
C CYS L 15 2.11 43.62 14.54
N THR L 16 1.96 44.32 13.41
CA THR L 16 0.72 44.32 12.64
C THR L 16 0.97 43.71 11.27
N TYR L 17 0.09 42.80 10.87
CA TYR L 17 0.22 42.13 9.58
C TYR L 17 -1.14 41.59 9.17
N CYS L 18 -1.34 41.44 7.86
CA CYS L 18 -2.57 40.82 7.35
C CYS L 18 -2.30 40.34 5.93
N ASN L 19 -2.39 39.03 5.73
CA ASN L 19 -2.28 38.43 4.39
C ASN L 19 -3.63 38.60 3.70
N THR L 20 -3.71 39.59 2.80
CA THR L 20 -4.96 39.94 2.12
C THR L 20 -5.37 38.90 1.08
N ARG L 21 -4.49 37.99 0.68
CA ARG L 21 -4.81 37.08 -0.40
C ARG L 21 -5.28 35.69 0.06
N GLU L 22 -4.92 35.27 1.27
CA GLU L 22 -5.25 33.91 1.71
C GLU L 22 -5.88 33.87 3.10
N TYR L 23 -6.26 35.01 3.67
CA TYR L 23 -6.91 35.00 4.97
C TYR L 23 -8.30 34.39 4.86
N THR L 24 -8.77 33.80 5.97
CA THR L 24 -10.10 33.20 5.96
C THR L 24 -11.18 34.27 6.01
N PHE L 25 -11.11 35.17 6.99
CA PHE L 25 -12.00 36.34 6.97
C PHE L 25 -11.35 37.44 7.78
N SER L 26 -12.02 38.60 7.81
CA SER L 26 -11.50 39.73 8.57
C SER L 26 -12.68 40.51 9.13
N TYR L 27 -12.57 40.91 10.39
CA TYR L 27 -13.64 41.64 11.06
C TYR L 27 -13.05 42.53 12.15
N LYS L 28 -13.55 43.76 12.22
CA LYS L 28 -13.15 44.74 13.23
C LYS L 28 -11.63 44.92 13.26
N GLY L 29 -11.05 45.04 12.07
CA GLY L 29 -9.63 45.25 11.94
C GLY L 29 -8.76 44.04 12.20
N CYS L 30 -9.33 42.90 12.54
CA CYS L 30 -8.57 41.70 12.84
C CYS L 30 -8.74 40.72 11.69
N CYS L 31 -7.63 40.14 11.22
CA CYS L 31 -7.67 39.15 10.16
C CYS L 31 -7.53 37.77 10.79
N PHE L 32 -8.49 36.91 10.53
CA PHE L 32 -8.58 35.58 11.10
C PHE L 32 -8.30 34.55 10.03
N TYR L 33 -7.44 33.60 10.36
CA TYR L 33 -7.04 32.51 9.47
C TYR L 33 -7.36 31.19 10.15
N PHE L 34 -7.88 30.25 9.36
CA PHE L 34 -8.09 28.89 9.78
C PHE L 34 -6.97 28.03 9.20
N THR L 35 -6.18 27.40 10.08
CA THR L 35 -5.10 26.55 9.61
C THR L 35 -5.66 25.41 8.77
N LYS L 36 -5.11 25.25 7.57
CA LYS L 36 -5.57 24.16 6.70
C LYS L 36 -5.13 22.80 7.24
N LYS L 37 -4.05 22.77 8.01
CA LYS L 37 -3.59 21.54 8.63
C LYS L 37 -4.19 21.43 10.03
N LYS L 38 -4.89 20.34 10.31
CA LYS L 38 -5.55 20.14 11.59
C LYS L 38 -4.55 19.81 12.69
N HIS L 39 -4.92 20.11 13.94
CA HIS L 39 -3.99 19.89 15.03
C HIS L 39 -4.67 19.68 16.37
N THR L 40 -3.83 19.35 17.36
CA THR L 40 -4.22 19.31 18.75
C THR L 40 -4.26 20.74 19.31
N TRP L 41 -4.81 20.86 20.50
CA TRP L 41 -4.96 22.17 21.12
C TRP L 41 -3.62 22.76 21.54
N ASN L 42 -2.70 21.93 22.03
CA ASN L 42 -1.43 22.44 22.50
C ASN L 42 -0.54 22.89 21.36
N GLY L 43 -0.53 22.14 20.25
CA GLY L 43 0.29 22.51 19.11
C GLY L 43 -0.22 23.73 18.37
N CYS L 44 -1.48 24.10 18.60
CA CYS L 44 -2.07 25.23 17.88
C CYS L 44 -1.35 26.54 18.16
N PHE L 45 -0.80 26.71 19.36
CA PHE L 45 -0.05 27.93 19.67
C PHE L 45 1.11 28.13 18.69
N GLN L 46 1.96 27.12 18.55
CA GLN L 46 3.05 27.21 17.60
C GLN L 46 2.55 27.25 16.17
N ALA L 47 1.49 26.48 15.87
CA ALA L 47 0.98 26.44 14.50
C ALA L 47 0.49 27.81 14.04
N CYS L 48 -0.17 28.56 14.94
CA CYS L 48 -0.60 29.90 14.61
C CYS L 48 0.57 30.88 14.65
N ALA L 49 1.56 30.63 15.51
CA ALA L 49 2.78 31.43 15.49
C ALA L 49 3.59 31.20 14.21
N GLU L 50 3.23 30.21 13.40
CA GLU L 50 3.99 29.86 12.20
C GLU L 50 3.22 30.01 10.91
N LEU L 51 1.92 30.33 10.97
CA LEU L 51 1.16 30.52 9.74
C LEU L 51 1.66 31.75 8.97
N TYR L 52 1.65 32.90 9.62
CA TYR L 52 2.10 34.15 9.03
C TYR L 52 2.76 34.97 10.12
N PRO L 53 3.58 35.97 9.75
CA PRO L 53 4.19 36.81 10.78
C PRO L 53 3.15 37.59 11.56
N CYS L 54 3.47 37.85 12.83
CA CYS L 54 2.61 38.61 13.74
C CYS L 54 1.25 37.94 13.92
N THR L 55 1.26 36.61 14.01
CA THR L 55 0.03 35.83 14.14
C THR L 55 0.16 34.90 15.34
N TYR L 56 -0.94 34.71 16.06
CA TYR L 56 -0.92 33.91 17.28
C TYR L 56 -2.28 33.24 17.48
N PHE L 57 -2.32 32.34 18.47
CA PHE L 57 -3.52 31.59 18.79
C PHE L 57 -4.53 32.49 19.51
N TYR L 58 -5.70 32.68 18.90
CA TYR L 58 -6.68 33.66 19.34
C TYR L 58 -7.87 33.00 20.03
N GLY L 59 -8.39 33.68 21.06
CA GLY L 59 -9.60 33.27 21.70
C GLY L 59 -10.76 34.19 21.35
N PRO L 60 -11.86 33.60 20.84
CA PRO L 60 -12.95 34.42 20.31
C PRO L 60 -13.78 35.05 21.42
N THR L 61 -13.96 36.37 21.34
CA THR L 61 -14.83 37.09 22.25
C THR L 61 -16.28 36.92 21.86
N PRO L 62 -17.22 37.15 22.79
CA PRO L 62 -18.65 36.98 22.46
C PRO L 62 -19.12 37.73 21.21
N ASP L 63 -18.47 38.83 20.84
CA ASP L 63 -18.90 39.57 19.67
C ASP L 63 -18.28 39.05 18.37
N ILE L 64 -17.18 38.32 18.46
CA ILE L 64 -16.53 37.78 17.27
C ILE L 64 -17.00 36.35 16.98
N LEU L 65 -17.38 35.61 18.01
CA LEU L 65 -17.77 34.21 17.85
C LEU L 65 -18.86 33.95 16.81
N PRO L 66 -19.93 34.75 16.71
CA PRO L 66 -20.94 34.43 15.68
C PRO L 66 -20.39 34.41 14.26
N VAL L 67 -19.51 35.34 13.91
CA VAL L 67 -18.95 35.36 12.56
C VAL L 67 -18.06 34.14 12.34
N VAL L 68 -17.20 33.83 13.33
CA VAL L 68 -16.33 32.66 13.25
C VAL L 68 -17.17 31.40 13.03
N THR L 69 -18.25 31.26 13.80
CA THR L 69 -19.10 30.08 13.67
C THR L 69 -19.81 30.06 12.32
N ARG L 70 -20.17 31.23 11.79
CA ARG L 70 -20.80 31.29 10.48
C ARG L 70 -19.85 30.88 9.36
N ASN L 71 -18.56 31.20 9.50
CA ASN L 71 -17.59 30.80 8.49
C ASN L 71 -17.21 29.32 8.57
N LEU L 72 -17.79 28.59 9.50
CA LEU L 72 -17.54 27.16 9.67
C LEU L 72 -18.69 26.35 9.09
N ASN L 73 -18.45 25.07 8.87
CA ASN L 73 -19.48 24.16 8.38
C ASN L 73 -19.90 23.21 9.51
N ALA L 74 -20.94 22.43 9.23
CA ALA L 74 -21.56 21.62 10.28
C ALA L 74 -20.58 20.67 10.96
N ILE L 75 -19.79 19.95 10.16
CA ILE L 75 -18.93 18.87 10.67
C ILE L 75 -17.49 19.34 10.85
N GLU L 76 -17.26 20.64 11.04
CA GLU L 76 -15.91 21.19 10.97
C GLU L 76 -15.19 21.27 12.32
N SER L 77 -15.63 22.18 13.19
CA SER L 77 -15.08 22.38 14.54
C SER L 77 -13.67 23.00 14.51
N LEU L 78 -13.32 23.76 15.54
CA LEU L 78 -12.11 24.58 15.52
C LEU L 78 -11.54 24.76 16.92
N TRP L 79 -10.26 24.44 17.11
CA TRP L 79 -9.58 24.78 18.36
C TRP L 79 -9.49 26.30 18.52
N VAL L 80 -9.68 26.76 19.75
CA VAL L 80 -9.63 28.19 20.05
C VAL L 80 -8.67 28.45 21.21
N GLY L 81 -8.07 29.63 21.19
CA GLY L 81 -7.03 29.99 22.15
C GLY L 81 -7.53 30.54 23.48
N VAL L 82 -8.32 29.75 24.19
CA VAL L 82 -8.80 30.10 25.52
C VAL L 82 -8.28 29.06 26.50
N TYR L 83 -7.48 29.49 27.47
CA TYR L 83 -6.87 28.58 28.43
C TYR L 83 -7.26 29.00 29.85
N ARG L 84 -7.15 28.04 30.77
CA ARG L 84 -7.61 28.24 32.14
C ARG L 84 -6.44 28.46 33.08
N VAL L 85 -6.61 29.42 34.00
CA VAL L 85 -5.66 29.69 35.07
C VAL L 85 -6.46 29.79 36.36
N GLY L 86 -5.89 29.27 37.45
CA GLY L 86 -6.57 29.32 38.73
C GLY L 86 -6.83 30.73 39.22
N GLU L 87 -6.01 31.68 38.79
CA GLU L 87 -6.18 33.08 39.19
C GLU L 87 -7.45 33.66 38.57
N GLY L 88 -7.44 33.89 37.26
CA GLY L 88 -8.63 34.44 36.63
C GLY L 88 -9.32 33.56 35.63
N ASN L 89 -9.70 32.35 36.05
CA ASN L 89 -10.53 31.44 35.25
C ASN L 89 -10.03 31.30 33.82
N TRP L 90 -10.97 31.30 32.87
CA TRP L 90 -10.61 31.20 31.46
C TRP L 90 -10.20 32.57 30.93
N THR L 91 -9.15 32.59 30.12
CA THR L 91 -8.64 33.82 29.55
C THR L 91 -7.98 33.49 28.22
N SER L 92 -7.55 34.53 27.52
CA SER L 92 -6.84 34.39 26.26
C SER L 92 -5.51 35.13 26.34
N LEU L 93 -4.75 35.09 25.24
CA LEU L 93 -3.55 35.89 25.13
C LEU L 93 -3.85 37.38 25.01
N ASP L 94 -5.11 37.74 24.75
CA ASP L 94 -5.55 39.13 24.73
C ASP L 94 -6.10 39.59 26.07
N GLY L 95 -6.10 38.73 27.08
CA GLY L 95 -6.67 39.09 28.37
C GLY L 95 -8.18 38.98 28.37
N GLY L 96 -8.75 39.18 29.56
CA GLY L 96 -10.19 39.15 29.72
C GLY L 96 -10.67 37.83 30.31
N THR L 97 -11.91 37.85 30.77
CA THR L 97 -12.56 36.68 31.36
C THR L 97 -13.57 36.13 30.36
N PHE L 98 -13.48 34.84 30.07
CA PHE L 98 -14.32 34.19 29.07
C PHE L 98 -15.32 33.27 29.76
N LYS L 99 -16.54 33.21 29.21
CA LYS L 99 -17.54 32.23 29.64
C LYS L 99 -17.32 30.97 28.81
N VAL L 100 -16.89 29.90 29.47
CA VAL L 100 -16.54 28.65 28.81
C VAL L 100 -17.34 27.51 29.45
N TYR L 101 -18.01 26.72 28.63
CA TYR L 101 -18.70 25.53 29.11
C TYR L 101 -17.66 24.49 29.51
N GLN L 102 -17.43 24.37 30.83
CA GLN L 102 -16.36 23.56 31.38
C GLN L 102 -16.89 22.33 32.12
N ILE L 103 -18.04 21.81 31.68
CA ILE L 103 -18.67 20.70 32.38
C ILE L 103 -18.00 19.37 32.04
N PHE L 104 -17.70 19.14 30.76
CA PHE L 104 -17.17 17.87 30.31
C PHE L 104 -15.68 17.89 30.03
N GLY L 105 -14.97 18.94 30.44
CA GLY L 105 -13.53 18.95 30.17
C GLY L 105 -12.84 20.13 30.81
N SER L 106 -11.53 20.18 30.59
CA SER L 106 -10.68 21.31 30.94
C SER L 106 -9.46 21.28 30.03
N HIS L 107 -8.63 22.32 30.15
CA HIS L 107 -7.39 22.50 29.40
C HIS L 107 -7.60 22.92 27.95
N CYS L 108 -8.42 22.19 27.20
CA CYS L 108 -8.62 22.50 25.80
C CYS L 108 -10.00 23.10 25.57
N THR L 109 -10.06 24.02 24.60
CA THR L 109 -11.29 24.71 24.23
C THR L 109 -11.47 24.69 22.72
N TYR L 110 -12.70 24.45 22.28
CA TYR L 110 -13.02 24.39 20.85
C TYR L 110 -14.38 25.04 20.61
N VAL L 111 -14.68 25.28 19.34
CA VAL L 111 -15.94 25.90 18.93
C VAL L 111 -16.51 25.16 17.73
N SER L 112 -17.83 25.24 17.59
CA SER L 112 -18.60 24.62 16.53
C SER L 112 -19.25 25.67 15.63
N LYS L 113 -19.93 25.18 14.59
CA LYS L 113 -20.71 26.08 13.73
C LYS L 113 -21.87 26.67 14.49
N PHE L 114 -22.46 25.88 15.39
CA PHE L 114 -23.60 26.29 16.20
C PHE L 114 -23.20 26.59 17.63
N SER L 115 -21.89 26.64 17.93
CA SER L 115 -21.44 26.94 19.28
C SER L 115 -21.80 28.35 19.68
N THR L 116 -22.41 28.49 20.86
CA THR L 116 -22.74 29.79 21.42
C THR L 116 -21.65 30.30 22.35
N VAL L 117 -20.91 29.41 23.00
CA VAL L 117 -19.79 29.76 23.85
C VAL L 117 -18.64 28.80 23.57
N PRO L 118 -17.41 29.20 23.91
CA PRO L 118 -16.30 28.25 23.84
C PRO L 118 -16.56 27.04 24.75
N VAL L 119 -16.27 25.86 24.23
CA VAL L 119 -16.57 24.60 24.90
C VAL L 119 -15.27 23.88 25.21
N SER L 120 -15.15 23.39 26.44
CA SER L 120 -13.99 22.60 26.86
C SER L 120 -14.19 21.14 26.49
N HIS L 121 -13.16 20.52 25.91
CA HIS L 121 -13.20 19.13 25.50
C HIS L 121 -12.55 18.23 26.53
N HIS L 122 -13.00 16.98 26.58
CA HIS L 122 -12.43 16.02 27.53
C HIS L 122 -11.07 15.50 27.10
N GLU L 123 -10.76 15.54 25.81
CA GLU L 123 -9.48 15.10 25.29
C GLU L 123 -8.91 16.18 24.39
N CYS L 124 -7.64 16.53 24.61
CA CYS L 124 -7.00 17.63 23.90
C CYS L 124 -6.14 17.15 22.73
N SER L 125 -6.02 15.84 22.51
CA SER L 125 -5.20 15.32 21.43
C SER L 125 -5.93 15.24 20.10
N PHE L 126 -7.20 15.66 20.04
CA PHE L 126 -7.94 15.63 18.80
C PHE L 126 -7.34 16.61 17.79
N LEU L 127 -7.43 16.24 16.51
CA LEU L 127 -6.85 17.03 15.42
C LEU L 127 -7.94 17.94 14.83
N LYS L 128 -7.87 19.22 15.16
CA LYS L 128 -8.75 20.23 14.60
C LYS L 128 -7.94 21.42 14.13
N PRO L 129 -8.45 22.17 13.15
CA PRO L 129 -7.76 23.39 12.73
C PRO L 129 -7.68 24.41 13.86
N CYS L 130 -6.76 25.36 13.72
CA CYS L 130 -6.54 26.40 14.70
C CYS L 130 -7.09 27.73 14.19
N LEU L 131 -7.47 28.59 15.14
CA LEU L 131 -7.94 29.94 14.85
C LEU L 131 -6.82 30.92 15.16
N CYS L 132 -6.23 31.49 14.11
CA CYS L 132 -5.15 32.46 14.28
C CYS L 132 -5.64 33.84 13.88
N VAL L 133 -5.03 34.87 14.48
CA VAL L 133 -5.45 36.25 14.24
C VAL L 133 -4.22 37.14 14.07
N SER L 134 -4.42 38.24 13.36
CA SER L 134 -3.40 39.28 13.22
C SER L 134 -4.09 40.62 13.09
N GLN L 135 -3.65 41.60 13.87
CA GLN L 135 -4.27 42.92 13.88
C GLN L 135 -3.82 43.74 12.67
N ARG L 136 -4.68 44.69 12.30
CA ARG L 136 -4.38 45.61 11.20
C ARG L 136 -4.12 47.01 11.74
#